data_7XMU
#
_entry.id   7XMU
#
_cell.length_a   1.00
_cell.length_b   1.00
_cell.length_c   1.00
_cell.angle_alpha   90.00
_cell.angle_beta   90.00
_cell.angle_gamma   90.00
#
_symmetry.space_group_name_H-M   'P 1'
#
loop_
_entity.id
_entity.type
_entity.pdbx_description
1 polymer 'Ribose-phosphate pyrophosphokinase'
2 non-polymer 5-O-phosphono-alpha-D-ribofuranose
3 non-polymer 'MAGNESIUM ION'
4 non-polymer 'PHOSPHATE ION'
5 non-polymer "ADENOSINE-5'-DIPHOSPHATE"
6 water water
#
_entity_poly.entity_id   1
_entity_poly.type   'polypeptide(L)'
_entity_poly.pdbx_seq_one_letter_code
;MPDMKLFAGNATPELAQRIANRLYTSLGDAAVGRFSDGEVSVQINENVRGGDIFIIQSTCAPTNDNLMELVVMVDALRRA
SAGRITAVIPYFGYARQDRRVRSARVPITAKVVADFLSSVGVDRVLTVDLHAEQIQGFFDVPVDNVFGSPILLEDMLQLN
LDNPIVVSPDIGGVVRARAIAKLLNDTDMAIIDKRRPRANVSQVMHIIGDVAGRDCVLVDDMIDTGGTLCKAAEALKERG
AKRVFAYATHPIFSGNAANNLRNSVIDEVVVCDTIPLSDEIKSLPNVRTLTLSGMLAEAIRRISNEESISAMFEHHHHHH
H
;
_entity_poly.pdbx_strand_id   A,D,B,E,F,C
#
loop_
_chem_comp.id
_chem_comp.type
_chem_comp.name
_chem_comp.formula
ADP non-polymer ADENOSINE-5'-DIPHOSPHATE 'C10 H15 N5 O10 P2'
HSX D-saccharide, alpha linking 5-O-phosphono-alpha-D-ribofuranose 'C5 H11 O8 P'
MG non-polymer 'MAGNESIUM ION' 'Mg 2'
PO4 non-polymer 'PHOSPHATE ION' 'O4 P -3'
#
# COMPACT_ATOMS: atom_id res chain seq x y z
N ASP A 3 17.04 10.31 23.26
CA ASP A 3 17.77 9.04 23.31
C ASP A 3 18.35 8.67 21.95
N MET A 4 19.56 9.15 21.68
CA MET A 4 20.27 8.81 20.45
C MET A 4 21.09 7.54 20.67
N LYS A 5 20.85 6.53 19.84
CA LYS A 5 21.59 5.28 19.89
C LYS A 5 22.22 5.02 18.53
N LEU A 6 23.49 4.66 18.53
CA LEU A 6 24.23 4.35 17.31
C LEU A 6 24.45 2.85 17.22
N PHE A 7 24.20 2.30 16.04
CA PHE A 7 24.48 0.89 15.77
C PHE A 7 25.31 0.80 14.50
N ALA A 8 26.15 -0.22 14.43
CA ALA A 8 27.04 -0.41 13.29
C ALA A 8 26.94 -1.84 12.78
N GLY A 9 27.12 -1.99 11.49
CA GLY A 9 27.27 -3.28 10.86
C GLY A 9 28.73 -3.67 10.76
N ASN A 10 28.99 -4.66 9.92
CA ASN A 10 30.36 -5.12 9.69
C ASN A 10 31.00 -4.48 8.48
N ALA A 11 30.32 -3.56 7.80
CA ALA A 11 30.87 -2.95 6.59
C ALA A 11 31.88 -1.86 6.92
N THR A 12 31.52 -0.92 7.78
CA THR A 12 32.38 0.22 8.14
C THR A 12 32.43 0.36 9.65
N PRO A 13 33.07 -0.56 10.36
CA PRO A 13 33.11 -0.46 11.82
C PRO A 13 34.02 0.64 12.34
N GLU A 14 35.16 0.89 11.69
CA GLU A 14 36.07 1.92 12.18
C GLU A 14 35.53 3.31 11.94
N LEU A 15 34.87 3.53 10.79
CA LEU A 15 34.22 4.82 10.56
C LEU A 15 33.12 5.06 11.59
N ALA A 16 32.36 4.01 11.90
CA ALA A 16 31.32 4.13 12.92
C ALA A 16 31.91 4.45 14.28
N GLN A 17 33.05 3.84 14.61
CA GLN A 17 33.70 4.15 15.88
C GLN A 17 34.19 5.58 15.92
N ARG A 18 34.74 6.09 14.81
CA ARG A 18 35.16 7.49 14.77
C ARG A 18 33.98 8.43 14.94
N ILE A 19 32.85 8.13 14.28
CA ILE A 19 31.67 8.96 14.42
C ILE A 19 31.17 8.94 15.86
N ALA A 20 31.16 7.75 16.48
CA ALA A 20 30.74 7.67 17.87
C ALA A 20 31.67 8.46 18.78
N ASN A 21 32.96 8.43 18.50
CA ASN A 21 33.90 9.22 19.29
C ASN A 21 33.60 10.71 19.16
N ARG A 22 33.29 11.18 17.96
CA ARG A 22 33.03 12.60 17.79
C ARG A 22 31.69 13.03 18.38
N LEU A 23 30.76 12.09 18.60
CA LEU A 23 29.52 12.40 19.28
C LEU A 23 29.61 12.17 20.78
N TYR A 24 30.77 11.76 21.27
CA TYR A 24 31.01 11.50 22.70
C TYR A 24 30.00 10.49 23.23
N THR A 25 29.70 9.47 22.44
CA THR A 25 28.90 8.35 22.90
C THR A 25 29.63 7.06 22.56
N SER A 26 28.97 5.92 22.73
CA SER A 26 29.52 4.64 22.35
C SER A 26 28.50 3.89 21.51
N LEU A 27 29.00 2.97 20.69
CA LEU A 27 28.14 2.21 19.81
C LEU A 27 27.22 1.30 20.61
N GLY A 28 25.98 1.17 20.15
CA GLY A 28 25.03 0.30 20.81
C GLY A 28 25.44 -1.16 20.70
N ASP A 29 24.96 -1.95 21.65
CA ASP A 29 25.38 -3.34 21.77
C ASP A 29 24.43 -4.22 20.97
N ALA A 30 24.94 -4.81 19.89
CA ALA A 30 24.15 -5.68 19.04
C ALA A 30 25.06 -6.74 18.44
N ALA A 31 24.63 -7.99 18.48
CA ALA A 31 25.39 -9.10 17.90
C ALA A 31 24.96 -9.25 16.45
N VAL A 32 25.88 -8.97 15.53
CA VAL A 32 25.61 -9.01 14.09
C VAL A 32 26.67 -9.88 13.45
N GLY A 33 26.29 -11.07 13.04
CA GLY A 33 27.23 -12.02 12.45
C GLY A 33 26.56 -12.91 11.46
N ARG A 34 27.05 -14.14 11.34
CA ARG A 34 26.56 -15.11 10.38
C ARG A 34 26.23 -16.40 11.08
N PHE A 35 25.24 -17.11 10.54
CA PHE A 35 24.99 -18.48 10.95
C PHE A 35 25.99 -19.40 10.25
N SER A 36 25.89 -20.70 10.54
CA SER A 36 26.85 -21.65 9.99
C SER A 36 26.80 -21.68 8.47
N ASP A 37 25.59 -21.63 7.90
CA ASP A 37 25.44 -21.72 6.44
C ASP A 37 25.60 -20.38 5.74
N GLY A 38 25.86 -19.30 6.47
CA GLY A 38 26.13 -18.01 5.87
C GLY A 38 25.00 -17.02 5.88
N GLU A 39 23.88 -17.35 6.52
CA GLU A 39 22.78 -16.40 6.63
C GLU A 39 23.06 -15.39 7.75
N VAL A 40 22.57 -14.17 7.55
CA VAL A 40 22.83 -13.09 8.48
C VAL A 40 22.10 -13.35 9.80
N SER A 41 22.81 -13.16 10.91
CA SER A 41 22.27 -13.31 12.24
C SER A 41 22.33 -11.97 12.96
N VAL A 42 21.23 -11.55 13.56
CA VAL A 42 21.14 -10.26 14.23
C VAL A 42 20.42 -10.43 15.56
N GLN A 43 20.96 -9.83 16.62
CA GLN A 43 20.24 -9.73 17.88
C GLN A 43 20.58 -8.40 18.53
N ILE A 44 19.56 -7.62 18.84
CA ILE A 44 19.75 -6.37 19.56
C ILE A 44 19.79 -6.67 21.05
N ASN A 45 20.87 -6.28 21.70
CA ASN A 45 21.12 -6.66 23.09
C ASN A 45 20.89 -5.52 24.07
N GLU A 46 19.99 -4.60 23.74
CA GLU A 46 19.64 -3.53 24.67
C GLU A 46 18.27 -2.98 24.31
N ASN A 47 17.66 -2.31 25.28
CA ASN A 47 16.35 -1.72 25.09
C ASN A 47 16.41 -0.54 24.14
N VAL A 48 15.54 -0.54 23.13
CA VAL A 48 15.52 0.53 22.13
C VAL A 48 14.11 1.10 22.00
N ARG A 49 13.23 0.75 22.92
CA ARG A 49 11.84 1.16 22.83
C ARG A 49 11.72 2.68 22.84
N GLY A 50 11.13 3.23 21.79
CA GLY A 50 10.92 4.66 21.68
C GLY A 50 12.16 5.47 21.37
N GLY A 51 13.28 4.82 21.09
CA GLY A 51 14.53 5.53 20.88
C GLY A 51 14.67 6.11 19.50
N ASP A 52 15.73 6.89 19.33
CA ASP A 52 16.06 7.56 18.07
C ASP A 52 17.32 6.91 17.54
N ILE A 53 17.17 5.95 16.63
CA ILE A 53 18.21 5.01 16.26
C ILE A 53 18.88 5.44 14.97
N PHE A 54 20.21 5.39 14.96
CA PHE A 54 21.00 5.60 13.75
C PHE A 54 21.80 4.34 13.47
N ILE A 55 21.71 3.84 12.24
CA ILE A 55 22.47 2.69 11.79
C ILE A 55 23.49 3.16 10.78
N ILE A 56 24.77 2.91 11.04
CA ILE A 56 25.85 3.32 10.17
C ILE A 56 26.35 2.08 9.43
N GLN A 57 26.13 2.04 8.13
CA GLN A 57 26.66 0.95 7.33
C GLN A 57 26.63 1.28 5.84
N SER A 58 27.78 1.17 5.18
CA SER A 58 27.85 1.29 3.73
C SER A 58 27.47 -0.03 3.08
N THR A 59 26.83 0.06 1.93
CA THR A 59 26.51 -1.13 1.14
C THR A 59 27.59 -1.36 0.08
N CYS A 60 28.82 -1.51 0.58
CA CYS A 60 29.99 -1.75 -0.24
C CYS A 60 30.32 -3.23 -0.27
N ALA A 61 31.33 -3.59 -1.04
CA ALA A 61 31.65 -5.00 -1.28
C ALA A 61 32.09 -5.69 0.00
N PRO A 62 31.59 -6.90 0.31
CA PRO A 62 30.56 -7.66 -0.42
C PRO A 62 29.18 -7.02 -0.32
N THR A 63 28.66 -6.56 -1.46
CA THR A 63 27.52 -5.66 -1.45
C THR A 63 26.28 -6.32 -0.88
N ASN A 64 25.98 -7.55 -1.33
CA ASN A 64 24.71 -8.16 -1.00
C ASN A 64 24.64 -8.55 0.48
N ASP A 65 25.76 -9.03 1.03
CA ASP A 65 25.80 -9.32 2.46
C ASP A 65 25.59 -8.07 3.29
N ASN A 66 26.24 -6.97 2.92
CA ASN A 66 26.10 -5.73 3.67
C ASN A 66 24.67 -5.19 3.59
N LEU A 67 24.06 -5.25 2.40
CA LEU A 67 22.69 -4.80 2.24
C LEU A 67 21.73 -5.64 3.06
N MET A 68 21.90 -6.97 3.03
CA MET A 68 21.04 -7.84 3.82
C MET A 68 21.22 -7.58 5.31
N GLU A 69 22.46 -7.33 5.73
CA GLU A 69 22.73 -6.98 7.11
C GLU A 69 21.95 -5.74 7.52
N LEU A 70 21.97 -4.71 6.68
CA LEU A 70 21.28 -3.47 7.00
C LEU A 70 19.77 -3.68 7.10
N VAL A 71 19.17 -4.35 6.11
CA VAL A 71 17.72 -4.49 6.13
C VAL A 71 17.28 -5.39 7.29
N VAL A 72 18.06 -6.41 7.61
CA VAL A 72 17.71 -7.29 8.72
C VAL A 72 17.83 -6.56 10.05
N MET A 73 18.85 -5.70 10.20
CA MET A 73 18.92 -4.86 11.38
C MET A 73 17.69 -3.96 11.51
N VAL A 74 17.28 -3.34 10.40
CA VAL A 74 16.13 -2.45 10.46
C VAL A 74 14.88 -3.21 10.87
N ASP A 75 14.68 -4.40 10.32
CA ASP A 75 13.51 -5.19 10.71
C ASP A 75 13.55 -5.56 12.18
N ALA A 76 14.72 -5.97 12.67
CA ALA A 76 14.83 -6.32 14.08
C ALA A 76 14.54 -5.14 14.99
N LEU A 77 15.05 -3.96 14.63
CA LEU A 77 14.80 -2.77 15.44
C LEU A 77 13.34 -2.34 15.37
N ARG A 78 12.71 -2.46 14.21
CA ARG A 78 11.32 -2.05 14.07
C ARG A 78 10.39 -2.96 14.87
N ARG A 79 10.65 -4.27 14.87
CA ARG A 79 9.83 -5.15 15.69
C ARG A 79 10.10 -5.00 17.17
N ALA A 80 11.23 -4.43 17.56
CA ALA A 80 11.53 -4.15 18.96
C ALA A 80 11.02 -2.78 19.40
N SER A 81 10.13 -2.17 18.63
CA SER A 81 9.42 -0.94 19.00
C SER A 81 10.36 0.27 19.08
N ALA A 82 11.29 0.36 18.15
CA ALA A 82 12.11 1.57 18.06
C ALA A 82 11.25 2.75 17.61
N GLY A 83 11.66 3.95 17.97
CA GLY A 83 10.90 5.13 17.64
C GLY A 83 11.09 5.60 16.22
N ARG A 84 12.31 5.98 15.88
CA ARG A 84 12.67 6.48 14.57
C ARG A 84 13.97 5.85 14.15
N ILE A 85 14.06 5.37 12.91
CA ILE A 85 15.24 4.69 12.42
C ILE A 85 15.80 5.48 11.24
N THR A 86 17.03 5.95 11.38
CA THR A 86 17.76 6.63 10.32
C THR A 86 18.87 5.73 9.82
N ALA A 87 18.89 5.47 8.53
CA ALA A 87 19.96 4.68 7.91
C ALA A 87 21.03 5.64 7.40
N VAL A 88 22.21 5.58 8.02
CA VAL A 88 23.35 6.36 7.55
C VAL A 88 24.16 5.44 6.63
N ILE A 89 24.11 5.71 5.34
CA ILE A 89 24.74 4.86 4.34
C ILE A 89 25.79 5.68 3.62
N PRO A 90 27.02 5.77 4.14
CA PRO A 90 28.00 6.68 3.53
C PRO A 90 28.26 6.40 2.05
N TYR A 91 28.31 5.14 1.65
CA TYR A 91 28.37 4.77 0.26
C TYR A 91 27.15 3.93 -0.07
N PHE A 92 26.37 4.37 -1.05
CA PHE A 92 25.13 3.72 -1.44
C PHE A 92 25.42 2.83 -2.64
N GLY A 93 25.42 1.53 -2.42
CA GLY A 93 25.65 0.59 -3.50
C GLY A 93 24.45 0.48 -4.43
N TYR A 94 24.71 -0.03 -5.63
CA TYR A 94 23.75 -0.20 -6.71
C TYR A 94 23.23 1.13 -7.25
N ALA A 95 23.88 2.24 -6.94
CA ALA A 95 23.40 3.54 -7.40
C ALA A 95 23.69 3.78 -8.88
N ARG A 96 24.56 3.00 -9.49
CA ARG A 96 24.86 3.17 -10.91
C ARG A 96 23.82 2.52 -11.82
N GLN A 97 22.95 1.66 -11.28
CA GLN A 97 21.87 1.06 -12.04
C GLN A 97 20.60 1.85 -11.75
N ASP A 98 20.45 2.97 -12.44
CA ASP A 98 19.44 3.97 -12.10
C ASP A 98 18.45 4.25 -13.23
N ARG A 99 18.53 3.52 -14.35
CA ARG A 99 17.59 3.71 -15.45
C ARG A 99 17.74 2.54 -16.42
N ARG A 100 16.87 2.52 -17.42
CA ARG A 100 16.94 1.55 -18.51
C ARG A 100 17.23 2.31 -19.80
N VAL A 101 18.47 2.25 -20.27
CA VAL A 101 18.84 2.97 -21.49
C VAL A 101 18.28 2.22 -22.70
N ARG A 102 17.54 2.94 -23.54
CA ARG A 102 16.95 2.39 -24.77
C ARG A 102 16.01 1.24 -24.47
N SER A 103 15.36 1.28 -23.30
CA SER A 103 14.43 0.24 -22.87
C SER A 103 15.07 -1.13 -22.88
N ALA A 104 16.35 -1.18 -22.51
CA ALA A 104 17.02 -2.46 -22.34
C ALA A 104 16.37 -3.24 -21.21
N ARG A 105 16.26 -4.55 -21.37
CA ARG A 105 15.60 -5.40 -20.39
C ARG A 105 16.52 -5.62 -19.20
N VAL A 106 16.73 -4.55 -18.46
CA VAL A 106 17.60 -4.52 -17.30
C VAL A 106 16.76 -4.03 -16.13
N PRO A 107 17.18 -4.30 -14.90
CA PRO A 107 16.49 -3.74 -13.74
C PRO A 107 16.93 -2.32 -13.45
N ILE A 108 16.13 -1.65 -12.62
CA ILE A 108 16.59 -0.42 -11.98
C ILE A 108 16.85 -0.78 -10.53
N THR A 109 18.07 -1.22 -10.23
CA THR A 109 18.32 -1.86 -8.95
C THR A 109 18.38 -0.87 -7.81
N ALA A 110 18.73 0.40 -8.09
CA ALA A 110 18.69 1.42 -7.06
C ALA A 110 17.27 1.61 -6.54
N LYS A 111 16.29 1.57 -7.44
CA LYS A 111 14.90 1.64 -7.02
C LYS A 111 14.49 0.41 -6.22
N VAL A 112 15.01 -0.77 -6.58
CA VAL A 112 14.73 -1.99 -5.83
C VAL A 112 15.24 -1.85 -4.40
N VAL A 113 16.47 -1.35 -4.25
CA VAL A 113 17.06 -1.18 -2.92
C VAL A 113 16.29 -0.14 -2.12
N ALA A 114 15.90 0.96 -2.75
CA ALA A 114 15.10 1.97 -2.06
C ALA A 114 13.78 1.39 -1.60
N ASP A 115 13.14 0.56 -2.42
CA ASP A 115 11.90 -0.09 -2.03
C ASP A 115 12.10 -1.04 -0.86
N PHE A 116 13.20 -1.80 -0.86
CA PHE A 116 13.49 -2.68 0.26
C PHE A 116 13.65 -1.90 1.56
N LEU A 117 14.42 -0.81 1.50
CA LEU A 117 14.64 0.02 2.69
C LEU A 117 13.34 0.64 3.18
N SER A 118 12.49 1.08 2.26
CA SER A 118 11.20 1.63 2.67
C SER A 118 10.29 0.56 3.24
N SER A 119 10.40 -0.67 2.73
CA SER A 119 9.53 -1.75 3.18
C SER A 119 9.88 -2.21 4.59
N VAL A 120 11.17 -2.26 4.93
CA VAL A 120 11.52 -2.71 6.27
C VAL A 120 11.23 -1.65 7.33
N GLY A 121 11.11 -0.38 6.95
CA GLY A 121 10.68 0.64 7.89
C GLY A 121 11.67 1.74 8.20
N VAL A 122 12.56 2.05 7.25
CA VAL A 122 13.48 3.16 7.43
C VAL A 122 12.71 4.47 7.38
N ASP A 123 13.08 5.42 8.24
CA ASP A 123 12.41 6.70 8.32
C ASP A 123 13.19 7.85 7.71
N ARG A 124 14.49 7.69 7.48
CA ARG A 124 15.33 8.73 6.91
C ARG A 124 16.61 8.09 6.41
N VAL A 125 17.17 8.64 5.35
CA VAL A 125 18.43 8.17 4.77
C VAL A 125 19.39 9.35 4.68
N LEU A 126 20.64 9.09 5.06
CA LEU A 126 21.71 10.08 4.96
C LEU A 126 22.87 9.45 4.20
N THR A 127 23.23 10.02 3.05
CA THR A 127 24.26 9.47 2.19
C THR A 127 25.29 10.55 1.86
N VAL A 128 26.36 10.13 1.19
CA VAL A 128 27.43 11.01 0.75
C VAL A 128 27.62 10.83 -0.75
N ASP A 129 27.41 11.90 -1.51
CA ASP A 129 27.72 11.96 -2.93
C ASP A 129 27.08 10.79 -3.70
N LEU A 130 25.75 10.81 -3.73
CA LEU A 130 25.01 9.86 -4.54
C LEU A 130 25.43 9.97 -6.00
N HIS A 131 25.52 8.82 -6.67
CA HIS A 131 25.95 8.81 -8.06
C HIS A 131 24.99 9.62 -8.93
N ALA A 132 23.69 9.45 -8.72
CA ALA A 132 22.67 10.28 -9.33
C ALA A 132 21.86 10.93 -8.23
N GLU A 133 21.73 12.26 -8.28
CA GLU A 133 20.97 12.96 -7.26
C GLU A 133 19.49 12.64 -7.29
N GLN A 134 18.98 12.18 -8.44
CA GLN A 134 17.57 11.84 -8.56
C GLN A 134 17.18 10.62 -7.74
N ILE A 135 18.15 9.89 -7.20
CA ILE A 135 17.82 8.77 -6.31
C ILE A 135 17.12 9.28 -5.05
N GLN A 136 17.26 10.57 -4.73
CA GLN A 136 16.45 11.16 -3.66
C GLN A 136 14.96 10.94 -3.91
N GLY A 137 14.54 10.95 -5.17
CA GLY A 137 13.15 10.72 -5.51
C GLY A 137 12.74 9.26 -5.55
N PHE A 138 13.69 8.33 -5.43
CA PHE A 138 13.32 6.92 -5.35
C PHE A 138 12.71 6.56 -4.01
N PHE A 139 12.81 7.43 -3.01
CA PHE A 139 12.27 7.22 -1.67
C PHE A 139 11.05 8.08 -1.45
N ASP A 140 10.23 7.68 -0.48
CA ASP A 140 9.21 8.56 0.07
C ASP A 140 9.70 9.35 1.28
N VAL A 141 10.73 8.86 1.96
CA VAL A 141 11.23 9.46 3.20
C VAL A 141 12.25 10.54 2.85
N PRO A 142 12.55 11.46 3.75
CA PRO A 142 13.63 12.43 3.50
C PRO A 142 14.96 11.74 3.26
N VAL A 143 15.68 12.21 2.24
CA VAL A 143 17.01 11.72 1.91
C VAL A 143 17.94 12.93 1.84
N ASP A 144 18.98 12.93 2.66
CA ASP A 144 19.94 14.03 2.70
C ASP A 144 21.22 13.58 2.01
N ASN A 145 21.50 14.18 0.86
CA ASN A 145 22.68 13.86 0.07
C ASN A 145 23.73 14.90 0.36
N VAL A 146 24.72 14.53 1.17
CA VAL A 146 25.76 15.45 1.63
C VAL A 146 26.96 15.34 0.72
N PHE A 147 27.48 16.48 0.27
CA PHE A 147 28.65 16.50 -0.60
C PHE A 147 29.92 16.36 0.20
N GLY A 148 30.87 15.61 -0.34
CA GLY A 148 32.18 15.49 0.25
C GLY A 148 33.18 16.53 -0.21
N SER A 149 32.74 17.47 -1.04
CA SER A 149 33.60 18.48 -1.65
C SER A 149 34.24 19.46 -0.67
N PRO A 150 33.66 19.77 0.49
CA PRO A 150 34.39 20.62 1.44
C PRO A 150 35.73 20.04 1.87
N ILE A 151 35.76 18.77 2.25
CA ILE A 151 36.99 18.14 2.71
C ILE A 151 38.02 18.09 1.57
N LEU A 152 37.57 17.66 0.39
CA LEU A 152 38.49 17.53 -0.74
C LEU A 152 39.02 18.89 -1.17
N LEU A 153 38.18 19.92 -1.13
CA LEU A 153 38.62 21.26 -1.49
C LEU A 153 39.61 21.81 -0.46
N GLU A 154 39.36 21.54 0.82
CA GLU A 154 40.33 21.92 1.84
C GLU A 154 41.68 21.27 1.59
N ASP A 155 41.67 20.00 1.19
CA ASP A 155 42.94 19.34 0.87
C ASP A 155 43.57 19.92 -0.40
N MET A 156 42.76 20.26 -1.40
CA MET A 156 43.28 20.83 -2.64
C MET A 156 43.99 22.15 -2.37
N LEU A 157 43.41 22.99 -1.52
CA LEU A 157 43.97 24.32 -1.31
C LEU A 157 45.29 24.30 -0.53
N GLN A 158 45.69 23.16 0.02
CA GLN A 158 46.98 23.03 0.69
C GLN A 158 48.02 22.39 -0.20
N LEU A 159 47.81 22.37 -1.51
CA LEU A 159 48.77 21.81 -2.45
C LEU A 159 49.61 22.86 -3.15
N ASN A 160 49.18 24.12 -3.16
CA ASN A 160 49.86 25.20 -3.87
C ASN A 160 50.06 24.85 -5.34
N LEU A 161 48.94 24.66 -6.02
CA LEU A 161 48.95 24.31 -7.42
C LEU A 161 49.26 25.53 -8.28
N ASP A 162 49.90 25.29 -9.42
CA ASP A 162 50.34 26.35 -10.33
C ASP A 162 49.28 26.49 -11.42
N ASN A 163 48.40 27.48 -11.25
CA ASN A 163 47.31 27.75 -12.17
C ASN A 163 46.54 26.46 -12.50
N PRO A 164 45.94 25.81 -11.51
CA PRO A 164 45.36 24.49 -11.74
C PRO A 164 44.14 24.54 -12.65
N ILE A 165 43.90 23.42 -13.31
CA ILE A 165 42.72 23.23 -14.14
C ILE A 165 42.03 21.96 -13.69
N VAL A 166 40.70 22.00 -13.60
CA VAL A 166 39.90 20.90 -13.08
C VAL A 166 39.39 20.09 -14.26
N VAL A 167 39.66 18.78 -14.25
CA VAL A 167 39.35 17.90 -15.36
C VAL A 167 38.43 16.80 -14.88
N SER A 168 37.38 16.52 -15.64
CA SER A 168 36.51 15.38 -15.40
C SER A 168 36.93 14.21 -16.26
N PRO A 169 37.20 13.03 -15.69
CA PRO A 169 37.67 11.91 -16.51
C PRO A 169 36.65 11.39 -17.51
N ASP A 170 35.37 11.74 -17.37
CA ASP A 170 34.38 11.32 -18.36
C ASP A 170 33.30 12.40 -18.45
N ILE A 171 32.31 12.13 -19.30
CA ILE A 171 31.26 13.11 -19.55
C ILE A 171 30.24 13.15 -18.43
N GLY A 172 30.09 12.04 -17.68
CA GLY A 172 29.14 12.02 -16.60
C GLY A 172 29.53 12.85 -15.40
N GLY A 173 30.80 13.22 -15.29
CA GLY A 173 31.29 14.00 -14.17
C GLY A 173 31.48 15.47 -14.43
N VAL A 174 30.95 16.00 -15.53
CA VAL A 174 31.21 17.38 -15.90
C VAL A 174 30.57 18.34 -14.91
N VAL A 175 29.37 18.04 -14.44
CA VAL A 175 28.67 18.93 -13.50
C VAL A 175 29.45 19.04 -12.20
N ARG A 176 29.89 17.90 -11.66
CA ARG A 176 30.65 17.90 -10.43
C ARG A 176 31.99 18.59 -10.61
N ALA A 177 32.65 18.37 -11.75
CA ALA A 177 33.93 19.02 -12.01
C ALA A 177 33.75 20.53 -12.08
N ARG A 178 32.67 20.99 -12.71
CA ARG A 178 32.41 22.43 -12.78
C ARG A 178 32.15 23.01 -11.40
N ALA A 179 31.40 22.30 -10.56
CA ALA A 179 31.18 22.80 -9.20
C ALA A 179 32.51 22.92 -8.45
N ILE A 180 33.36 21.91 -8.55
CA ILE A 180 34.67 21.96 -7.89
C ILE A 180 35.50 23.12 -8.44
N ALA A 181 35.47 23.32 -9.76
CA ALA A 181 36.25 24.39 -10.37
C ALA A 181 35.78 25.75 -9.89
N LYS A 182 34.47 25.94 -9.78
CA LYS A 182 33.95 27.21 -9.27
C LYS A 182 34.35 27.41 -7.81
N LEU A 183 34.43 26.33 -7.05
CA LEU A 183 34.88 26.46 -5.67
C LEU A 183 36.38 26.69 -5.54
N LEU A 184 37.17 26.28 -6.55
CA LEU A 184 38.63 26.33 -6.45
C LEU A 184 39.17 27.60 -7.10
N ASN A 185 38.88 28.73 -6.44
CA ASN A 185 39.27 30.06 -6.91
C ASN A 185 38.75 30.38 -8.31
N ASP A 186 37.68 29.71 -8.73
CA ASP A 186 37.04 29.98 -10.02
C ASP A 186 38.01 29.75 -11.18
N THR A 187 38.64 28.58 -11.19
CA THR A 187 39.61 28.25 -12.23
C THR A 187 38.88 27.77 -13.48
N ASP A 188 39.63 27.25 -14.44
CA ASP A 188 39.09 26.72 -15.68
C ASP A 188 38.79 25.23 -15.53
N MET A 189 38.06 24.70 -16.49
CA MET A 189 37.75 23.27 -16.50
C MET A 189 37.96 22.71 -17.89
N ALA A 190 38.41 21.45 -17.95
CA ALA A 190 38.60 20.72 -19.20
C ALA A 190 37.84 19.41 -19.11
N ILE A 191 37.51 18.86 -20.28
CA ILE A 191 36.64 17.68 -20.37
C ILE A 191 37.32 16.63 -21.22
N ILE A 192 37.37 15.40 -20.71
CA ILE A 192 37.91 14.26 -21.45
C ILE A 192 36.78 13.63 -22.25
N ASP A 193 36.94 13.57 -23.56
CA ASP A 193 35.95 13.00 -24.46
C ASP A 193 36.54 11.74 -25.10
N LYS A 194 35.84 10.62 -24.94
CA LYS A 194 36.31 9.33 -25.41
C LYS A 194 35.45 8.86 -26.57
N ARG A 195 36.09 8.47 -27.67
CA ARG A 195 35.40 8.06 -28.88
C ARG A 195 35.90 6.69 -29.32
N ARG A 196 35.06 6.01 -30.08
CA ARG A 196 35.37 4.70 -30.65
C ARG A 196 35.73 3.67 -29.58
N GLN A 203 39.09 4.40 -29.49
CA GLN A 203 39.81 4.10 -28.26
C GLN A 203 40.69 5.26 -27.85
N VAL A 204 40.57 6.36 -28.57
CA VAL A 204 41.37 7.55 -28.32
C VAL A 204 40.62 8.47 -27.37
N MET A 205 41.38 9.28 -26.63
CA MET A 205 40.82 10.23 -25.68
C MET A 205 41.03 11.64 -26.21
N HIS A 206 39.94 12.36 -26.42
CA HIS A 206 39.98 13.74 -26.88
C HIS A 206 39.81 14.66 -25.69
N ILE A 207 40.65 15.68 -25.60
CA ILE A 207 40.61 16.65 -24.52
C ILE A 207 40.05 17.95 -25.08
N ILE A 208 38.98 18.45 -24.48
CA ILE A 208 38.41 19.74 -24.83
C ILE A 208 38.85 20.74 -23.77
N GLY A 209 39.64 21.72 -24.19
CA GLY A 209 40.24 22.65 -23.26
C GLY A 209 41.75 22.59 -23.31
N ASP A 210 42.41 23.62 -22.79
CA ASP A 210 43.86 23.73 -22.85
C ASP A 210 44.48 23.31 -21.53
N VAL A 211 45.40 22.36 -21.58
CA VAL A 211 46.07 21.84 -20.40
C VAL A 211 47.59 21.97 -20.49
N ALA A 212 48.08 22.67 -21.52
CA ALA A 212 49.52 22.78 -21.74
C ALA A 212 50.18 23.56 -20.62
N GLY A 213 51.11 22.92 -19.91
CA GLY A 213 51.84 23.59 -18.85
C GLY A 213 51.01 24.04 -17.68
N ARG A 214 50.08 23.19 -17.23
CA ARG A 214 49.26 23.49 -16.07
C ARG A 214 49.13 22.25 -15.20
N ASP A 215 48.86 22.46 -13.92
CA ASP A 215 48.56 21.36 -13.02
C ASP A 215 47.12 20.92 -13.22
N CYS A 216 46.91 19.62 -13.30
CA CYS A 216 45.59 19.06 -13.57
C CYS A 216 45.08 18.32 -12.34
N VAL A 217 43.84 18.60 -11.96
CA VAL A 217 43.19 17.92 -10.86
C VAL A 217 42.01 17.15 -11.44
N LEU A 218 42.14 15.83 -11.49
CA LEU A 218 41.03 14.98 -11.90
C LEU A 218 40.10 14.77 -10.71
N VAL A 219 38.81 15.06 -10.91
CA VAL A 219 37.81 14.93 -9.85
C VAL A 219 36.74 13.96 -10.31
N ASP A 220 36.38 13.03 -9.44
CA ASP A 220 35.35 12.05 -9.73
C ASP A 220 34.61 11.73 -8.45
N ASP A 221 33.43 11.13 -8.60
CA ASP A 221 32.70 10.67 -7.43
C ASP A 221 33.27 9.38 -6.86
N MET A 222 33.85 8.54 -7.71
CA MET A 222 34.36 7.25 -7.27
C MET A 222 35.51 6.82 -8.16
N ILE A 223 36.27 5.84 -7.69
CA ILE A 223 37.30 5.17 -8.48
C ILE A 223 37.02 3.68 -8.36
N ASP A 224 36.44 3.09 -9.40
CA ASP A 224 36.09 1.67 -9.35
C ASP A 224 37.28 0.79 -9.72
N THR A 225 37.75 0.88 -10.97
CA THR A 225 38.89 0.09 -11.42
C THR A 225 40.12 0.93 -11.72
N GLY A 226 39.95 2.22 -11.96
CA GLY A 226 41.07 3.09 -12.26
C GLY A 226 41.54 3.05 -13.70
N GLY A 227 40.92 2.24 -14.56
CA GLY A 227 41.36 2.17 -15.94
C GLY A 227 41.17 3.49 -16.67
N THR A 228 39.96 4.04 -16.60
CA THR A 228 39.70 5.30 -17.28
C THR A 228 40.44 6.46 -16.61
N LEU A 229 40.64 6.40 -15.30
CA LEU A 229 41.40 7.44 -14.61
C LEU A 229 42.85 7.44 -15.06
N CYS A 230 43.46 6.26 -15.14
CA CYS A 230 44.85 6.17 -15.59
C CYS A 230 44.98 6.58 -17.04
N LYS A 231 44.02 6.19 -17.88
CA LYS A 231 44.06 6.61 -19.28
C LYS A 231 43.93 8.13 -19.41
N ALA A 232 43.05 8.74 -18.62
CA ALA A 232 42.90 10.19 -18.67
C ALA A 232 44.17 10.89 -18.20
N ALA A 233 44.80 10.37 -17.15
CA ALA A 233 46.05 10.96 -16.70
C ALA A 233 47.13 10.84 -17.76
N GLU A 234 47.20 9.69 -18.43
CA GLU A 234 48.17 9.49 -19.50
C GLU A 234 47.95 10.49 -20.63
N ALA A 235 46.70 10.68 -21.05
CA ALA A 235 46.42 11.64 -22.11
C ALA A 235 46.76 13.06 -21.67
N LEU A 236 46.42 13.42 -20.44
CA LEU A 236 46.71 14.76 -19.95
C LEU A 236 48.22 15.03 -19.93
N LYS A 237 49.00 14.05 -19.48
CA LYS A 237 50.45 14.24 -19.48
C LYS A 237 51.01 14.22 -20.90
N GLU A 238 50.36 13.52 -21.83
CA GLU A 238 50.86 13.53 -23.19
C GLU A 238 50.61 14.88 -23.86
N ARG A 239 49.53 15.56 -23.49
CA ARG A 239 49.28 16.91 -23.99
C ARG A 239 49.99 17.97 -23.16
N GLY A 240 51.02 17.58 -22.43
CA GLY A 240 51.84 18.54 -21.71
C GLY A 240 51.23 19.14 -20.46
N ALA A 241 51.00 18.32 -19.45
CA ALA A 241 50.56 18.77 -18.15
C ALA A 241 51.65 18.48 -17.13
N LYS A 242 51.86 19.42 -16.20
CA LYS A 242 52.97 19.28 -15.26
C LYS A 242 52.73 18.14 -14.28
N ARG A 243 51.68 18.25 -13.47
CA ARG A 243 51.36 17.25 -12.47
C ARG A 243 49.88 16.91 -12.54
N VAL A 244 49.56 15.66 -12.22
CA VAL A 244 48.19 15.17 -12.24
C VAL A 244 47.83 14.66 -10.86
N PHE A 245 46.73 15.15 -10.30
CA PHE A 245 46.20 14.70 -9.03
C PHE A 245 44.80 14.15 -9.24
N ALA A 246 44.48 13.08 -8.54
CA ALA A 246 43.16 12.45 -8.63
C ALA A 246 42.47 12.58 -7.28
N TYR A 247 41.27 13.15 -7.28
CA TYR A 247 40.46 13.32 -6.10
C TYR A 247 39.12 12.62 -6.30
N ALA A 248 38.75 11.78 -5.35
CA ALA A 248 37.47 11.08 -5.42
C ALA A 248 36.92 10.94 -4.02
N THR A 249 35.62 10.64 -3.95
CA THR A 249 34.98 10.43 -2.66
C THR A 249 34.92 8.96 -2.27
N HIS A 250 34.53 8.09 -3.20
CA HIS A 250 34.32 6.69 -2.87
C HIS A 250 35.46 5.83 -3.41
N PRO A 251 36.29 5.24 -2.56
CA PRO A 251 37.39 4.36 -3.00
C PRO A 251 36.97 2.89 -3.17
N ILE A 252 36.28 2.60 -4.27
CA ILE A 252 35.82 1.24 -4.49
C ILE A 252 36.99 0.31 -4.77
N PHE A 253 37.88 0.70 -5.70
CA PHE A 253 39.13 0.01 -5.98
C PHE A 253 38.93 -1.49 -6.19
N SER A 254 38.15 -1.82 -7.22
CA SER A 254 37.84 -3.20 -7.54
C SER A 254 38.67 -3.68 -8.72
N GLY A 255 38.73 -5.01 -8.85
CA GLY A 255 39.46 -5.63 -9.93
C GLY A 255 40.96 -5.42 -9.85
N ASN A 256 41.54 -4.85 -10.91
CA ASN A 256 42.97 -4.62 -11.02
C ASN A 256 43.35 -3.20 -10.64
N ALA A 257 42.65 -2.59 -9.68
CA ALA A 257 42.86 -1.18 -9.37
C ALA A 257 44.26 -0.91 -8.83
N ALA A 258 44.77 -1.81 -7.98
CA ALA A 258 46.07 -1.56 -7.36
C ALA A 258 47.19 -1.55 -8.40
N ASN A 259 47.16 -2.50 -9.33
CA ASN A 259 48.18 -2.52 -10.38
C ASN A 259 48.03 -1.35 -11.33
N ASN A 260 46.79 -0.95 -11.62
CA ASN A 260 46.56 0.21 -12.47
C ASN A 260 47.12 1.48 -11.83
N LEU A 261 46.91 1.64 -10.53
CA LEU A 261 47.38 2.83 -9.84
C LEU A 261 48.89 2.79 -9.62
N ARG A 262 49.46 1.60 -9.48
CA ARG A 262 50.90 1.49 -9.28
C ARG A 262 51.67 1.89 -10.54
N ASN A 263 51.26 1.38 -11.69
CA ASN A 263 51.90 1.70 -12.96
C ASN A 263 51.20 2.86 -13.66
N SER A 264 51.06 3.98 -12.97
CA SER A 264 50.35 5.13 -13.52
C SER A 264 51.19 6.38 -13.33
N VAL A 265 50.80 7.45 -14.02
CA VAL A 265 51.52 8.70 -14.00
C VAL A 265 50.88 9.70 -13.04
N ILE A 266 49.98 9.24 -12.17
CA ILE A 266 49.30 10.12 -11.23
C ILE A 266 50.20 10.35 -10.03
N ASP A 267 50.38 11.62 -9.65
CA ASP A 267 51.27 11.96 -8.55
C ASP A 267 50.66 11.67 -7.20
N GLU A 268 49.34 11.84 -7.05
CA GLU A 268 48.69 11.66 -5.77
C GLU A 268 47.23 11.27 -6.00
N VAL A 269 46.76 10.29 -5.24
CA VAL A 269 45.36 9.89 -5.24
C VAL A 269 44.82 10.14 -3.84
N VAL A 270 43.81 10.99 -3.74
CA VAL A 270 43.21 11.36 -2.46
C VAL A 270 41.75 10.94 -2.47
N VAL A 271 41.35 10.15 -1.47
CA VAL A 271 39.99 9.63 -1.37
C VAL A 271 39.49 9.84 0.04
N CYS A 272 38.18 9.71 0.21
CA CYS A 272 37.56 9.78 1.52
C CYS A 272 37.50 8.37 2.11
N ASP A 273 36.83 8.21 3.24
CA ASP A 273 36.84 6.94 3.96
C ASP A 273 35.45 6.30 4.04
N THR A 274 34.62 6.49 3.01
CA THR A 274 33.31 5.86 2.99
C THR A 274 33.41 4.35 2.81
N ILE A 275 34.52 3.85 2.29
CA ILE A 275 34.75 2.42 2.11
C ILE A 275 36.13 2.11 2.69
N PRO A 276 36.27 1.09 3.53
CA PRO A 276 37.60 0.74 4.03
C PRO A 276 38.53 0.29 2.92
N LEU A 277 39.79 0.69 3.04
CA LEU A 277 40.80 0.30 2.06
C LEU A 277 41.36 -1.08 2.36
N SER A 278 41.78 -1.77 1.32
CA SER A 278 42.44 -3.05 1.49
C SER A 278 43.92 -2.86 1.81
N ASP A 279 44.57 -3.95 2.24
CA ASP A 279 46.01 -3.90 2.46
C ASP A 279 46.74 -3.67 1.15
N GLU A 280 46.24 -4.26 0.06
CA GLU A 280 46.80 -4.04 -1.26
C GLU A 280 46.89 -2.55 -1.59
N ILE A 281 45.80 -1.81 -1.39
CA ILE A 281 45.79 -0.39 -1.70
C ILE A 281 46.59 0.40 -0.67
N LYS A 282 46.45 0.04 0.61
CA LYS A 282 47.17 0.78 1.65
C LYS A 282 48.68 0.65 1.52
N SER A 283 49.19 -0.41 0.88
CA SER A 283 50.62 -0.52 0.66
C SER A 283 51.13 0.51 -0.36
N LEU A 284 50.24 1.04 -1.20
CA LEU A 284 50.67 1.98 -2.22
C LEU A 284 51.18 3.27 -1.57
N PRO A 285 52.27 3.85 -2.10
CA PRO A 285 52.85 5.04 -1.45
C PRO A 285 52.16 6.34 -1.80
N ASN A 286 51.40 6.41 -2.90
CA ASN A 286 50.79 7.65 -3.35
C ASN A 286 49.26 7.62 -3.27
N VAL A 287 48.71 6.97 -2.26
CA VAL A 287 47.27 6.98 -2.00
C VAL A 287 47.06 7.50 -0.59
N ARG A 288 46.28 8.56 -0.47
CA ARG A 288 46.06 9.25 0.79
C ARG A 288 44.57 9.30 1.09
N THR A 289 44.21 9.20 2.37
CA THR A 289 42.83 9.13 2.81
C THR A 289 42.48 10.32 3.68
N LEU A 290 41.32 10.91 3.41
CA LEU A 290 40.72 11.92 4.25
C LEU A 290 39.53 11.32 4.98
N THR A 291 39.16 11.92 6.10
CA THR A 291 38.11 11.38 6.94
C THR A 291 36.84 12.23 6.82
N LEU A 292 35.70 11.56 6.79
CA LEU A 292 34.39 12.20 6.77
C LEU A 292 33.67 12.07 8.10
N SER A 293 34.35 11.58 9.14
CA SER A 293 33.68 11.29 10.40
C SER A 293 33.13 12.56 11.05
N GLY A 294 33.87 13.67 10.96
CA GLY A 294 33.39 14.90 11.55
C GLY A 294 32.14 15.42 10.87
N MET A 295 32.11 15.38 9.54
CA MET A 295 30.97 15.89 8.79
C MET A 295 29.73 15.02 9.02
N LEU A 296 29.91 13.70 9.01
CA LEU A 296 28.79 12.80 9.28
C LEU A 296 28.30 12.94 10.72
N ALA A 297 29.22 13.12 11.66
CA ALA A 297 28.83 13.31 13.05
C ALA A 297 28.02 14.59 13.22
N GLU A 298 28.43 15.66 12.55
CA GLU A 298 27.67 16.90 12.62
C GLU A 298 26.28 16.75 11.99
N ALA A 299 26.20 16.02 10.86
CA ALA A 299 24.90 15.78 10.25
C ALA A 299 23.99 14.98 11.17
N ILE A 300 24.54 13.93 11.81
CA ILE A 300 23.75 13.14 12.75
C ILE A 300 23.29 13.99 13.92
N ARG A 301 24.18 14.86 14.42
CA ARG A 301 23.83 15.75 15.52
C ARG A 301 22.67 16.67 15.14
N ARG A 302 22.72 17.23 13.94
CA ARG A 302 21.66 18.14 13.51
C ARG A 302 20.34 17.40 13.30
N ILE A 303 20.39 16.19 12.74
CA ILE A 303 19.16 15.42 12.55
C ILE A 303 18.55 15.08 13.91
N SER A 304 19.38 14.67 14.86
CA SER A 304 18.88 14.23 16.15
C SER A 304 18.25 15.38 16.94
N ASN A 305 18.80 16.58 16.84
CA ASN A 305 18.32 17.72 17.61
C ASN A 305 17.30 18.56 16.87
N GLU A 306 16.85 18.11 15.69
CA GLU A 306 15.81 18.80 14.92
C GLU A 306 16.27 20.19 14.48
N GLU A 307 17.55 20.31 14.15
CA GLU A 307 18.10 21.55 13.63
C GLU A 307 18.10 21.53 12.11
N SER A 308 18.32 22.70 11.52
CA SER A 308 18.40 22.80 10.07
C SER A 308 19.62 22.08 9.54
N ILE A 309 19.42 21.31 8.46
CA ILE A 309 20.52 20.56 7.85
C ILE A 309 21.22 21.35 6.75
N SER A 310 20.67 22.50 6.35
CA SER A 310 21.27 23.29 5.28
C SER A 310 22.63 23.84 5.65
N ALA A 311 22.98 23.90 6.94
CA ALA A 311 24.28 24.41 7.35
C ALA A 311 25.42 23.50 6.94
N MET A 312 25.13 22.28 6.48
CA MET A 312 26.16 21.31 6.14
C MET A 312 26.75 21.53 4.75
N PHE A 313 26.25 22.50 4.00
CA PHE A 313 26.64 22.70 2.61
C PHE A 313 27.40 24.00 2.41
N GLU A 314 28.28 24.33 3.34
CA GLU A 314 29.12 25.51 3.27
C GLU A 314 30.59 25.12 3.30
N HIS A 315 31.41 25.90 2.62
CA HIS A 315 32.85 25.63 2.57
C HIS A 315 33.64 26.66 3.35
N ASP B 3 4.71 23.69 18.83
CA ASP B 3 5.12 24.53 17.71
C ASP B 3 4.08 24.54 16.60
N MET B 4 3.12 25.46 16.69
CA MET B 4 2.10 25.64 15.67
C MET B 4 2.60 26.62 14.62
N LYS B 5 2.62 26.20 13.37
CA LYS B 5 3.03 27.04 12.26
C LYS B 5 1.90 27.08 11.23
N LEU B 6 1.57 28.27 10.76
CA LEU B 6 0.54 28.47 9.77
C LEU B 6 1.18 28.83 8.43
N PHE B 7 0.70 28.19 7.37
CA PHE B 7 1.14 28.50 6.01
C PHE B 7 -0.10 28.74 5.15
N ALA B 8 0.05 29.60 4.15
CA ALA B 8 -1.05 29.95 3.28
C ALA B 8 -0.63 29.84 1.82
N GLY B 9 -1.58 29.48 0.99
CA GLY B 9 -1.41 29.52 -0.45
C GLY B 9 -1.88 30.85 -1.02
N ASN B 10 -2.08 30.87 -2.32
CA ASN B 10 -2.56 32.05 -3.01
C ASN B 10 -4.07 32.06 -3.20
N ALA B 11 -4.77 31.05 -2.71
CA ALA B 11 -6.21 30.98 -2.91
C ALA B 11 -6.97 31.89 -1.95
N THR B 12 -6.69 31.80 -0.65
CA THR B 12 -7.39 32.58 0.37
C THR B 12 -6.36 33.23 1.30
N PRO B 13 -5.61 34.22 0.81
CA PRO B 13 -4.60 34.84 1.68
C PRO B 13 -5.18 35.75 2.76
N GLU B 14 -6.26 36.47 2.47
CA GLU B 14 -6.82 37.37 3.48
C GLU B 14 -7.53 36.60 4.59
N LEU B 15 -8.21 35.51 4.25
CA LEU B 15 -8.80 34.67 5.28
C LEU B 15 -7.72 34.06 6.17
N ALA B 16 -6.62 33.63 5.56
CA ALA B 16 -5.51 33.10 6.34
C ALA B 16 -4.91 34.16 7.25
N GLN B 17 -4.80 35.40 6.76
CA GLN B 17 -4.30 36.48 7.61
C GLN B 17 -5.24 36.75 8.79
N ARG B 18 -6.55 36.72 8.54
CA ARG B 18 -7.50 36.92 9.63
C ARG B 18 -7.40 35.81 10.67
N ILE B 19 -7.27 34.56 10.21
CA ILE B 19 -7.12 33.44 11.13
C ILE B 19 -5.84 33.59 11.94
N ALA B 20 -4.74 33.97 11.29
CA ALA B 20 -3.49 34.18 12.01
C ALA B 20 -3.62 35.29 13.03
N ASN B 21 -4.34 36.36 12.69
CA ASN B 21 -4.57 37.43 13.65
C ASN B 21 -5.33 36.92 14.87
N ARG B 22 -6.34 36.09 14.66
CA ARG B 22 -7.12 35.59 15.79
C ARG B 22 -6.36 34.58 16.64
N LEU B 23 -5.33 33.96 16.09
CA LEU B 23 -4.47 33.07 16.87
C LEU B 23 -3.28 33.80 17.47
N TYR B 24 -3.18 35.10 17.24
CA TYR B 24 -2.08 35.93 17.75
C TYR B 24 -0.72 35.36 17.32
N THR B 25 -0.64 34.89 16.08
CA THR B 25 0.63 34.50 15.48
C THR B 25 0.76 35.18 14.13
N SER B 26 1.77 34.79 13.36
CA SER B 26 1.94 35.30 12.01
C SER B 26 2.12 34.12 11.07
N LEU B 27 1.81 34.35 9.80
CA LEU B 27 1.93 33.30 8.80
C LEU B 27 3.38 32.91 8.59
N GLY B 28 3.61 31.62 8.39
CA GLY B 28 4.96 31.14 8.13
C GLY B 28 5.49 31.65 6.81
N ASP B 29 6.81 31.70 6.71
CA ASP B 29 7.46 32.31 5.56
C ASP B 29 7.73 31.24 4.51
N ALA B 30 7.04 31.32 3.38
CA ALA B 30 7.20 30.37 2.29
C ALA B 30 6.94 31.07 0.98
N ALA B 31 7.82 30.85 0.01
CA ALA B 31 7.67 31.43 -1.32
C ALA B 31 6.85 30.47 -2.17
N VAL B 32 5.64 30.88 -2.55
CA VAL B 32 4.72 30.06 -3.31
C VAL B 32 4.26 30.86 -4.51
N GLY B 33 4.76 30.50 -5.69
CA GLY B 33 4.44 31.22 -6.91
C GLY B 33 4.46 30.32 -8.10
N ARG B 34 4.82 30.88 -9.25
CA ARG B 34 4.83 30.14 -10.51
C ARG B 34 6.18 30.30 -11.18
N PHE B 35 6.57 29.27 -11.94
CA PHE B 35 7.70 29.38 -12.83
C PHE B 35 7.27 30.12 -14.09
N SER B 36 8.20 30.30 -15.02
CA SER B 36 7.91 31.06 -16.23
C SER B 36 6.83 30.40 -17.06
N ASP B 37 6.87 29.07 -17.17
CA ASP B 37 5.91 28.33 -17.99
C ASP B 37 4.61 28.02 -17.27
N GLY B 38 4.46 28.42 -16.01
CA GLY B 38 3.22 28.26 -15.29
C GLY B 38 3.16 27.12 -14.31
N GLU B 39 4.27 26.40 -14.09
CA GLU B 39 4.30 25.35 -13.10
C GLU B 39 4.46 25.94 -11.70
N VAL B 40 3.87 25.26 -10.72
CA VAL B 40 3.89 25.75 -9.35
C VAL B 40 5.29 25.67 -8.78
N SER B 41 5.72 26.74 -8.12
CA SER B 41 7.01 26.82 -7.46
C SER B 41 6.79 27.00 -5.97
N VAL B 42 7.48 26.20 -5.16
CA VAL B 42 7.32 26.24 -3.71
C VAL B 42 8.68 26.14 -3.05
N GLN B 43 8.93 26.98 -2.06
CA GLN B 43 10.10 26.85 -1.20
C GLN B 43 9.74 27.26 0.21
N ILE B 44 9.97 26.37 1.16
CA ILE B 44 9.75 26.68 2.57
C ILE B 44 11.01 27.37 3.10
N ASN B 45 10.83 28.58 3.63
CA ASN B 45 11.97 29.41 4.01
C ASN B 45 12.17 29.47 5.52
N GLU B 46 11.81 28.40 6.24
CA GLU B 46 12.07 28.34 7.67
C GLU B 46 12.07 26.88 8.12
N ASN B 47 12.67 26.64 9.28
CA ASN B 47 12.77 25.31 9.84
C ASN B 47 11.40 24.83 10.30
N VAL B 48 11.01 23.63 9.88
CA VAL B 48 9.71 23.07 10.24
C VAL B 48 9.88 21.68 10.82
N ARG B 49 11.12 21.30 11.14
CA ARG B 49 11.39 19.94 11.62
C ARG B 49 10.65 19.65 12.91
N GLY B 50 9.81 18.62 12.88
CA GLY B 50 9.06 18.22 14.05
C GLY B 50 7.89 19.10 14.40
N GLY B 51 7.57 20.09 13.57
CA GLY B 51 6.53 21.04 13.89
C GLY B 51 5.13 20.53 13.62
N ASP B 52 4.15 21.32 14.04
CA ASP B 52 2.74 21.02 13.88
C ASP B 52 2.17 22.02 12.91
N ILE B 53 2.08 21.63 11.64
CA ILE B 53 1.88 22.54 10.52
C ILE B 53 0.42 22.56 10.11
N PHE B 54 -0.11 23.75 9.88
CA PHE B 54 -1.44 23.93 9.32
C PHE B 54 -1.31 24.71 8.02
N ILE B 55 -1.91 24.18 6.95
CA ILE B 55 -1.94 24.83 5.65
C ILE B 55 -3.37 25.28 5.38
N ILE B 56 -3.55 26.56 5.15
CA ILE B 56 -4.86 27.14 4.89
C ILE B 56 -4.96 27.44 3.40
N GLN B 57 -5.81 26.70 2.70
CA GLN B 57 -6.04 27.00 1.29
C GLN B 57 -7.30 26.32 0.77
N SER B 58 -8.20 27.10 0.19
CA SER B 58 -9.36 26.55 -0.50
C SER B 58 -8.98 26.10 -1.89
N THR B 59 -9.62 25.03 -2.35
CA THR B 59 -9.45 24.57 -3.72
C THR B 59 -10.54 25.15 -4.62
N CYS B 60 -10.60 26.47 -4.64
CA CYS B 60 -11.57 27.22 -5.42
C CYS B 60 -10.92 27.69 -6.73
N ALA B 61 -11.72 28.34 -7.57
CA ALA B 61 -11.27 28.69 -8.92
C ALA B 61 -10.14 29.71 -8.86
N PRO B 62 -9.06 29.53 -9.64
CA PRO B 62 -8.77 28.40 -10.54
C PRO B 62 -8.46 27.11 -9.78
N THR B 63 -9.34 26.13 -9.93
CA THR B 63 -9.35 24.98 -9.02
C THR B 63 -8.07 24.17 -9.12
N ASN B 64 -7.63 23.87 -10.35
CA ASN B 64 -6.53 22.93 -10.52
C ASN B 64 -5.22 23.53 -10.05
N ASP B 65 -5.00 24.82 -10.29
CA ASP B 65 -3.81 25.49 -9.79
C ASP B 65 -3.77 25.49 -8.27
N ASN B 66 -4.90 25.79 -7.63
CA ASN B 66 -4.94 25.80 -6.16
C ASN B 66 -4.71 24.42 -5.59
N LEU B 67 -5.31 23.40 -6.19
CA LEU B 67 -5.11 22.03 -5.73
C LEU B 67 -3.65 21.60 -5.88
N MET B 68 -3.04 21.90 -7.02
CA MET B 68 -1.63 21.55 -7.22
C MET B 68 -0.75 22.31 -6.23
N GLU B 69 -1.08 23.56 -5.96
CA GLU B 69 -0.35 24.34 -4.96
C GLU B 69 -0.39 23.64 -3.61
N LEU B 70 -1.58 23.19 -3.20
CA LEU B 70 -1.72 22.54 -1.90
C LEU B 70 -0.92 21.25 -1.82
N VAL B 71 -1.04 20.38 -2.84
CA VAL B 71 -0.35 19.10 -2.76
C VAL B 71 1.16 19.28 -2.84
N VAL B 72 1.62 20.25 -3.62
CA VAL B 72 3.05 20.51 -3.73
C VAL B 72 3.60 21.07 -2.42
N MET B 73 2.84 21.94 -1.75
CA MET B 73 3.25 22.39 -0.42
C MET B 73 3.35 21.22 0.55
N VAL B 74 2.38 20.31 0.53
CA VAL B 74 2.41 19.19 1.45
C VAL B 74 3.63 18.32 1.20
N ASP B 75 3.95 18.06 -0.07
CA ASP B 75 5.14 17.26 -0.37
C ASP B 75 6.41 17.95 0.10
N ALA B 76 6.51 19.26 -0.12
CA ALA B 76 7.70 19.99 0.31
C ALA B 76 7.85 19.95 1.83
N LEU B 77 6.75 20.11 2.55
CA LEU B 77 6.81 20.08 4.01
C LEU B 77 7.13 18.68 4.52
N ARG B 78 6.60 17.64 3.88
CA ARG B 78 6.85 16.28 4.33
C ARG B 78 8.30 15.88 4.11
N ARG B 79 8.89 16.29 2.98
CA ARG B 79 10.31 15.98 2.79
C ARG B 79 11.22 16.81 3.66
N ALA B 80 10.73 17.92 4.21
CA ALA B 80 11.49 18.74 5.15
C ALA B 80 11.29 18.30 6.59
N SER B 81 10.77 17.10 6.81
CA SER B 81 10.68 16.46 8.12
C SER B 81 9.71 17.18 9.06
N ALA B 82 8.58 17.64 8.53
CA ALA B 82 7.54 18.18 9.38
C ALA B 82 6.93 17.07 10.23
N GLY B 83 6.39 17.45 11.39
CA GLY B 83 5.83 16.47 12.30
C GLY B 83 4.44 16.01 11.91
N ARG B 84 3.49 16.93 11.89
CA ARG B 84 2.11 16.64 11.56
C ARG B 84 1.61 17.73 10.64
N ILE B 85 0.90 17.36 9.58
CA ILE B 85 0.42 18.31 8.59
C ILE B 85 -1.10 18.23 8.55
N THR B 86 -1.76 19.35 8.86
CA THR B 86 -3.20 19.47 8.77
C THR B 86 -3.55 20.39 7.61
N ALA B 87 -4.37 19.91 6.69
CA ALA B 87 -4.84 20.72 5.57
C ALA B 87 -6.16 21.35 5.96
N VAL B 88 -6.17 22.67 6.10
CA VAL B 88 -7.40 23.42 6.35
C VAL B 88 -7.92 23.89 5.00
N ILE B 89 -9.00 23.28 4.54
CA ILE B 89 -9.54 23.55 3.21
C ILE B 89 -10.94 24.10 3.38
N PRO B 90 -11.11 25.40 3.57
CA PRO B 90 -12.45 25.93 3.88
C PRO B 90 -13.50 25.60 2.84
N TYR B 91 -13.14 25.63 1.56
CA TYR B 91 -14.01 25.15 0.50
C TYR B 91 -13.29 24.02 -0.23
N PHE B 92 -13.93 22.86 -0.26
CA PHE B 92 -13.37 21.66 -0.86
C PHE B 92 -13.90 21.53 -2.28
N GLY B 93 -13.04 21.79 -3.27
CA GLY B 93 -13.44 21.67 -4.65
C GLY B 93 -13.56 20.22 -5.08
N TYR B 94 -14.30 20.03 -6.18
CA TYR B 94 -14.61 18.73 -6.77
C TYR B 94 -15.51 17.87 -5.89
N ALA B 95 -16.14 18.46 -4.87
CA ALA B 95 -16.98 17.67 -3.97
C ALA B 95 -18.31 17.29 -4.60
N ARG B 96 -18.71 17.93 -5.69
CA ARG B 96 -19.97 17.59 -6.34
C ARG B 96 -19.87 16.37 -7.24
N GLN B 97 -18.66 15.91 -7.55
CA GLN B 97 -18.45 14.69 -8.33
C GLN B 97 -18.14 13.57 -7.35
N ASP B 98 -19.20 13.01 -6.76
CA ASP B 98 -19.07 12.12 -5.62
C ASP B 98 -19.64 10.72 -5.86
N ARG B 99 -20.12 10.42 -7.07
CA ARG B 99 -20.64 9.10 -7.37
C ARG B 99 -20.80 8.98 -8.89
N ARG B 100 -21.18 7.79 -9.33
CA ARG B 100 -21.48 7.52 -10.73
C ARG B 100 -22.96 7.15 -10.82
N VAL B 101 -23.79 8.09 -11.27
CA VAL B 101 -25.22 7.83 -11.38
C VAL B 101 -25.49 6.92 -12.57
N ARG B 102 -26.20 5.83 -12.33
CA ARG B 102 -26.56 4.86 -13.36
C ARG B 102 -25.34 4.27 -14.05
N SER B 103 -24.24 4.15 -13.30
CA SER B 103 -22.98 3.62 -13.82
C SER B 103 -22.52 4.36 -15.07
N ALA B 104 -22.75 5.68 -15.07
CA ALA B 104 -22.21 6.51 -16.14
C ALA B 104 -20.69 6.49 -16.10
N ARG B 105 -20.07 6.49 -17.27
CA ARG B 105 -18.62 6.39 -17.38
C ARG B 105 -18.00 7.75 -17.05
N VAL B 106 -18.12 8.11 -15.78
CA VAL B 106 -17.62 9.37 -15.25
C VAL B 106 -16.67 9.04 -14.11
N PRO B 107 -15.79 9.95 -13.73
CA PRO B 107 -14.95 9.72 -12.56
C PRO B 107 -15.67 10.07 -11.27
N ILE B 108 -15.09 9.61 -10.17
CA ILE B 108 -15.46 10.13 -8.86
C ILE B 108 -14.29 11.00 -8.42
N THR B 109 -14.35 12.28 -8.78
CA THR B 109 -13.16 13.13 -8.66
C THR B 109 -12.87 13.52 -7.22
N ALA B 110 -13.90 13.56 -6.38
CA ALA B 110 -13.66 13.83 -4.96
C ALA B 110 -12.80 12.73 -4.35
N LYS B 111 -13.04 11.48 -4.73
CA LYS B 111 -12.19 10.38 -4.28
C LYS B 111 -10.77 10.50 -4.83
N VAL B 112 -10.63 10.96 -6.07
CA VAL B 112 -9.31 11.18 -6.65
C VAL B 112 -8.53 12.22 -5.85
N VAL B 113 -9.19 13.33 -5.50
CA VAL B 113 -8.54 14.37 -4.73
C VAL B 113 -8.19 13.89 -3.33
N ALA B 114 -9.10 13.13 -2.70
CA ALA B 114 -8.78 12.57 -1.38
C ALA B 114 -7.59 11.63 -1.45
N ASP B 115 -7.49 10.83 -2.51
CA ASP B 115 -6.36 9.94 -2.68
C ASP B 115 -5.06 10.73 -2.89
N PHE B 116 -5.11 11.81 -3.65
CA PHE B 116 -3.92 12.64 -3.83
C PHE B 116 -3.45 13.22 -2.51
N LEU B 117 -4.39 13.75 -1.72
CA LEU B 117 -4.04 14.34 -0.43
C LEU B 117 -3.48 13.30 0.51
N SER B 118 -4.04 12.09 0.52
CA SER B 118 -3.51 11.03 1.35
C SER B 118 -2.14 10.58 0.87
N SER B 119 -1.91 10.63 -0.44
CA SER B 119 -0.64 10.16 -0.98
C SER B 119 0.50 11.11 -0.67
N VAL B 120 0.25 12.42 -0.70
CA VAL B 120 1.34 13.34 -0.40
C VAL B 120 1.68 13.39 1.09
N GLY B 121 0.77 12.96 1.96
CA GLY B 121 1.11 12.83 3.37
C GLY B 121 0.33 13.71 4.32
N VAL B 122 -0.89 14.10 3.96
CA VAL B 122 -1.74 14.86 4.87
C VAL B 122 -2.16 13.98 6.04
N ASP B 123 -2.17 14.55 7.24
CA ASP B 123 -2.52 13.81 8.44
C ASP B 123 -3.92 14.13 8.98
N ARG B 124 -4.52 15.23 8.57
CA ARG B 124 -5.85 15.62 9.03
C ARG B 124 -6.40 16.65 8.06
N VAL B 125 -7.71 16.65 7.88
CA VAL B 125 -8.40 17.61 7.02
C VAL B 125 -9.49 18.30 7.83
N LEU B 126 -9.59 19.61 7.67
CA LEU B 126 -10.63 20.42 8.30
C LEU B 126 -11.33 21.23 7.21
N THR B 127 -12.63 21.01 7.04
CA THR B 127 -13.41 21.65 5.99
C THR B 127 -14.64 22.32 6.58
N VAL B 128 -15.34 23.06 5.74
CA VAL B 128 -16.58 23.73 6.11
C VAL B 128 -17.67 23.32 5.14
N ASP B 129 -18.71 22.67 5.65
CA ASP B 129 -19.93 22.37 4.90
C ASP B 129 -19.61 21.62 3.59
N LEU B 130 -19.11 20.40 3.77
CA LEU B 130 -18.89 19.52 2.64
C LEU B 130 -20.20 19.29 1.90
N HIS B 131 -20.12 19.24 0.55
CA HIS B 131 -21.32 19.05 -0.24
C HIS B 131 -22.00 17.73 0.10
N ALA B 132 -21.23 16.66 0.23
CA ALA B 132 -21.71 15.39 0.73
C ALA B 132 -20.90 15.03 1.97
N GLU B 133 -21.60 14.72 3.07
CA GLU B 133 -20.91 14.38 4.30
C GLU B 133 -20.14 13.07 4.19
N GLN B 134 -20.54 12.19 3.28
CA GLN B 134 -19.88 10.91 3.10
C GLN B 134 -18.45 11.04 2.57
N ILE B 135 -18.06 12.23 2.11
CA ILE B 135 -16.68 12.43 1.70
C ILE B 135 -15.72 12.25 2.87
N GLN B 136 -16.23 12.35 4.11
CA GLN B 136 -15.43 11.99 5.28
C GLN B 136 -14.88 10.57 5.15
N GLY B 137 -15.65 9.67 4.55
CA GLY B 137 -15.20 8.31 4.34
C GLY B 137 -14.30 8.10 3.16
N PHE B 138 -14.09 9.12 2.33
CA PHE B 138 -13.13 9.00 1.23
C PHE B 138 -11.69 9.04 1.72
N PHE B 139 -11.47 9.43 2.98
CA PHE B 139 -10.15 9.52 3.57
C PHE B 139 -9.92 8.40 4.58
N ASP B 140 -8.66 8.11 4.86
CA ASP B 140 -8.30 7.31 6.02
C ASP B 140 -8.04 8.15 7.26
N VAL B 141 -7.68 9.42 7.08
CA VAL B 141 -7.31 10.30 8.17
C VAL B 141 -8.56 10.95 8.77
N PRO B 142 -8.51 11.48 9.98
CA PRO B 142 -9.65 12.22 10.52
C PRO B 142 -10.00 13.42 9.64
N VAL B 143 -11.30 13.60 9.40
CA VAL B 143 -11.83 14.73 8.65
C VAL B 143 -12.91 15.38 9.50
N ASP B 144 -12.73 16.66 9.81
CA ASP B 144 -13.68 17.41 10.63
C ASP B 144 -14.48 18.32 9.72
N ASN B 145 -15.76 18.04 9.57
CA ASN B 145 -16.66 18.82 8.73
C ASN B 145 -17.43 19.77 9.62
N VAL B 146 -17.04 21.04 9.62
CA VAL B 146 -17.61 22.04 10.51
C VAL B 146 -18.72 22.77 9.77
N PHE B 147 -19.88 22.91 10.42
CA PHE B 147 -21.01 23.59 9.83
C PHE B 147 -20.86 25.10 9.97
N GLY B 148 -21.25 25.83 8.93
CA GLY B 148 -21.29 27.27 8.98
C GLY B 148 -22.59 27.85 9.47
N SER B 149 -23.53 27.01 9.88
CA SER B 149 -24.87 27.40 10.29
C SER B 149 -24.93 28.26 11.55
N PRO B 150 -24.00 28.16 12.50
CA PRO B 150 -24.06 29.11 13.63
C PRO B 150 -23.96 30.57 13.20
N ILE B 151 -23.03 30.92 12.33
CA ILE B 151 -22.86 32.30 11.89
C ILE B 151 -24.09 32.76 11.11
N LEU B 152 -24.55 31.93 10.18
CA LEU B 152 -25.70 32.30 9.35
C LEU B 152 -26.95 32.44 10.20
N LEU B 153 -27.13 31.57 11.19
CA LEU B 153 -28.30 31.65 12.06
C LEU B 153 -28.23 32.90 12.94
N GLU B 154 -27.04 33.24 13.43
CA GLU B 154 -26.88 34.49 14.17
C GLU B 154 -27.28 35.68 13.31
N ASP B 155 -26.90 35.67 12.04
CA ASP B 155 -27.30 36.76 11.16
C ASP B 155 -28.81 36.74 10.88
N MET B 156 -29.39 35.55 10.74
CA MET B 156 -30.82 35.45 10.49
C MET B 156 -31.62 36.04 11.64
N LEU B 157 -31.21 35.75 12.88
CA LEU B 157 -31.98 36.17 14.03
C LEU B 157 -31.94 37.68 14.26
N GLN B 158 -31.09 38.42 13.55
CA GLN B 158 -31.06 39.87 13.64
C GLN B 158 -31.80 40.54 12.49
N LEU B 159 -32.68 39.81 11.81
CA LEU B 159 -33.46 40.36 10.71
C LEU B 159 -34.89 40.71 11.11
N ASN B 160 -35.38 40.16 12.21
CA ASN B 160 -36.76 40.34 12.65
C ASN B 160 -37.74 39.96 11.55
N LEU B 161 -37.69 38.68 11.17
CA LEU B 161 -38.55 38.16 10.13
C LEU B 161 -39.96 37.94 10.66
N ASP B 162 -40.94 38.08 9.76
CA ASP B 162 -42.35 37.98 10.11
C ASP B 162 -42.80 36.56 9.79
N ASN B 163 -42.83 35.71 10.82
CA ASN B 163 -43.21 34.31 10.68
C ASN B 163 -42.47 33.64 9.53
N PRO B 164 -41.13 33.58 9.60
CA PRO B 164 -40.37 33.13 8.44
C PRO B 164 -40.57 31.65 8.15
N ILE B 165 -40.36 31.30 6.89
CA ILE B 165 -40.39 29.92 6.44
C ILE B 165 -39.09 29.63 5.70
N VAL B 166 -38.50 28.47 5.97
CA VAL B 166 -37.20 28.09 5.41
C VAL B 166 -37.43 27.24 4.17
N VAL B 167 -36.83 27.66 3.06
CA VAL B 167 -37.07 27.03 1.77
C VAL B 167 -35.73 26.54 1.22
N SER B 168 -35.74 25.30 0.71
CA SER B 168 -34.58 24.77 0.00
C SER B 168 -34.77 24.93 -1.50
N PRO B 169 -33.83 25.55 -2.20
CA PRO B 169 -34.02 25.78 -3.65
C PRO B 169 -34.07 24.51 -4.48
N ASP B 170 -33.64 23.37 -3.96
CA ASP B 170 -33.73 22.12 -4.70
C ASP B 170 -33.94 20.98 -3.72
N ILE B 171 -34.01 19.76 -4.26
CA ILE B 171 -34.30 18.59 -3.45
C ILE B 171 -33.06 18.13 -2.68
N GLY B 172 -31.87 18.44 -3.19
CA GLY B 172 -30.65 18.02 -2.51
C GLY B 172 -30.37 18.77 -1.22
N GLY B 173 -31.01 19.92 -1.02
CA GLY B 173 -30.80 20.72 0.17
C GLY B 173 -31.86 20.60 1.24
N VAL B 174 -32.73 19.61 1.16
CA VAL B 174 -33.85 19.51 2.08
C VAL B 174 -33.37 19.23 3.51
N VAL B 175 -32.36 18.37 3.65
CA VAL B 175 -31.86 18.02 4.97
C VAL B 175 -31.27 19.25 5.66
N ARG B 176 -30.45 20.00 4.94
CA ARG B 176 -29.85 21.20 5.50
C ARG B 176 -30.91 22.25 5.81
N ALA B 177 -31.89 22.41 4.93
CA ALA B 177 -32.96 23.37 5.19
C ALA B 177 -33.76 22.99 6.42
N ARG B 178 -34.01 21.70 6.62
CA ARG B 178 -34.72 21.26 7.81
C ARG B 178 -33.92 21.52 9.07
N ALA B 179 -32.61 21.28 9.02
CA ALA B 179 -31.77 21.58 10.19
C ALA B 179 -31.82 23.07 10.53
N ILE B 180 -31.71 23.93 9.51
CA ILE B 180 -31.78 25.36 9.75
C ILE B 180 -33.15 25.75 10.31
N ALA B 181 -34.22 25.16 9.77
CA ALA B 181 -35.56 25.47 10.25
C ALA B 181 -35.74 25.08 11.71
N LYS B 182 -35.23 23.91 12.09
CA LYS B 182 -35.32 23.51 13.48
C LYS B 182 -34.50 24.43 14.38
N LEU B 183 -33.39 24.96 13.87
CA LEU B 183 -32.62 25.92 14.66
C LEU B 183 -33.28 27.29 14.73
N LEU B 184 -34.12 27.65 13.76
CA LEU B 184 -34.68 29.00 13.65
C LEU B 184 -36.06 29.05 14.30
N ASN B 185 -36.05 28.92 15.63
CA ASN B 185 -37.26 28.92 16.45
C ASN B 185 -38.25 27.85 16.03
N ASP B 186 -37.78 26.77 15.40
CA ASP B 186 -38.61 25.65 15.01
C ASP B 186 -39.75 26.07 14.08
N THR B 187 -39.39 26.78 13.02
CA THR B 187 -40.37 27.26 12.06
C THR B 187 -40.75 26.15 11.08
N ASP B 188 -41.49 26.50 10.04
CA ASP B 188 -41.90 25.57 9.00
C ASP B 188 -40.88 25.55 7.88
N MET B 189 -41.00 24.56 7.01
CA MET B 189 -40.12 24.46 5.86
C MET B 189 -40.94 24.14 4.62
N ALA B 190 -40.48 24.67 3.48
CA ALA B 190 -41.10 24.42 2.18
C ALA B 190 -40.03 23.93 1.22
N ILE B 191 -40.46 23.22 0.18
CA ILE B 191 -39.54 22.55 -0.73
C ILE B 191 -39.89 22.95 -2.16
N ILE B 192 -38.88 23.36 -2.92
CA ILE B 192 -39.03 23.67 -4.33
C ILE B 192 -38.82 22.40 -5.14
N ASP B 193 -39.83 22.02 -5.92
CA ASP B 193 -39.79 20.83 -6.75
C ASP B 193 -39.83 21.25 -8.21
N LYS B 194 -38.83 20.83 -8.98
CA LYS B 194 -38.68 21.22 -10.37
C LYS B 194 -38.93 20.02 -11.27
N ARG B 195 -39.80 20.20 -12.26
CA ARG B 195 -40.20 19.13 -13.16
C ARG B 195 -40.00 19.57 -14.61
N ARG B 196 -39.85 18.57 -15.48
CA ARG B 196 -39.70 18.79 -16.92
C ARG B 196 -38.51 19.68 -17.25
N GLN B 203 -40.20 22.66 -17.02
CA GLN B 203 -39.43 23.85 -16.72
C GLN B 203 -40.12 24.67 -15.63
N VAL B 204 -41.18 24.13 -15.08
CA VAL B 204 -41.96 24.82 -14.06
C VAL B 204 -41.45 24.41 -12.68
N MET B 205 -41.62 25.30 -11.71
CA MET B 205 -41.21 25.06 -10.34
C MET B 205 -42.44 24.86 -9.47
N HIS B 206 -42.53 23.69 -8.84
CA HIS B 206 -43.62 23.38 -7.93
C HIS B 206 -43.16 23.60 -6.50
N ILE B 207 -43.99 24.27 -5.72
CA ILE B 207 -43.69 24.55 -4.32
C ILE B 207 -44.58 23.66 -3.45
N ILE B 208 -43.96 22.88 -2.58
CA ILE B 208 -44.67 22.05 -1.62
C ILE B 208 -44.59 22.77 -0.28
N GLY B 209 -45.76 23.18 0.23
CA GLY B 209 -45.81 23.99 1.42
C GLY B 209 -46.43 25.35 1.15
N ASP B 210 -46.86 26.03 2.20
CA ASP B 210 -47.57 27.30 2.08
C ASP B 210 -46.61 28.45 2.35
N VAL B 211 -46.52 29.38 1.40
CA VAL B 211 -45.65 30.54 1.52
C VAL B 211 -46.42 31.85 1.39
N ALA B 212 -47.74 31.80 1.37
CA ALA B 212 -48.56 32.99 1.15
C ALA B 212 -48.41 33.94 2.33
N GLY B 213 -47.92 35.15 2.04
CA GLY B 213 -47.81 36.17 3.07
C GLY B 213 -46.83 35.84 4.17
N ARG B 214 -45.67 35.30 3.83
CA ARG B 214 -44.63 34.99 4.81
C ARG B 214 -43.28 35.40 4.23
N ASP B 215 -42.33 35.65 5.14
CA ASP B 215 -40.96 35.88 4.73
C ASP B 215 -40.27 34.55 4.44
N CYS B 216 -39.55 34.49 3.34
CA CYS B 216 -38.92 33.25 2.89
C CYS B 216 -37.40 33.39 2.99
N VAL B 217 -36.77 32.40 3.58
CA VAL B 217 -35.32 32.33 3.70
C VAL B 217 -34.85 31.14 2.89
N LEU B 218 -34.24 31.40 1.74
CA LEU B 218 -33.63 30.33 0.95
C LEU B 218 -32.26 30.00 1.53
N VAL B 219 -32.03 28.72 1.82
CA VAL B 219 -30.78 28.27 2.42
C VAL B 219 -30.16 27.24 1.49
N ASP B 220 -28.86 27.39 1.22
CA ASP B 220 -28.14 26.46 0.37
C ASP B 220 -26.71 26.36 0.89
N ASP B 221 -26.02 25.31 0.45
CA ASP B 221 -24.61 25.19 0.80
C ASP B 221 -23.74 26.09 -0.05
N MET B 222 -24.16 26.37 -1.29
CA MET B 222 -23.34 27.17 -2.20
C MET B 222 -24.25 27.89 -3.19
N ILE B 223 -23.68 28.90 -3.84
CA ILE B 223 -24.33 29.58 -4.96
C ILE B 223 -23.34 29.56 -6.11
N ASP B 224 -23.56 28.68 -7.08
CA ASP B 224 -22.62 28.57 -8.19
C ASP B 224 -22.92 29.59 -9.29
N THR B 225 -24.08 29.50 -9.92
CA THR B 225 -24.45 30.44 -10.97
C THR B 225 -25.62 31.32 -10.58
N GLY B 226 -26.43 30.92 -9.62
CA GLY B 226 -27.58 31.68 -9.19
C GLY B 226 -28.81 31.53 -10.05
N GLY B 227 -28.76 30.72 -11.10
CA GLY B 227 -29.93 30.56 -11.95
C GLY B 227 -31.08 29.92 -11.22
N THR B 228 -30.84 28.79 -10.57
CA THR B 228 -31.91 28.12 -9.83
C THR B 228 -32.33 28.93 -8.62
N LEU B 229 -31.41 29.65 -7.99
CA LEU B 229 -31.76 30.48 -6.85
C LEU B 229 -32.70 31.62 -7.28
N CYS B 230 -32.37 32.28 -8.38
CA CYS B 230 -33.22 33.36 -8.87
C CYS B 230 -34.58 32.83 -9.32
N LYS B 231 -34.59 31.66 -9.97
CA LYS B 231 -35.87 31.07 -10.37
C LYS B 231 -36.73 30.72 -9.16
N ALA B 232 -36.11 30.16 -8.11
CA ALA B 232 -36.85 29.83 -6.90
C ALA B 232 -37.40 31.07 -6.23
N ALA B 233 -36.60 32.14 -6.18
CA ALA B 233 -37.09 33.39 -5.61
C ALA B 233 -38.27 33.95 -6.42
N GLU B 234 -38.17 33.87 -7.75
CA GLU B 234 -39.25 34.33 -8.60
C GLU B 234 -40.53 33.55 -8.34
N ALA B 235 -40.43 32.22 -8.24
CA ALA B 235 -41.62 31.41 -7.97
C ALA B 235 -42.19 31.73 -6.59
N LEU B 236 -41.33 31.88 -5.59
CA LEU B 236 -41.80 32.18 -4.24
C LEU B 236 -42.54 33.51 -4.20
N LYS B 237 -42.01 34.53 -4.89
CA LYS B 237 -42.70 35.81 -4.92
C LYS B 237 -43.98 35.74 -5.75
N GLU B 238 -44.03 34.86 -6.75
CA GLU B 238 -45.25 34.75 -7.53
C GLU B 238 -46.35 34.08 -6.73
N ARG B 239 -46.00 33.17 -5.82
CA ARG B 239 -46.99 32.57 -4.93
C ARG B 239 -47.23 33.42 -3.69
N GLY B 240 -46.90 34.71 -3.75
CA GLY B 240 -47.23 35.62 -2.68
C GLY B 240 -46.37 35.51 -1.44
N ALA B 241 -45.09 35.82 -1.55
CA ALA B 241 -44.19 35.89 -0.41
C ALA B 241 -43.72 37.33 -0.25
N LYS B 242 -43.63 37.79 1.00
CA LYS B 242 -43.31 39.20 1.23
C LYS B 242 -41.87 39.52 0.83
N ARG B 243 -40.90 38.89 1.49
CA ARG B 243 -39.50 39.15 1.23
C ARG B 243 -38.76 37.82 1.09
N VAL B 244 -37.73 37.81 0.26
CA VAL B 244 -36.92 36.63 0.01
C VAL B 244 -35.47 36.94 0.37
N PHE B 245 -34.88 36.12 1.21
CA PHE B 245 -33.48 36.21 1.58
C PHE B 245 -32.77 34.92 1.20
N ALA B 246 -31.55 35.06 0.71
CA ALA B 246 -30.74 33.92 0.30
C ALA B 246 -29.53 33.82 1.22
N TYR B 247 -29.35 32.67 1.84
CA TYR B 247 -28.22 32.40 2.72
C TYR B 247 -27.46 31.21 2.20
N ALA B 248 -26.14 31.35 2.06
CA ALA B 248 -25.30 30.26 1.60
C ALA B 248 -23.96 30.35 2.29
N THR B 249 -23.22 29.26 2.25
CA THR B 249 -21.89 29.23 2.84
C THR B 249 -20.79 29.51 1.83
N HIS B 250 -20.86 28.89 0.65
CA HIS B 250 -19.78 29.01 -0.33
C HIS B 250 -20.19 29.92 -1.47
N PRO B 251 -19.58 31.09 -1.61
CA PRO B 251 -19.89 32.00 -2.73
C PRO B 251 -19.07 31.74 -3.99
N ILE B 252 -19.44 30.71 -4.73
CA ILE B 252 -18.69 30.37 -5.94
C ILE B 252 -18.88 31.43 -7.01
N PHE B 253 -20.13 31.80 -7.29
CA PHE B 253 -20.48 32.90 -8.18
C PHE B 253 -19.77 32.81 -9.52
N SER B 254 -20.04 31.73 -10.24
CA SER B 254 -19.40 31.49 -11.52
C SER B 254 -20.36 31.82 -12.67
N GLY B 255 -19.77 31.99 -13.85
CA GLY B 255 -20.54 32.28 -15.04
C GLY B 255 -21.22 33.64 -15.02
N ASN B 256 -22.54 33.65 -15.18
CA ASN B 256 -23.32 34.87 -15.22
C ASN B 256 -23.95 35.20 -13.88
N ALA B 257 -23.28 34.89 -12.78
CA ALA B 257 -23.89 35.02 -11.46
C ALA B 257 -24.20 36.47 -11.13
N ALA B 258 -23.31 37.40 -11.48
CA ALA B 258 -23.51 38.79 -11.11
C ALA B 258 -24.75 39.38 -11.80
N ASN B 259 -24.92 39.09 -13.08
CA ASN B 259 -26.10 39.59 -13.80
C ASN B 259 -27.37 38.90 -13.29
N ASN B 260 -27.28 37.61 -12.96
CA ASN B 260 -28.45 36.92 -12.42
C ASN B 260 -28.87 37.53 -11.09
N LEU B 261 -27.91 37.85 -10.24
CA LEU B 261 -28.24 38.42 -8.92
C LEU B 261 -28.67 39.87 -9.04
N ARG B 262 -28.16 40.60 -10.03
CA ARG B 262 -28.55 41.99 -10.20
C ARG B 262 -30.00 42.12 -10.63
N ASN B 263 -30.41 41.33 -11.62
CA ASN B 263 -31.79 41.35 -12.12
C ASN B 263 -32.64 40.29 -11.43
N SER B 264 -32.66 40.30 -10.10
CA SER B 264 -33.40 39.30 -9.34
C SER B 264 -34.27 39.99 -8.30
N VAL B 265 -35.18 39.22 -7.73
CA VAL B 265 -36.14 39.73 -6.76
C VAL B 265 -35.70 39.41 -5.33
N ILE B 266 -34.44 39.02 -5.13
CA ILE B 266 -33.94 38.68 -3.81
C ILE B 266 -33.54 39.95 -3.08
N ASP B 267 -34.02 40.11 -1.86
CA ASP B 267 -33.74 41.32 -1.10
C ASP B 267 -32.33 41.37 -0.54
N GLU B 268 -31.78 40.23 -0.16
CA GLU B 268 -30.45 40.18 0.46
C GLU B 268 -29.84 38.81 0.20
N VAL B 269 -28.56 38.82 -0.16
CA VAL B 269 -27.76 37.61 -0.31
C VAL B 269 -26.64 37.67 0.72
N VAL B 270 -26.60 36.69 1.61
CA VAL B 270 -25.61 36.63 2.67
C VAL B 270 -24.80 35.35 2.49
N VAL B 271 -23.48 35.50 2.43
CA VAL B 271 -22.57 34.38 2.21
C VAL B 271 -21.42 34.48 3.21
N CYS B 272 -20.69 33.38 3.36
CA CYS B 272 -19.50 33.35 4.19
C CYS B 272 -18.29 33.72 3.33
N ASP B 273 -17.09 33.60 3.89
CA ASP B 273 -15.89 34.06 3.20
C ASP B 273 -14.92 32.92 2.89
N THR B 274 -15.45 31.73 2.62
CA THR B 274 -14.59 30.62 2.24
C THR B 274 -13.96 30.81 0.87
N ILE B 275 -14.53 31.66 0.03
CA ILE B 275 -14.00 31.97 -1.29
C ILE B 275 -13.97 33.49 -1.42
N PRO B 276 -12.86 34.09 -1.85
CA PRO B 276 -12.84 35.55 -2.03
C PRO B 276 -13.81 35.98 -3.12
N LEU B 277 -14.45 37.12 -2.90
CA LEU B 277 -15.38 37.67 -3.87
C LEU B 277 -14.65 38.47 -4.93
N SER B 278 -15.23 38.52 -6.13
CA SER B 278 -14.69 39.34 -7.19
C SER B 278 -15.15 40.78 -7.04
N ASP B 279 -14.52 41.68 -7.80
CA ASP B 279 -14.98 43.07 -7.84
C ASP B 279 -16.37 43.16 -8.43
N GLU B 280 -16.66 42.34 -9.43
CA GLU B 280 -17.98 42.28 -10.03
C GLU B 280 -19.06 42.03 -8.97
N ILE B 281 -18.85 41.04 -8.11
CA ILE B 281 -19.84 40.73 -7.08
C ILE B 281 -19.82 41.77 -5.98
N LYS B 282 -18.63 42.23 -5.57
CA LYS B 282 -18.54 43.21 -4.50
C LYS B 282 -19.20 44.54 -4.86
N SER B 283 -19.31 44.85 -6.15
CA SER B 283 -20.01 46.07 -6.55
C SER B 283 -21.51 45.98 -6.29
N LEU B 284 -22.06 44.79 -6.19
CA LEU B 284 -23.49 44.63 -6.00
C LEU B 284 -23.92 45.19 -4.64
N PRO B 285 -25.05 45.89 -4.57
CA PRO B 285 -25.45 46.53 -3.31
C PRO B 285 -26.11 45.60 -2.31
N ASN B 286 -26.65 44.45 -2.75
CA ASN B 286 -27.40 43.57 -1.87
C ASN B 286 -26.70 42.22 -1.66
N VAL B 287 -25.37 42.22 -1.59
CA VAL B 287 -24.60 41.03 -1.27
C VAL B 287 -23.75 41.35 -0.06
N ARG B 288 -23.91 40.56 1.00
CA ARG B 288 -23.24 40.79 2.28
C ARG B 288 -22.44 39.56 2.67
N THR B 289 -21.31 39.79 3.31
CA THR B 289 -20.36 38.73 3.66
C THR B 289 -20.21 38.62 5.16
N LEU B 290 -20.26 37.39 5.67
CA LEU B 290 -19.93 37.06 7.04
C LEU B 290 -18.57 36.37 7.07
N THR B 291 -17.91 36.43 8.22
CA THR B 291 -16.58 35.88 8.35
C THR B 291 -16.60 34.58 9.15
N LEU B 292 -15.79 33.62 8.72
CA LEU B 292 -15.61 32.35 9.42
C LEU B 292 -14.26 32.26 10.10
N SER B 293 -13.52 33.37 10.16
CA SER B 293 -12.15 33.30 10.68
C SER B 293 -12.13 32.93 12.15
N GLY B 294 -13.08 33.42 12.95
CA GLY B 294 -13.12 33.07 14.34
C GLY B 294 -13.38 31.61 14.59
N MET B 295 -14.34 31.04 13.85
CA MET B 295 -14.69 29.63 14.01
C MET B 295 -13.55 28.72 13.57
N LEU B 296 -12.92 29.05 12.44
CA LEU B 296 -11.79 28.25 11.97
C LEU B 296 -10.59 28.38 12.92
N ALA B 297 -10.37 29.58 13.45
CA ALA B 297 -9.28 29.77 14.41
C ALA B 297 -9.51 28.96 15.67
N GLU B 298 -10.75 28.91 16.16
CA GLU B 298 -11.04 28.10 17.32
C GLU B 298 -10.86 26.62 17.03
N ALA B 299 -11.26 26.17 15.85
CA ALA B 299 -11.06 24.76 15.48
C ALA B 299 -9.57 24.42 15.41
N ILE B 300 -8.77 25.30 14.81
CA ILE B 300 -7.33 25.07 14.75
C ILE B 300 -6.72 25.05 16.14
N ARG B 301 -7.19 25.94 17.02
CA ARG B 301 -6.71 25.96 18.40
C ARG B 301 -7.01 24.65 19.11
N ARG B 302 -8.22 24.13 18.94
CA ARG B 302 -8.58 22.89 19.60
C ARG B 302 -7.80 21.70 19.04
N ILE B 303 -7.59 21.67 17.72
CA ILE B 303 -6.81 20.57 17.14
C ILE B 303 -5.38 20.62 17.65
N SER B 304 -4.79 21.82 17.70
CA SER B 304 -3.40 21.95 18.10
C SER B 304 -3.17 21.55 19.56
N ASN B 305 -4.11 21.87 20.44
CA ASN B 305 -3.95 21.60 21.85
C ASN B 305 -4.53 20.27 22.30
N GLU B 306 -4.98 19.45 21.35
CA GLU B 306 -5.50 18.11 21.64
C GLU B 306 -6.74 18.16 22.53
N GLU B 307 -7.58 19.17 22.29
CA GLU B 307 -8.85 19.30 22.97
C GLU B 307 -9.96 18.67 22.14
N SER B 308 -11.11 18.49 22.78
CA SER B 308 -12.27 17.95 22.09
C SER B 308 -12.78 18.93 21.04
N ILE B 309 -13.09 18.40 19.85
CA ILE B 309 -13.59 19.23 18.76
C ILE B 309 -15.11 19.31 18.74
N SER B 310 -15.80 18.51 19.55
CA SER B 310 -17.26 18.52 19.59
C SER B 310 -17.84 19.83 20.06
N ALA B 311 -17.06 20.66 20.75
CA ALA B 311 -17.55 21.94 21.23
C ALA B 311 -17.84 22.92 20.11
N MET B 312 -17.41 22.62 18.88
CA MET B 312 -17.57 23.53 17.76
C MET B 312 -18.95 23.47 17.13
N PHE B 313 -19.83 22.59 17.61
CA PHE B 313 -21.12 22.33 16.98
C PHE B 313 -22.28 22.79 17.85
N GLU B 314 -22.12 23.93 18.51
CA GLU B 314 -23.15 24.50 19.37
C GLU B 314 -23.51 25.89 18.86
N HIS B 315 -24.78 26.26 19.05
CA HIS B 315 -25.26 27.56 18.61
C HIS B 315 -25.56 28.48 19.79
N ASP C 3 -15.41 -18.83 -18.60
CA ASP C 3 -15.74 -19.70 -17.48
C ASP C 3 -16.39 -18.95 -16.33
N MET C 4 -17.71 -18.84 -16.38
CA MET C 4 -18.47 -18.21 -15.31
C MET C 4 -18.85 -19.25 -14.27
N LYS C 5 -18.47 -19.00 -13.02
CA LYS C 5 -18.80 -19.88 -11.91
C LYS C 5 -19.53 -19.08 -10.85
N LEU C 6 -20.63 -19.62 -10.35
CA LEU C 6 -21.42 -18.99 -9.31
C LEU C 6 -21.22 -19.72 -8.00
N PHE C 7 -21.02 -18.97 -6.93
CA PHE C 7 -20.92 -19.53 -5.59
C PHE C 7 -21.87 -18.77 -4.68
N ALA C 8 -22.37 -19.46 -3.67
CA ALA C 8 -23.34 -18.88 -2.75
C ALA C 8 -22.93 -19.15 -1.32
N GLY C 9 -23.25 -18.20 -0.44
CA GLY C 9 -23.13 -18.39 0.98
C GLY C 9 -24.41 -18.92 1.59
N ASN C 10 -24.50 -18.80 2.90
CA ASN C 10 -25.69 -19.24 3.62
C ASN C 10 -26.68 -18.11 3.87
N ALA C 11 -26.41 -16.90 3.38
CA ALA C 11 -27.30 -15.77 3.64
C ALA C 11 -28.51 -15.79 2.73
N THR C 12 -28.30 -15.91 1.42
CA THR C 12 -29.38 -15.89 0.43
C THR C 12 -29.23 -17.08 -0.52
N PRO C 13 -29.47 -18.30 -0.05
CA PRO C 13 -29.29 -19.46 -0.94
C PRO C 13 -30.40 -19.60 -1.98
N GLU C 14 -31.64 -19.27 -1.65
CA GLU C 14 -32.73 -19.42 -2.61
C GLU C 14 -32.66 -18.37 -3.71
N LEU C 15 -32.27 -17.14 -3.37
CA LEU C 15 -32.06 -16.12 -4.39
C LEU C 15 -30.93 -16.52 -5.32
N ALA C 16 -29.86 -17.08 -4.77
CA ALA C 16 -28.75 -17.55 -5.59
C ALA C 16 -29.20 -18.68 -6.50
N GLN C 17 -30.04 -19.59 -6.01
CA GLN C 17 -30.54 -20.66 -6.85
C GLN C 17 -31.41 -20.11 -7.99
N ARG C 18 -32.25 -19.12 -7.70
CA ARG C 18 -33.06 -18.51 -8.75
C ARG C 18 -32.19 -17.84 -9.80
N ILE C 19 -31.16 -17.12 -9.37
CA ILE C 19 -30.25 -16.49 -10.32
C ILE C 19 -29.54 -17.52 -11.17
N ALA C 20 -29.08 -18.62 -10.55
CA ALA C 20 -28.44 -19.68 -11.31
C ALA C 20 -29.40 -20.30 -12.31
N ASN C 21 -30.67 -20.47 -11.93
CA ASN C 21 -31.66 -20.98 -12.87
C ASN C 21 -31.83 -20.06 -14.06
N ARG C 22 -31.85 -18.75 -13.83
CA ARG C 22 -32.04 -17.82 -14.95
C ARG C 22 -30.81 -17.71 -15.83
N LEU C 23 -29.63 -18.09 -15.33
CA LEU C 23 -28.44 -18.13 -16.15
C LEU C 23 -28.22 -19.50 -16.78
N TYR C 24 -29.13 -20.45 -16.53
CA TYR C 24 -29.03 -21.81 -17.07
C TYR C 24 -27.71 -22.46 -16.70
N THR C 25 -27.26 -22.23 -15.47
CA THR C 25 -26.11 -22.94 -14.94
C THR C 25 -26.48 -23.51 -13.58
N SER C 26 -25.50 -24.02 -12.85
CA SER C 26 -25.71 -24.51 -11.49
C SER C 26 -24.67 -23.89 -10.58
N LEU C 27 -25.00 -23.82 -9.29
CA LEU C 27 -24.10 -23.23 -8.32
C LEU C 27 -22.85 -24.07 -8.16
N GLY C 28 -21.72 -23.40 -8.00
CA GLY C 28 -20.47 -24.11 -7.80
C GLY C 28 -20.45 -24.85 -6.49
N ASP C 29 -19.61 -25.89 -6.43
CA ASP C 29 -19.60 -26.80 -5.30
C ASP C 29 -18.58 -26.30 -4.29
N ALA C 30 -19.06 -25.87 -3.13
CA ALA C 30 -18.19 -25.38 -2.07
C ALA C 30 -18.84 -25.67 -0.72
N ALA C 31 -18.06 -26.20 0.21
CA ALA C 31 -18.56 -26.49 1.55
C ALA C 31 -18.33 -25.26 2.43
N VAL C 32 -19.43 -24.63 2.84
CA VAL C 32 -19.39 -23.40 3.61
C VAL C 32 -20.25 -23.60 4.85
N GLY C 33 -19.62 -23.76 6.00
CA GLY C 33 -20.32 -24.02 7.24
C GLY C 33 -19.58 -23.45 8.43
N ARG C 34 -19.71 -24.11 9.57
CA ARG C 34 -19.11 -23.66 10.82
C ARG C 34 -18.31 -24.79 11.44
N PHE C 35 -17.27 -24.41 12.16
CA PHE C 35 -16.58 -25.35 13.02
C PHE C 35 -17.36 -25.53 14.31
N SER C 36 -16.85 -26.38 15.20
CA SER C 36 -17.57 -26.68 16.43
C SER C 36 -17.75 -25.43 17.29
N ASP C 37 -16.72 -24.60 17.38
CA ASP C 37 -16.77 -23.41 18.22
C ASP C 37 -17.42 -22.21 17.54
N GLY C 38 -17.86 -22.34 16.29
CA GLY C 38 -18.59 -21.29 15.61
C GLY C 38 -17.80 -20.49 14.62
N GLU C 39 -16.55 -20.84 14.35
CA GLU C 39 -15.77 -20.15 13.34
C GLU C 39 -16.15 -20.64 11.96
N VAL C 40 -16.06 -19.73 10.99
CA VAL C 40 -16.47 -20.03 9.61
C VAL C 40 -15.50 -21.04 8.99
N SER C 41 -16.06 -22.05 8.34
CA SER C 41 -15.29 -23.07 7.64
C SER C 41 -15.62 -23.00 6.15
N VAL C 42 -14.60 -22.97 5.31
CA VAL C 42 -14.78 -22.84 3.87
C VAL C 42 -13.85 -23.81 3.16
N GLN C 43 -14.35 -24.52 2.16
CA GLN C 43 -13.51 -25.29 1.27
C GLN C 43 -14.11 -25.28 -0.12
N ILE C 44 -13.33 -24.85 -1.10
CA ILE C 44 -13.75 -24.87 -2.50
C ILE C 44 -13.47 -26.25 -3.06
N ASN C 45 -14.50 -26.91 -3.56
CA ASN C 45 -14.41 -28.30 -3.97
C ASN C 45 -14.36 -28.47 -5.49
N GLU C 46 -13.83 -27.48 -6.20
CA GLU C 46 -13.66 -27.61 -7.64
C GLU C 46 -12.59 -26.64 -8.11
N ASN C 47 -12.05 -26.93 -9.30
CA ASN C 47 -11.00 -26.11 -9.88
C ASN C 47 -11.56 -24.75 -10.31
N VAL C 48 -10.89 -23.68 -9.90
CA VAL C 48 -11.33 -22.33 -10.21
C VAL C 48 -10.20 -21.53 -10.83
N ARG C 49 -9.12 -22.21 -11.19
CA ARG C 49 -7.94 -21.52 -11.71
C ARG C 49 -8.25 -20.74 -12.96
N GLY C 50 -8.02 -19.43 -12.93
CA GLY C 50 -8.26 -18.58 -14.08
C GLY C 50 -9.71 -18.28 -14.37
N GLY C 51 -10.63 -18.70 -13.50
CA GLY C 51 -12.04 -18.54 -13.78
C GLY C 51 -12.56 -17.15 -13.46
N ASP C 52 -13.82 -16.93 -13.83
CA ASP C 52 -14.51 -15.67 -13.64
C ASP C 52 -15.61 -15.92 -12.61
N ILE C 53 -15.33 -15.60 -11.35
CA ILE C 53 -16.10 -16.08 -10.21
C ILE C 53 -17.07 -14.99 -9.75
N PHE C 54 -18.31 -15.39 -9.49
CA PHE C 54 -19.30 -14.53 -8.87
C PHE C 54 -19.75 -15.15 -7.56
N ILE C 55 -19.70 -14.36 -6.49
CA ILE C 55 -20.16 -14.80 -5.17
C ILE C 55 -21.43 -14.03 -4.85
N ILE C 56 -22.51 -14.74 -4.58
CA ILE C 56 -23.80 -14.14 -4.26
C ILE C 56 -24.02 -14.29 -2.77
N GLN C 57 -24.00 -13.17 -2.04
CA GLN C 57 -24.33 -13.21 -0.62
C GLN C 57 -24.63 -11.83 -0.08
N SER C 58 -25.78 -11.67 0.56
CA SER C 58 -26.11 -10.45 1.26
C SER C 58 -25.47 -10.47 2.65
N THR C 59 -25.08 -9.28 3.11
CA THR C 59 -24.56 -9.14 4.47
C THR C 59 -25.68 -8.70 5.41
N CYS C 60 -26.72 -9.53 5.46
CA CYS C 60 -27.89 -9.32 6.29
C CYS C 60 -27.77 -10.13 7.57
N ALA C 61 -28.75 -9.96 8.45
CA ALA C 61 -28.68 -10.57 9.79
C ALA C 61 -28.69 -12.09 9.71
N PRO C 62 -27.83 -12.80 10.45
CA PRO C 62 -26.75 -12.28 11.31
C PRO C 62 -25.61 -11.65 10.52
N THR C 63 -25.44 -10.34 10.69
CA THR C 63 -24.61 -9.57 9.76
C THR C 63 -23.16 -10.00 9.81
N ASN C 64 -22.60 -10.15 11.01
CA ASN C 64 -21.16 -10.36 11.13
C ASN C 64 -20.76 -11.74 10.61
N ASP C 65 -21.58 -12.76 10.88
CA ASP C 65 -21.32 -14.09 10.34
C ASP C 65 -21.35 -14.09 8.82
N ASN C 66 -22.34 -13.43 8.23
CA ASN C 66 -22.44 -13.38 6.77
C ASN C 66 -21.26 -12.64 6.16
N LEU C 67 -20.87 -11.52 6.76
CA LEU C 67 -19.72 -10.76 6.26
C LEU C 67 -18.44 -11.57 6.35
N MET C 68 -18.22 -12.26 7.48
CA MET C 68 -17.04 -13.09 7.62
C MET C 68 -17.04 -14.22 6.61
N GLU C 69 -18.22 -14.81 6.37
CA GLU C 69 -18.36 -15.85 5.36
C GLU C 69 -17.91 -15.34 4.00
N LEU C 70 -18.37 -14.14 3.62
CA LEU C 70 -18.02 -13.59 2.33
C LEU C 70 -16.52 -13.34 2.21
N VAL C 71 -15.92 -12.69 3.20
CA VAL C 71 -14.50 -12.36 3.09
C VAL C 71 -13.64 -13.62 3.10
N VAL C 72 -14.04 -14.62 3.88
CA VAL C 72 -13.28 -15.86 3.94
C VAL C 72 -13.39 -16.62 2.62
N MET C 73 -14.57 -16.62 2.00
CA MET C 73 -14.70 -17.19 0.66
C MET C 73 -13.78 -16.48 -0.33
N VAL C 74 -13.73 -15.15 -0.28
CA VAL C 74 -12.91 -14.43 -1.23
C VAL C 74 -11.44 -14.77 -1.04
N ASP C 75 -10.98 -14.86 0.22
CA ASP C 75 -9.60 -15.23 0.47
C ASP C 75 -9.29 -16.64 -0.04
N ALA C 76 -10.20 -17.59 0.20
CA ALA C 76 -9.99 -18.96 -0.27
C ALA C 76 -9.91 -19.01 -1.79
N LEU C 77 -10.79 -18.27 -2.47
CA LEU C 77 -10.77 -18.27 -3.93
C LEU C 77 -9.52 -17.59 -4.47
N ARG C 78 -9.08 -16.51 -3.83
CA ARG C 78 -7.90 -15.80 -4.31
C ARG C 78 -6.64 -16.64 -4.15
N ARG C 79 -6.52 -17.37 -3.05
CA ARG C 79 -5.35 -18.23 -2.90
C ARG C 79 -5.40 -19.45 -3.81
N ALA C 80 -6.58 -19.81 -4.31
CA ALA C 80 -6.73 -20.90 -5.26
C ALA C 80 -6.58 -20.44 -6.71
N SER C 81 -6.03 -19.24 -6.92
CA SER C 81 -5.66 -18.73 -8.24
C SER C 81 -6.87 -18.47 -9.13
N ALA C 82 -7.94 -17.93 -8.55
CA ALA C 82 -9.06 -17.48 -9.36
C ALA C 82 -8.65 -16.29 -10.21
N GLY C 83 -9.33 -16.11 -11.33
CA GLY C 83 -9.01 -15.03 -12.23
C GLY C 83 -9.56 -13.69 -11.80
N ARG C 84 -10.87 -13.58 -11.73
CA ARG C 84 -11.55 -12.35 -11.35
C ARG C 84 -12.67 -12.72 -10.40
N ILE C 85 -12.81 -11.95 -9.32
CA ILE C 85 -13.81 -12.22 -8.30
C ILE C 85 -14.76 -11.04 -8.21
N THR C 86 -16.04 -11.27 -8.47
CA THR C 86 -17.07 -10.27 -8.32
C THR C 86 -17.95 -10.64 -7.14
N ALA C 87 -18.11 -9.71 -6.21
CA ALA C 87 -18.97 -9.91 -5.06
C ALA C 87 -20.34 -9.32 -5.39
N VAL C 88 -21.34 -10.19 -5.50
CA VAL C 88 -22.72 -9.76 -5.69
C VAL C 88 -23.36 -9.70 -4.31
N ILE C 89 -23.60 -8.49 -3.82
CA ILE C 89 -24.11 -8.28 -2.47
C ILE C 89 -25.45 -7.58 -2.58
N PRO C 90 -26.55 -8.31 -2.76
CA PRO C 90 -27.85 -7.65 -3.00
C PRO C 90 -28.24 -6.66 -1.92
N TYR C 91 -27.99 -6.97 -0.66
CA TYR C 91 -28.16 -6.03 0.43
C TYR C 91 -26.81 -5.82 1.10
N PHE C 92 -26.35 -4.58 1.15
CA PHE C 92 -25.05 -4.22 1.71
C PHE C 92 -25.26 -3.76 3.14
N GLY C 93 -24.85 -4.60 4.09
CA GLY C 93 -24.97 -4.23 5.49
C GLY C 93 -23.95 -3.20 5.91
N TYR C 94 -24.24 -2.53 7.03
CA TYR C 94 -23.45 -1.45 7.61
C TYR C 94 -23.44 -0.20 6.74
N ALA C 95 -24.33 -0.10 5.76
CA ALA C 95 -24.32 1.06 4.88
C ALA C 95 -24.89 2.31 5.54
N ARG C 96 -25.59 2.17 6.67
CA ARG C 96 -26.14 3.34 7.36
C ARG C 96 -25.12 4.05 8.22
N GLN C 97 -23.98 3.43 8.49
CA GLN C 97 -22.89 4.07 9.24
C GLN C 97 -21.88 4.59 8.22
N ASP C 98 -22.17 5.76 7.67
CA ASP C 98 -21.45 6.27 6.51
C ASP C 98 -20.78 7.62 6.75
N ARG C 99 -20.81 8.14 7.96
CA ARG C 99 -20.16 9.42 8.27
C ARG C 99 -20.12 9.58 9.78
N ARG C 100 -19.44 10.64 10.23
CA ARG C 100 -19.40 11.03 11.63
C ARG C 100 -20.10 12.39 11.77
N VAL C 101 -21.33 12.38 12.26
CA VAL C 101 -22.06 13.63 12.42
C VAL C 101 -21.52 14.41 13.61
N ARG C 102 -21.17 15.67 13.36
CA ARG C 102 -20.64 16.56 14.40
C ARG C 102 -19.37 16.02 15.03
N SER C 103 -18.59 15.27 14.25
CA SER C 103 -17.34 14.67 14.71
C SER C 103 -17.56 13.82 15.95
N ALA C 104 -18.69 13.12 15.99
CA ALA C 104 -18.93 12.14 17.04
C ALA C 104 -17.91 11.03 16.94
N ARG C 105 -17.45 10.54 18.10
CA ARG C 105 -16.42 9.51 18.14
C ARG C 105 -17.05 8.15 17.82
N VAL C 106 -17.44 8.03 16.57
CA VAL C 106 -18.08 6.82 16.04
C VAL C 106 -17.25 6.36 14.86
N PRO C 107 -17.38 5.09 14.46
CA PRO C 107 -16.69 4.63 13.26
C PRO C 107 -17.48 4.98 12.00
N ILE C 108 -16.79 4.86 10.86
CA ILE C 108 -17.47 4.81 9.59
C ILE C 108 -17.37 3.37 9.12
N THR C 109 -18.36 2.56 9.49
CA THR C 109 -18.22 1.11 9.35
C THR C 109 -18.38 0.66 7.92
N ALA C 110 -19.11 1.41 7.10
CA ALA C 110 -19.21 1.09 5.68
C ALA C 110 -17.85 1.17 5.01
N LYS C 111 -17.03 2.17 5.39
CA LYS C 111 -15.68 2.27 4.89
C LYS C 111 -14.82 1.11 5.39
N VAL C 112 -15.02 0.68 6.63
CA VAL C 112 -14.29 -0.47 7.17
C VAL C 112 -14.59 -1.72 6.35
N VAL C 113 -15.87 -1.95 6.05
CA VAL C 113 -16.25 -3.12 5.27
C VAL C 113 -15.71 -3.04 3.85
N ALA C 114 -15.76 -1.85 3.25
CA ALA C 114 -15.19 -1.69 1.90
C ALA C 114 -13.69 -1.98 1.91
N ASP C 115 -12.99 -1.53 2.95
CA ASP C 115 -11.56 -1.81 3.06
C ASP C 115 -11.30 -3.30 3.23
N PHE C 116 -12.12 -4.00 4.03
CA PHE C 116 -11.95 -5.44 4.18
C PHE C 116 -12.12 -6.16 2.84
N LEU C 117 -13.17 -5.79 2.10
CA LEU C 117 -13.44 -6.41 0.81
C LEU C 117 -12.31 -6.14 -0.18
N SER C 118 -11.78 -4.92 -0.17
CA SER C 118 -10.65 -4.60 -1.04
C SER C 118 -9.40 -5.34 -0.62
N SER C 119 -9.23 -5.57 0.68
CA SER C 119 -8.02 -6.22 1.17
C SER C 119 -8.01 -7.70 0.83
N VAL C 120 -9.16 -8.38 0.89
CA VAL C 120 -9.13 -9.80 0.56
C VAL C 120 -9.00 -10.06 -0.93
N GLY C 121 -9.31 -9.08 -1.78
CA GLY C 121 -9.05 -9.22 -3.20
C GLY C 121 -10.26 -9.21 -4.11
N VAL C 122 -11.34 -8.55 -3.70
CA VAL C 122 -12.50 -8.40 -4.57
C VAL C 122 -12.16 -7.48 -5.73
N ASP C 123 -12.65 -7.82 -6.92
CA ASP C 123 -12.37 -7.05 -8.12
C ASP C 123 -13.54 -6.21 -8.61
N ARG C 124 -14.75 -6.49 -8.15
CA ARG C 124 -15.93 -5.73 -8.55
C ARG C 124 -17.04 -6.02 -7.55
N VAL C 125 -17.89 -5.03 -7.32
CA VAL C 125 -19.03 -5.16 -6.42
C VAL C 125 -20.30 -4.78 -7.17
N LEU C 126 -21.35 -5.58 -6.99
CA LEU C 126 -22.66 -5.31 -7.57
C LEU C 126 -23.69 -5.34 -6.45
N THR C 127 -24.38 -4.21 -6.23
CA THR C 127 -25.33 -4.07 -5.14
C THR C 127 -26.66 -3.57 -5.67
N VAL C 128 -27.65 -3.54 -4.79
CA VAL C 128 -28.99 -3.06 -5.11
C VAL C 128 -29.36 -1.98 -4.10
N ASP C 129 -29.58 -0.75 -4.59
CA ASP C 129 -30.12 0.35 -3.80
C ASP C 129 -29.30 0.58 -2.53
N LEU C 130 -28.05 1.00 -2.73
CA LEU C 130 -27.21 1.40 -1.62
C LEU C 130 -27.86 2.52 -0.84
N HIS C 131 -27.73 2.47 0.49
CA HIS C 131 -28.34 3.49 1.33
C HIS C 131 -27.82 4.88 1.00
N ALA C 132 -26.51 5.00 0.82
CA ALA C 132 -25.89 6.21 0.31
C ALA C 132 -25.13 5.87 -0.96
N GLU C 133 -25.40 6.61 -2.04
CA GLU C 133 -24.73 6.33 -3.30
C GLU C 133 -23.23 6.62 -3.24
N GLN C 134 -22.80 7.48 -2.33
CA GLN C 134 -21.39 7.82 -2.19
C GLN C 134 -20.54 6.67 -1.72
N ILE C 135 -21.15 5.57 -1.26
CA ILE C 135 -20.39 4.39 -0.89
C ILE C 135 -19.67 3.81 -2.10
N GLN C 136 -20.12 4.14 -3.31
CA GLN C 136 -19.37 3.80 -4.52
C GLN C 136 -17.93 4.32 -4.43
N GLY C 137 -17.74 5.48 -3.82
CA GLY C 137 -16.41 6.04 -3.65
C GLY C 137 -15.61 5.47 -2.50
N PHE C 138 -16.21 4.63 -1.66
CA PHE C 138 -15.45 3.97 -0.61
C PHE C 138 -14.56 2.87 -1.15
N PHE C 139 -14.74 2.46 -2.40
CA PHE C 139 -13.97 1.42 -3.04
C PHE C 139 -13.02 2.02 -4.08
N ASP C 140 -11.98 1.26 -4.41
CA ASP C 140 -11.18 1.53 -5.59
C ASP C 140 -11.68 0.80 -6.83
N VAL C 141 -12.40 -0.30 -6.65
CA VAL C 141 -12.86 -1.14 -7.73
C VAL C 141 -14.19 -0.62 -8.27
N PRO C 142 -14.59 -1.00 -9.48
CA PRO C 142 -15.94 -0.62 -9.96
C PRO C 142 -17.03 -1.14 -9.05
N VAL C 143 -18.01 -0.29 -8.76
CA VAL C 143 -19.17 -0.65 -7.97
C VAL C 143 -20.41 -0.25 -8.77
N ASP C 144 -21.27 -1.23 -9.06
CA ASP C 144 -22.48 -0.99 -9.83
C ASP C 144 -23.66 -1.02 -8.88
N ASN C 145 -24.28 0.14 -8.69
CA ASN C 145 -25.44 0.29 -7.80
C ASN C 145 -26.69 0.26 -8.67
N VAL C 146 -27.39 -0.87 -8.64
CA VAL C 146 -28.55 -1.10 -9.49
C VAL C 146 -29.80 -0.75 -8.70
N PHE C 147 -30.69 0.04 -9.30
CA PHE C 147 -31.93 0.43 -8.66
C PHE C 147 -32.97 -0.67 -8.80
N GLY C 148 -33.74 -0.87 -7.73
CA GLY C 148 -34.85 -1.79 -7.76
C GLY C 148 -36.17 -1.19 -8.19
N SER C 149 -36.16 0.08 -8.57
CA SER C 149 -37.35 0.84 -8.92
C SER C 149 -38.08 0.33 -10.16
N PRO C 150 -37.43 -0.28 -11.16
CA PRO C 150 -38.22 -0.86 -12.27
C PRO C 150 -39.25 -1.88 -11.81
N ILE C 151 -38.85 -2.83 -10.97
CA ILE C 151 -39.77 -3.88 -10.51
C ILE C 151 -40.89 -3.27 -9.69
N LEU C 152 -40.54 -2.39 -8.76
CA LEU C 152 -41.55 -1.79 -7.88
C LEU C 152 -42.51 -0.92 -8.67
N LEU C 153 -42.00 -0.19 -9.67
CA LEU C 153 -42.87 0.64 -10.50
C LEU C 153 -43.79 -0.21 -11.35
N GLU C 154 -43.28 -1.33 -11.89
CA GLU C 154 -44.14 -2.25 -12.61
C GLU C 154 -45.28 -2.76 -11.72
N ASP C 155 -44.97 -3.05 -10.46
CA ASP C 155 -46.02 -3.50 -9.55
C ASP C 155 -46.99 -2.35 -9.22
N MET C 156 -46.47 -1.13 -9.08
CA MET C 156 -47.33 0.01 -8.78
C MET C 156 -48.34 0.24 -9.88
N LEU C 157 -47.90 0.14 -11.13
CA LEU C 157 -48.77 0.46 -12.26
C LEU C 157 -49.88 -0.55 -12.47
N GLN C 158 -49.85 -1.69 -11.78
CA GLN C 158 -50.92 -2.67 -11.83
C GLN C 158 -51.87 -2.57 -10.65
N LEU C 159 -51.88 -1.44 -9.95
CA LEU C 159 -52.77 -1.24 -8.82
C LEU C 159 -53.98 -0.37 -9.15
N ASN C 160 -53.93 0.38 -10.25
CA ASN C 160 -54.99 1.29 -10.64
C ASN C 160 -55.31 2.27 -9.50
N LEU C 161 -54.30 3.06 -9.15
CA LEU C 161 -54.44 4.03 -8.09
C LEU C 161 -55.23 5.25 -8.56
N ASP C 162 -55.94 5.87 -7.63
CA ASP C 162 -56.79 7.01 -7.93
C ASP C 162 -56.01 8.29 -7.62
N ASN C 163 -55.44 8.89 -8.65
CA ASN C 163 -54.64 10.09 -8.53
C ASN C 163 -53.60 9.95 -7.42
N PRO C 164 -52.68 9.00 -7.54
CA PRO C 164 -51.79 8.69 -6.41
C PRO C 164 -50.79 9.80 -6.15
N ILE C 165 -50.35 9.86 -4.89
CA ILE C 165 -49.31 10.79 -4.47
C ILE C 165 -48.22 9.98 -3.79
N VAL C 166 -46.96 10.32 -4.08
CA VAL C 166 -45.81 9.57 -3.59
C VAL C 166 -45.27 10.28 -2.36
N VAL C 167 -45.16 9.55 -1.25
CA VAL C 167 -44.79 10.11 0.04
C VAL C 167 -43.51 9.43 0.53
N SER C 168 -42.57 10.23 1.01
CA SER C 168 -41.38 9.71 1.67
C SER C 168 -41.57 9.71 3.17
N PRO C 169 -41.40 8.59 3.86
CA PRO C 169 -41.64 8.55 5.30
C PRO C 169 -40.69 9.41 6.12
N ASP C 170 -39.56 9.84 5.57
CA ASP C 170 -38.66 10.72 6.29
C ASP C 170 -37.98 11.65 5.30
N ILE C 171 -37.09 12.50 5.82
CA ILE C 171 -36.42 13.50 4.99
C ILE C 171 -35.29 12.89 4.19
N GLY C 172 -34.71 11.78 4.65
CA GLY C 172 -33.63 11.15 3.93
C GLY C 172 -34.06 10.46 2.65
N GLY C 173 -35.35 10.19 2.48
CA GLY C 173 -35.86 9.52 1.30
C GLY C 173 -36.50 10.42 0.26
N VAL C 174 -36.33 11.73 0.36
CA VAL C 174 -37.03 12.64 -0.53
C VAL C 174 -36.55 12.49 -1.96
N VAL C 175 -35.24 12.32 -2.16
CA VAL C 175 -34.70 12.18 -3.52
C VAL C 175 -35.25 10.94 -4.21
N ARG C 176 -35.25 9.82 -3.49
CA ARG C 176 -35.78 8.58 -4.06
C ARG C 176 -37.28 8.69 -4.32
N ALA C 177 -38.02 9.32 -3.39
CA ALA C 177 -39.45 9.49 -3.59
C ALA C 177 -39.74 10.35 -4.81
N ARG C 178 -38.94 11.41 -5.02
CA ARG C 178 -39.12 12.25 -6.19
C ARG C 178 -38.83 11.50 -7.47
N ALA C 179 -37.79 10.66 -7.48
CA ALA C 179 -37.51 9.85 -8.67
C ALA C 179 -38.68 8.93 -8.98
N ILE C 180 -39.20 8.26 -7.95
CA ILE C 180 -40.35 7.37 -8.16
C ILE C 180 -41.56 8.16 -8.66
N ALA C 181 -41.79 9.33 -8.10
CA ALA C 181 -42.93 10.15 -8.52
C ALA C 181 -42.81 10.57 -9.97
N LYS C 182 -41.60 10.96 -10.40
CA LYS C 182 -41.41 11.32 -11.80
C LYS C 182 -41.60 10.11 -12.71
N LEU C 183 -41.25 8.91 -12.22
CA LEU C 183 -41.50 7.73 -13.03
C LEU C 183 -42.96 7.31 -13.05
N LEU C 184 -43.75 7.70 -12.05
CA LEU C 184 -45.12 7.21 -11.91
C LEU C 184 -46.09 8.23 -12.51
N ASN C 185 -46.04 8.33 -13.83
CA ASN C 185 -46.87 9.25 -14.61
C ASN C 185 -46.70 10.71 -14.16
N ASP C 186 -45.56 11.04 -13.57
CA ASP C 186 -45.24 12.41 -13.17
C ASP C 186 -46.28 12.97 -12.19
N THR C 187 -46.53 12.21 -11.13
CA THR C 187 -47.51 12.62 -10.12
C THR C 187 -46.88 13.62 -9.15
N ASP C 188 -47.60 13.92 -8.09
CA ASP C 188 -47.13 14.83 -7.05
C ASP C 188 -46.40 14.06 -5.96
N MET C 189 -45.70 14.79 -5.10
CA MET C 189 -45.00 14.17 -3.98
C MET C 189 -45.26 14.97 -2.71
N ALA C 190 -45.32 14.27 -1.59
CA ALA C 190 -45.49 14.87 -0.28
C ALA C 190 -44.38 14.37 0.64
N ILE C 191 -44.09 15.15 1.68
CA ILE C 191 -42.96 14.88 2.55
C ILE C 191 -43.43 14.86 4.00
N ILE C 192 -43.04 13.82 4.72
CA ILE C 192 -43.33 13.70 6.15
C ILE C 192 -42.21 14.36 6.93
N ASP C 193 -42.55 15.37 7.73
CA ASP C 193 -41.60 16.11 8.54
C ASP C 193 -41.89 15.83 10.01
N LYS C 194 -40.89 15.34 10.73
CA LYS C 194 -41.03 14.96 12.12
C LYS C 194 -40.26 15.92 13.01
N ARG C 195 -40.94 16.43 14.04
CA ARG C 195 -40.35 17.42 14.93
C ARG C 195 -40.50 16.96 16.37
N ARG C 196 -39.62 17.48 17.23
CA ARG C 196 -39.63 17.21 18.67
C ARG C 196 -39.51 15.72 18.96
N GLN C 203 -42.87 15.03 18.85
CA GLN C 203 -43.28 13.67 18.53
C GLN C 203 -44.38 13.66 17.49
N VAL C 204 -44.69 14.83 16.97
CA VAL C 204 -45.76 14.98 15.99
C VAL C 204 -45.17 14.89 14.59
N MET C 205 -45.99 14.46 13.64
CA MET C 205 -45.59 14.31 12.25
C MET C 205 -46.28 15.39 11.43
N HIS C 206 -45.49 16.24 10.78
CA HIS C 206 -45.99 17.29 9.91
C HIS C 206 -45.91 16.82 8.47
N ILE C 207 -46.99 17.01 7.72
CA ILE C 207 -47.06 16.63 6.32
C ILE C 207 -47.00 17.89 5.47
N ILE C 208 -46.04 17.95 4.57
CA ILE C 208 -45.91 19.05 3.61
C ILE C 208 -46.46 18.55 2.29
N GLY C 209 -47.55 19.16 1.83
CA GLY C 209 -48.24 18.68 0.64
C GLY C 209 -49.66 18.25 0.96
N ASP C 210 -50.49 18.14 -0.07
CA ASP C 210 -51.90 17.83 0.12
C ASP C 210 -52.16 16.36 -0.18
N VAL C 211 -52.76 15.67 0.78
CA VAL C 211 -53.06 14.24 0.66
C VAL C 211 -54.55 13.97 0.84
N ALA C 212 -55.37 15.00 0.91
CA ALA C 212 -56.80 14.82 1.17
C ALA C 212 -57.47 14.11 0.01
N GLY C 213 -58.05 12.93 0.29
CA GLY C 213 -58.77 12.19 -0.73
C GLY C 213 -57.92 11.69 -1.87
N ARG C 214 -56.73 11.17 -1.58
CA ARG C 214 -55.87 10.61 -2.60
C ARG C 214 -55.25 9.32 -2.07
N ASP C 215 -54.85 8.46 -3.00
CA ASP C 215 -54.12 7.25 -2.64
C ASP C 215 -52.65 7.61 -2.40
N CYS C 216 -52.09 7.09 -1.31
CA CYS C 216 -50.73 7.42 -0.91
C CYS C 216 -49.84 6.20 -1.07
N VAL C 217 -48.69 6.38 -1.71
CA VAL C 217 -47.69 5.33 -1.88
C VAL C 217 -46.46 5.76 -1.10
N LEU C 218 -46.21 5.10 0.03
CA LEU C 218 -44.98 5.34 0.77
C LEU C 218 -43.85 4.54 0.15
N VAL C 219 -42.75 5.21 -0.18
CA VAL C 219 -41.61 4.58 -0.82
C VAL C 219 -40.39 4.77 0.07
N ASP C 220 -39.63 3.69 0.28
CA ASP C 220 -38.43 3.75 1.08
C ASP C 220 -37.43 2.75 0.52
N ASP C 221 -36.17 2.92 0.90
CA ASP C 221 -35.16 1.94 0.52
C ASP C 221 -35.24 0.68 1.36
N MET C 222 -35.68 0.78 2.62
CA MET C 222 -35.71 -0.37 3.50
C MET C 222 -36.82 -0.18 4.53
N ILE C 223 -37.18 -1.27 5.18
CA ILE C 223 -38.09 -1.26 6.32
C ILE C 223 -37.37 -2.02 7.44
N ASP C 224 -36.82 -1.28 8.41
CA ASP C 224 -36.07 -1.94 9.49
C ASP C 224 -36.99 -2.41 10.60
N THR C 225 -37.67 -1.49 11.28
CA THR C 225 -38.59 -1.84 12.35
C THR C 225 -40.04 -1.53 12.03
N GLY C 226 -40.30 -0.63 11.08
CA GLY C 226 -41.65 -0.28 10.71
C GLY C 226 -42.31 0.73 11.61
N GLY C 227 -41.62 1.22 12.65
CA GLY C 227 -42.24 2.19 13.53
C GLY C 227 -42.55 3.49 12.84
N THR C 228 -41.56 4.06 12.16
CA THR C 228 -41.78 5.32 11.46
C THR C 228 -42.71 5.13 10.27
N LEU C 229 -42.68 3.97 9.62
CA LEU C 229 -43.58 3.71 8.51
C LEU C 229 -45.03 3.66 8.98
N CYS C 230 -45.27 2.95 10.09
CA CYS C 230 -46.62 2.88 10.63
C CYS C 230 -47.10 4.24 11.12
N LYS C 231 -46.22 5.00 11.74
CA LYS C 231 -46.59 6.34 12.18
C LYS C 231 -46.93 7.24 11.00
N ALA C 232 -46.15 7.16 9.92
CA ALA C 232 -46.43 7.96 8.73
C ALA C 232 -47.75 7.57 8.11
N ALA C 233 -48.04 6.26 8.04
CA ALA C 233 -49.32 5.82 7.51
C ALA C 233 -50.47 6.31 8.37
N GLU C 234 -50.30 6.28 9.69
CA GLU C 234 -51.34 6.77 10.59
C GLU C 234 -51.60 8.25 10.37
N ALA C 235 -50.54 9.05 10.24
CA ALA C 235 -50.72 10.48 10.00
C ALA C 235 -51.38 10.73 8.66
N LEU C 236 -50.97 10.00 7.61
CA LEU C 236 -51.56 10.18 6.30
C LEU C 236 -53.05 9.86 6.30
N LYS C 237 -53.43 8.78 6.98
CA LYS C 237 -54.85 8.46 7.06
C LYS C 237 -55.61 9.45 7.94
N GLU C 238 -54.94 10.05 8.92
CA GLU C 238 -55.63 11.02 9.75
C GLU C 238 -55.89 12.31 8.98
N ARG C 239 -55.00 12.67 8.05
CA ARG C 239 -55.23 13.82 7.17
C ARG C 239 -56.08 13.45 5.97
N GLY C 240 -56.82 12.36 6.03
CA GLY C 240 -57.77 12.02 4.99
C GLY C 240 -57.17 11.48 3.71
N ALA C 241 -56.55 10.30 3.79
CA ALA C 241 -56.06 9.59 2.62
C ALA C 241 -56.85 8.30 2.47
N LYS C 242 -57.17 7.94 1.22
CA LYS C 242 -58.02 6.78 0.99
C LYS C 242 -57.30 5.49 1.36
N ARG C 243 -56.22 5.18 0.66
CA ARG C 243 -55.47 3.95 0.86
C ARG C 243 -53.99 4.27 0.95
N VAL C 244 -53.28 3.48 1.74
CA VAL C 244 -51.85 3.65 1.94
C VAL C 244 -51.14 2.37 1.54
N PHE C 245 -50.16 2.48 0.66
CA PHE C 245 -49.33 1.36 0.23
C PHE C 245 -47.88 1.67 0.57
N ALA C 246 -47.15 0.66 1.03
CA ALA C 246 -45.75 0.79 1.38
C ALA C 246 -44.92 -0.05 0.42
N TYR C 247 -43.95 0.59 -0.23
CA TYR C 247 -43.05 -0.07 -1.16
C TYR C 247 -41.62 0.14 -0.68
N ALA C 248 -40.86 -0.96 -0.58
CA ALA C 248 -39.47 -0.87 -0.17
C ALA C 248 -38.69 -1.93 -0.92
N THR C 249 -37.36 -1.77 -0.92
CA THR C 249 -36.49 -2.74 -1.56
C THR C 249 -35.94 -3.76 -0.59
N HIS C 250 -35.48 -3.34 0.58
CA HIS C 250 -34.82 -4.24 1.52
C HIS C 250 -35.74 -4.54 2.69
N PRO C 251 -36.21 -5.78 2.84
CA PRO C 251 -37.07 -6.16 3.98
C PRO C 251 -36.28 -6.64 5.20
N ILE C 252 -35.72 -5.68 5.94
CA ILE C 252 -34.93 -6.04 7.12
C ILE C 252 -35.81 -6.62 8.21
N PHE C 253 -36.89 -5.92 8.53
CA PHE C 253 -37.93 -6.40 9.46
C PHE C 253 -37.34 -6.90 10.78
N SER C 254 -36.68 -6.00 11.48
CA SER C 254 -36.03 -6.33 12.74
C SER C 254 -36.87 -5.86 13.92
N GLY C 255 -36.56 -6.43 15.10
CA GLY C 255 -37.24 -6.06 16.31
C GLY C 255 -38.71 -6.45 16.34
N ASN C 256 -39.58 -5.47 16.54
CA ASN C 256 -41.01 -5.68 16.64
C ASN C 256 -41.73 -5.39 15.33
N ALA C 257 -41.09 -5.68 14.19
CA ALA C 257 -41.65 -5.29 12.90
C ALA C 257 -42.95 -6.00 12.59
N ALA C 258 -43.05 -7.28 12.94
CA ALA C 258 -44.25 -8.05 12.60
C ALA C 258 -45.47 -7.52 13.34
N ASN C 259 -45.32 -7.22 14.63
CA ASN C 259 -46.45 -6.67 15.38
C ASN C 259 -46.79 -5.26 14.92
N ASN C 260 -45.78 -4.46 14.56
CA ASN C 260 -46.04 -3.12 14.05
C ASN C 260 -46.83 -3.19 12.75
N LEU C 261 -46.47 -4.11 11.87
CA LEU C 261 -47.15 -4.22 10.58
C LEU C 261 -48.53 -4.85 10.73
N ARG C 262 -48.70 -5.72 11.72
CA ARG C 262 -50.00 -6.36 11.92
C ARG C 262 -51.03 -5.35 12.41
N ASN C 263 -50.68 -4.54 13.40
CA ASN C 263 -51.59 -3.52 13.95
C ASN C 263 -51.37 -2.17 13.27
N SER C 264 -51.44 -2.14 11.96
CA SER C 264 -51.20 -0.92 11.20
C SER C 264 -52.32 -0.70 10.21
N VAL C 265 -52.37 0.51 9.65
CA VAL C 265 -53.41 0.91 8.72
C VAL C 265 -52.94 0.80 7.27
N ILE C 266 -51.82 0.13 7.04
CA ILE C 266 -51.28 -0.01 5.68
C ILE C 266 -52.02 -1.14 4.96
N ASP C 267 -52.48 -0.86 3.76
CA ASP C 267 -53.25 -1.85 3.01
C ASP C 267 -52.37 -2.93 2.39
N GLU C 268 -51.16 -2.59 1.98
CA GLU C 268 -50.28 -3.54 1.32
C GLU C 268 -48.84 -3.12 1.53
N VAL C 269 -47.99 -4.09 1.84
CA VAL C 269 -46.55 -3.89 1.95
C VAL C 269 -45.89 -4.76 0.88
N VAL C 270 -45.16 -4.13 -0.03
CA VAL C 270 -44.50 -4.82 -1.13
C VAL C 270 -43.00 -4.59 -1.01
N VAL C 271 -42.24 -5.68 -0.98
CA VAL C 271 -40.79 -5.63 -0.83
C VAL C 271 -40.15 -6.54 -1.86
N CYS C 272 -38.85 -6.35 -2.05
CA CYS C 272 -38.07 -7.23 -2.93
C CYS C 272 -37.52 -8.39 -2.11
N ASP C 273 -36.66 -9.21 -2.71
CA ASP C 273 -36.19 -10.43 -2.07
C ASP C 273 -34.68 -10.41 -1.80
N THR C 274 -34.12 -9.23 -1.52
CA THR C 274 -32.70 -9.15 -1.20
C THR C 274 -32.38 -9.78 0.14
N ILE C 275 -33.37 -9.92 1.02
CA ILE C 275 -33.21 -10.55 2.32
C ILE C 275 -34.33 -11.57 2.48
N PRO C 276 -34.03 -12.81 2.87
CA PRO C 276 -35.11 -13.79 3.09
C PRO C 276 -36.04 -13.36 4.22
N LEU C 277 -37.33 -13.63 4.03
CA LEU C 277 -38.32 -13.31 5.04
C LEU C 277 -38.39 -14.41 6.09
N SER C 278 -38.77 -14.02 7.30
CA SER C 278 -38.99 -14.99 8.37
C SER C 278 -40.39 -15.58 8.25
N ASP C 279 -40.62 -16.65 9.01
CA ASP C 279 -41.96 -17.23 9.08
C ASP C 279 -42.94 -16.26 9.73
N GLU C 280 -42.46 -15.51 10.72
CA GLU C 280 -43.27 -14.49 11.37
C GLU C 280 -43.83 -13.51 10.35
N ILE C 281 -42.98 -12.98 9.47
CA ILE C 281 -43.43 -12.02 8.47
C ILE C 281 -44.25 -12.70 7.38
N LYS C 282 -43.82 -13.88 6.94
CA LYS C 282 -44.54 -14.58 5.88
C LYS C 282 -45.96 -14.98 6.29
N SER C 283 -46.22 -15.12 7.59
CA SER C 283 -47.58 -15.40 8.03
C SER C 283 -48.52 -14.22 7.83
N LEU C 284 -47.97 -12.99 7.73
CA LEU C 284 -48.81 -11.81 7.59
C LEU C 284 -49.56 -11.86 6.26
N PRO C 285 -50.84 -11.45 6.23
CA PRO C 285 -51.62 -11.56 5.00
C PRO C 285 -51.40 -10.42 4.02
N ASN C 286 -50.87 -9.29 4.45
CA ASN C 286 -50.73 -8.12 3.58
C ASN C 286 -49.26 -7.75 3.34
N VAL C 287 -48.39 -8.75 3.21
CA VAL C 287 -47.01 -8.54 2.84
C VAL C 287 -46.73 -9.38 1.60
N ARG C 288 -46.28 -8.71 0.54
CA ARG C 288 -46.06 -9.34 -0.75
C ARG C 288 -44.62 -9.12 -1.20
N THR C 289 -44.07 -10.13 -1.88
CA THR C 289 -42.67 -10.12 -2.27
C THR C 289 -42.54 -10.15 -3.79
N LEU C 290 -41.66 -9.29 -4.30
CA LEU C 290 -41.25 -9.30 -5.69
C LEU C 290 -39.84 -9.86 -5.79
N THR C 291 -39.49 -10.38 -6.96
CA THR C 291 -38.19 -11.02 -7.15
C THR C 291 -37.27 -10.13 -7.98
N LEU C 292 -36.00 -10.13 -7.59
CA LEU C 292 -34.96 -9.40 -8.31
C LEU C 292 -34.02 -10.35 -9.05
N SER C 293 -34.36 -11.63 -9.11
CA SER C 293 -33.44 -12.62 -9.68
C SER C 293 -33.19 -12.36 -11.16
N GLY C 294 -34.23 -11.95 -11.90
CA GLY C 294 -34.03 -11.68 -13.32
C GLY C 294 -33.11 -10.50 -13.57
N MET C 295 -33.29 -9.42 -12.80
CA MET C 295 -32.47 -8.24 -12.98
C MET C 295 -31.02 -8.50 -12.60
N LEU C 296 -30.80 -9.20 -11.49
CA LEU C 296 -29.44 -9.54 -11.08
C LEU C 296 -28.80 -10.51 -12.05
N ALA C 297 -29.57 -11.46 -12.58
CA ALA C 297 -29.03 -12.39 -13.57
C ALA C 297 -28.61 -11.66 -14.83
N GLU C 298 -29.42 -10.69 -15.27
CA GLU C 298 -29.04 -9.92 -16.45
C GLU C 298 -27.79 -9.08 -16.19
N ALA C 299 -27.68 -8.49 -15.00
CA ALA C 299 -26.47 -7.74 -14.66
C ALA C 299 -25.24 -8.63 -14.65
N ILE C 300 -25.35 -9.82 -14.08
CA ILE C 300 -24.23 -10.75 -14.06
C ILE C 300 -23.86 -11.16 -15.48
N ARG C 301 -24.87 -11.39 -16.32
CA ARG C 301 -24.62 -11.74 -17.71
C ARG C 301 -23.85 -10.64 -18.43
N ARG C 302 -24.25 -9.39 -18.22
CA ARG C 302 -23.57 -8.29 -18.90
C ARG C 302 -22.16 -8.10 -18.38
N ILE C 303 -21.94 -8.26 -17.08
CA ILE C 303 -20.59 -8.13 -16.54
C ILE C 303 -19.70 -9.24 -17.10
N SER C 304 -20.21 -10.46 -17.16
CA SER C 304 -19.41 -11.60 -17.60
C SER C 304 -19.01 -11.48 -19.07
N ASN C 305 -19.91 -10.97 -19.91
CA ASN C 305 -19.66 -10.89 -21.34
C ASN C 305 -19.05 -9.58 -21.78
N GLU C 306 -18.69 -8.70 -20.84
CA GLU C 306 -18.03 -7.43 -21.13
C GLU C 306 -18.93 -6.52 -21.96
N GLU C 307 -20.22 -6.55 -21.68
CA GLU C 307 -21.18 -5.67 -22.32
C GLU C 307 -21.42 -4.44 -21.46
N SER C 308 -22.05 -3.44 -22.06
CA SER C 308 -22.39 -2.22 -21.33
C SER C 308 -23.41 -2.50 -20.24
N ILE C 309 -23.19 -1.94 -19.06
CA ILE C 309 -24.09 -2.12 -17.93
C ILE C 309 -25.15 -1.04 -17.85
N SER C 310 -25.03 0.03 -18.66
CA SER C 310 -26.00 1.12 -18.63
C SER C 310 -27.39 0.70 -19.07
N ALA C 311 -27.53 -0.42 -19.77
CA ALA C 311 -28.83 -0.89 -20.21
C ALA C 311 -29.72 -1.34 -19.06
N MET C 312 -29.17 -1.48 -17.86
CA MET C 312 -29.91 -1.98 -16.71
C MET C 312 -30.75 -0.91 -16.04
N PHE C 313 -30.69 0.34 -16.50
CA PHE C 313 -31.32 1.47 -15.82
C PHE C 313 -32.45 2.06 -16.65
N GLU C 314 -33.23 1.19 -17.31
CA GLU C 314 -34.38 1.61 -18.10
C GLU C 314 -35.64 0.95 -17.56
N HIS C 315 -36.75 1.65 -17.70
CA HIS C 315 -38.03 1.15 -17.21
C HIS C 315 -38.96 0.80 -18.38
N ASP D 3 -0.62 9.09 29.25
CA ASP D 3 -2.07 8.89 29.29
C ASP D 3 -2.48 7.49 28.85
N MET D 4 -2.50 6.56 29.79
CA MET D 4 -2.94 5.19 29.52
C MET D 4 -4.44 5.10 29.73
N LYS D 5 -5.15 4.65 28.71
CA LYS D 5 -6.60 4.45 28.76
C LYS D 5 -6.91 3.02 28.40
N LEU D 6 -7.76 2.38 29.19
CA LEU D 6 -8.18 1.00 28.95
C LEU D 6 -9.61 0.99 28.45
N PHE D 7 -9.87 0.21 27.43
CA PHE D 7 -11.22 0.00 26.91
C PHE D 7 -11.48 -1.49 26.81
N ALA D 8 -12.73 -1.87 26.97
CA ALA D 8 -13.12 -3.27 26.95
C ALA D 8 -14.31 -3.47 26.02
N GLY D 9 -14.34 -4.63 25.40
CA GLY D 9 -15.51 -5.08 24.65
C GLY D 9 -16.44 -5.90 25.52
N ASN D 10 -17.33 -6.62 24.86
CA ASN D 10 -18.27 -7.48 25.56
C ASN D 10 -17.80 -8.92 25.65
N ALA D 11 -16.60 -9.24 25.16
CA ALA D 11 -16.13 -10.61 25.18
C ALA D 11 -15.60 -11.02 26.54
N THR D 12 -14.70 -10.22 27.12
CA THR D 12 -14.08 -10.52 28.41
C THR D 12 -14.16 -9.29 29.32
N PRO D 13 -15.35 -8.94 29.79
CA PRO D 13 -15.46 -7.74 30.64
C PRO D 13 -14.90 -7.94 32.05
N GLU D 14 -15.06 -9.12 32.64
CA GLU D 14 -14.57 -9.32 34.00
C GLU D 14 -13.04 -9.40 34.04
N LEU D 15 -12.43 -10.03 33.03
CA LEU D 15 -10.97 -10.03 32.95
C LEU D 15 -10.44 -8.62 32.78
N ALA D 16 -11.11 -7.82 31.96
CA ALA D 16 -10.71 -6.44 31.78
C ALA D 16 -10.84 -5.65 33.07
N GLN D 17 -11.89 -5.90 33.84
CA GLN D 17 -12.06 -5.23 35.12
C GLN D 17 -10.95 -5.63 36.10
N ARG D 18 -10.58 -6.91 36.12
CA ARG D 18 -9.48 -7.35 36.99
C ARG D 18 -8.17 -6.68 36.59
N ILE D 19 -7.90 -6.60 35.29
CA ILE D 19 -6.68 -5.96 34.82
C ILE D 19 -6.68 -4.48 35.21
N ALA D 20 -7.82 -3.81 35.05
CA ALA D 20 -7.92 -2.41 35.43
C ALA D 20 -7.70 -2.24 36.93
N ASN D 21 -8.21 -3.17 37.74
CA ASN D 21 -7.98 -3.11 39.18
C ASN D 21 -6.49 -3.23 39.50
N ARG D 22 -5.80 -4.14 38.81
CA ARG D 22 -4.38 -4.30 39.11
C ARG D 22 -3.53 -3.15 38.62
N LEU D 23 -4.02 -2.35 37.67
CA LEU D 23 -3.32 -1.16 37.22
C LEU D 23 -3.76 0.07 37.99
N TYR D 24 -4.66 -0.08 38.96
CA TYR D 24 -5.18 1.01 39.78
C TYR D 24 -5.75 2.13 38.91
N THR D 25 -6.45 1.75 37.85
CA THR D 25 -7.20 2.70 37.04
C THR D 25 -8.62 2.19 36.86
N SER D 26 -9.40 2.82 36.00
CA SER D 26 -10.73 2.36 35.68
C SER D 26 -10.88 2.29 34.17
N LEU D 27 -11.81 1.45 33.72
CA LEU D 27 -12.03 1.27 32.31
C LEU D 27 -12.58 2.54 31.68
N GLY D 28 -12.14 2.83 30.47
CA GLY D 28 -12.63 4.00 29.76
C GLY D 28 -14.09 3.87 29.40
N ASP D 29 -14.73 5.02 29.23
CA ASP D 29 -16.18 5.06 29.04
C ASP D 29 -16.48 5.01 27.56
N ALA D 30 -17.09 3.91 27.11
CA ALA D 30 -17.45 3.73 25.71
C ALA D 30 -18.69 2.86 25.64
N ALA D 31 -19.65 3.28 24.83
CA ALA D 31 -20.89 2.53 24.62
C ALA D 31 -20.67 1.55 23.46
N VAL D 32 -20.67 0.27 23.77
CA VAL D 32 -20.41 -0.78 22.79
C VAL D 32 -21.55 -1.79 22.88
N GLY D 33 -22.43 -1.78 21.90
CA GLY D 33 -23.58 -2.66 21.89
C GLY D 33 -23.99 -3.02 20.48
N ARG D 34 -25.28 -3.24 20.30
CA ARG D 34 -25.84 -3.65 19.03
C ARG D 34 -26.96 -2.73 18.62
N PHE D 35 -27.14 -2.57 17.31
CA PHE D 35 -28.32 -1.92 16.77
C PHE D 35 -29.47 -2.92 16.77
N SER D 36 -30.63 -2.48 16.32
CA SER D 36 -31.82 -3.33 16.35
C SER D 36 -31.63 -4.58 15.48
N ASP D 37 -31.03 -4.42 14.31
CA ASP D 37 -30.85 -5.53 13.39
C ASP D 37 -29.61 -6.38 13.68
N GLY D 38 -28.83 -6.03 14.70
CA GLY D 38 -27.71 -6.84 15.11
C GLY D 38 -26.35 -6.34 14.68
N GLU D 39 -26.27 -5.18 14.06
CA GLU D 39 -24.98 -4.61 13.70
C GLU D 39 -24.33 -3.95 14.90
N VAL D 40 -23.00 -4.00 14.94
CA VAL D 40 -22.24 -3.49 16.08
C VAL D 40 -22.36 -1.97 16.13
N SER D 41 -22.61 -1.45 17.33
CA SER D 41 -22.70 -0.02 17.57
C SER D 41 -21.60 0.37 18.56
N VAL D 42 -20.86 1.43 18.23
CA VAL D 42 -19.73 1.87 19.05
C VAL D 42 -19.77 3.39 19.15
N GLN D 43 -19.58 3.91 20.35
CA GLN D 43 -19.35 5.33 20.54
C GLN D 43 -18.37 5.54 21.68
N ILE D 44 -17.28 6.25 21.42
CA ILE D 44 -16.32 6.60 22.45
C ILE D 44 -16.81 7.85 23.15
N ASN D 45 -16.99 7.78 24.46
CA ASN D 45 -17.61 8.85 25.22
C ASN D 45 -16.60 9.65 26.04
N GLU D 46 -15.37 9.74 25.58
CA GLU D 46 -14.38 10.57 26.25
C GLU D 46 -13.27 10.94 25.27
N ASN D 47 -12.54 11.99 25.62
CA ASN D 47 -11.45 12.48 24.78
C ASN D 47 -10.28 11.49 24.80
N VAL D 48 -9.80 11.11 23.62
CA VAL D 48 -8.70 10.16 23.51
C VAL D 48 -7.60 10.72 22.64
N ARG D 49 -7.67 12.01 22.33
CA ARG D 49 -6.71 12.62 21.42
C ARG D 49 -5.29 12.52 21.96
N GLY D 50 -4.42 11.88 21.18
CA GLY D 50 -3.03 11.73 21.57
C GLY D 50 -2.77 10.70 22.64
N GLY D 51 -3.78 9.96 23.07
CA GLY D 51 -3.62 9.03 24.17
C GLY D 51 -2.97 7.72 23.77
N ASP D 52 -2.68 6.92 24.78
CA ASP D 52 -2.05 5.62 24.62
C ASP D 52 -3.09 4.57 25.02
N ILE D 53 -3.77 4.01 24.03
CA ILE D 53 -5.00 3.27 24.22
C ILE D 53 -4.72 1.77 24.21
N PHE D 54 -5.31 1.05 25.16
CA PHE D 54 -5.28 -0.41 25.18
C PHE D 54 -6.71 -0.92 25.11
N ILE D 55 -6.97 -1.83 24.18
CA ILE D 55 -8.27 -2.48 24.04
C ILE D 55 -8.12 -3.93 24.45
N ILE D 56 -8.91 -4.35 25.43
CA ILE D 56 -8.87 -5.71 25.93
C ILE D 56 -10.09 -6.44 25.41
N GLN D 57 -9.87 -7.41 24.52
CA GLN D 57 -10.97 -8.23 24.05
C GLN D 57 -10.47 -9.50 23.37
N SER D 58 -10.96 -10.66 23.83
CA SER D 58 -10.70 -11.91 23.16
C SER D 58 -11.64 -12.09 21.98
N THR D 59 -11.15 -12.73 20.93
CA THR D 59 -12.00 -13.07 19.79
C THR D 59 -12.51 -14.50 19.93
N CYS D 60 -13.21 -14.73 21.04
CA CYS D 60 -13.80 -16.01 21.37
C CYS D 60 -15.27 -16.02 20.99
N ALA D 61 -15.91 -17.17 21.18
CA ALA D 61 -17.29 -17.37 20.72
C ALA D 61 -18.25 -16.44 21.45
N PRO D 62 -19.18 -15.77 20.75
CA PRO D 62 -19.35 -15.73 19.28
C PRO D 62 -18.23 -14.99 18.57
N THR D 63 -17.45 -15.73 17.78
CA THR D 63 -16.18 -15.21 17.30
C THR D 63 -16.34 -14.00 16.40
N ASN D 64 -17.26 -14.08 15.45
CA ASN D 64 -17.34 -13.03 14.43
C ASN D 64 -17.85 -11.72 15.02
N ASP D 65 -18.81 -11.80 15.94
CA ASP D 65 -19.28 -10.58 16.61
C ASP D 65 -18.18 -9.92 17.41
N ASN D 66 -17.39 -10.72 18.15
CA ASN D 66 -16.31 -10.17 18.95
C ASN D 66 -15.23 -9.54 18.07
N LEU D 67 -14.88 -10.21 16.97
CA LEU D 67 -13.89 -9.66 16.04
C LEU D 67 -14.37 -8.35 15.42
N MET D 68 -15.64 -8.31 14.99
CA MET D 68 -16.16 -7.08 14.41
C MET D 68 -16.19 -5.97 15.45
N GLU D 69 -16.54 -6.31 16.70
CA GLU D 69 -16.51 -5.34 17.78
C GLU D 69 -15.12 -4.73 17.93
N LEU D 70 -14.09 -5.58 17.91
CA LEU D 70 -12.73 -5.09 18.08
C LEU D 70 -12.31 -4.18 16.93
N VAL D 71 -12.55 -4.60 15.68
CA VAL D 71 -12.09 -3.80 14.56
C VAL D 71 -12.86 -2.48 14.48
N VAL D 72 -14.16 -2.50 14.82
CA VAL D 72 -14.95 -1.28 14.79
C VAL D 72 -14.51 -0.32 15.88
N MET D 73 -14.16 -0.83 17.07
CA MET D 73 -13.57 0.01 18.10
C MET D 73 -12.29 0.66 17.63
N VAL D 74 -11.42 -0.12 16.98
CA VAL D 74 -10.15 0.43 16.53
C VAL D 74 -10.37 1.53 15.50
N ASP D 75 -11.30 1.33 14.58
CA ASP D 75 -11.59 2.37 13.58
C ASP D 75 -12.12 3.64 14.26
N ALA D 76 -13.04 3.47 15.22
CA ALA D 76 -13.58 4.63 15.91
C ALA D 76 -12.51 5.40 16.66
N LEU D 77 -11.60 4.68 17.33
CA LEU D 77 -10.53 5.34 18.06
C LEU D 77 -9.54 6.02 17.13
N ARG D 78 -9.24 5.39 15.99
CA ARG D 78 -8.28 5.98 15.05
C ARG D 78 -8.83 7.26 14.42
N ARG D 79 -10.12 7.27 14.09
CA ARG D 79 -10.68 8.50 13.53
C ARG D 79 -10.85 9.58 14.59
N ALA D 80 -10.84 9.23 15.87
CA ALA D 80 -10.90 10.21 16.95
C ALA D 80 -9.51 10.67 17.38
N SER D 81 -8.49 10.43 16.56
CA SER D 81 -7.15 10.97 16.74
C SER D 81 -6.44 10.39 17.96
N ALA D 82 -6.61 9.10 18.20
CA ALA D 82 -5.84 8.44 19.24
C ALA D 82 -4.37 8.38 18.84
N GLY D 83 -3.50 8.32 19.85
CA GLY D 83 -2.07 8.31 19.59
C GLY D 83 -1.55 6.95 19.16
N ARG D 84 -1.66 5.97 20.05
CA ARG D 84 -1.18 4.62 19.81
C ARG D 84 -2.25 3.66 20.30
N ILE D 85 -2.54 2.63 19.51
CA ILE D 85 -3.58 1.66 19.84
C ILE D 85 -2.95 0.29 19.95
N THR D 86 -3.04 -0.31 21.13
CA THR D 86 -2.59 -1.67 21.38
C THR D 86 -3.79 -2.58 21.57
N ALA D 87 -3.87 -3.64 20.79
CA ALA D 87 -4.94 -4.62 20.93
C ALA D 87 -4.45 -5.73 21.84
N VAL D 88 -5.05 -5.85 23.02
CA VAL D 88 -4.77 -6.94 23.93
C VAL D 88 -5.80 -8.02 23.67
N ILE D 89 -5.38 -9.12 23.05
CA ILE D 89 -6.28 -10.18 22.64
C ILE D 89 -5.87 -11.45 23.37
N PRO D 90 -6.35 -11.68 24.59
CA PRO D 90 -5.85 -12.83 25.36
C PRO D 90 -6.02 -14.16 24.65
N TYR D 91 -7.14 -14.37 23.97
CA TYR D 91 -7.32 -15.53 23.11
C TYR D 91 -7.53 -15.04 21.69
N PHE D 92 -6.68 -15.50 20.77
CA PHE D 92 -6.72 -15.08 19.38
C PHE D 92 -7.49 -16.13 18.59
N GLY D 93 -8.70 -15.79 18.17
CA GLY D 93 -9.49 -16.71 17.38
C GLY D 93 -8.99 -16.82 15.95
N TYR D 94 -9.40 -17.91 15.30
CA TYR D 94 -9.02 -18.27 13.94
C TYR D 94 -7.54 -18.61 13.81
N ALA D 95 -6.84 -18.84 14.92
CA ALA D 95 -5.42 -19.13 14.86
C ALA D 95 -5.12 -20.54 14.37
N ARG D 96 -6.11 -21.43 14.37
CA ARG D 96 -5.89 -22.79 13.91
C ARG D 96 -5.95 -22.92 12.39
N GLN D 97 -6.43 -21.90 11.68
CA GLN D 97 -6.45 -21.89 10.22
C GLN D 97 -5.25 -21.06 9.78
N ASP D 98 -4.08 -21.70 9.75
CA ASP D 98 -2.81 -21.00 9.58
C ASP D 98 -2.01 -21.45 8.38
N ARG D 99 -2.55 -22.34 7.54
CA ARG D 99 -1.85 -22.78 6.33
C ARG D 99 -2.85 -23.53 5.46
N ARG D 100 -2.39 -23.90 4.26
CA ARG D 100 -3.16 -24.73 3.34
C ARG D 100 -2.41 -26.06 3.17
N VAL D 101 -2.91 -27.10 3.81
CA VAL D 101 -2.27 -28.41 3.73
C VAL D 101 -2.56 -29.02 2.36
N ARG D 102 -1.49 -29.43 1.67
CA ARG D 102 -1.60 -30.07 0.35
C ARG D 102 -2.30 -29.17 -0.66
N SER D 103 -2.14 -27.86 -0.50
CA SER D 103 -2.75 -26.87 -1.39
C SER D 103 -4.25 -27.06 -1.48
N ALA D 104 -4.87 -27.42 -0.36
CA ALA D 104 -6.32 -27.48 -0.29
C ALA D 104 -6.89 -26.09 -0.49
N ARG D 105 -8.02 -26.02 -1.20
CA ARG D 105 -8.64 -24.73 -1.52
C ARG D 105 -9.39 -24.20 -0.29
N VAL D 106 -8.58 -23.83 0.71
CA VAL D 106 -9.07 -23.32 1.98
C VAL D 106 -8.44 -21.95 2.18
N PRO D 107 -9.00 -21.12 3.04
CA PRO D 107 -8.36 -19.85 3.37
C PRO D 107 -7.29 -20.01 4.43
N ILE D 108 -6.47 -18.98 4.56
CA ILE D 108 -5.63 -18.84 5.75
C ILE D 108 -6.24 -17.71 6.56
N THR D 109 -7.17 -18.06 7.45
CA THR D 109 -8.03 -17.05 8.06
C THR D 109 -7.29 -16.25 9.11
N ALA D 110 -6.26 -16.82 9.73
CA ALA D 110 -5.45 -16.06 10.67
C ALA D 110 -4.76 -14.90 9.98
N LYS D 111 -4.29 -15.11 8.75
CA LYS D 111 -3.70 -14.03 7.97
C LYS D 111 -4.76 -12.99 7.60
N VAL D 112 -5.99 -13.44 7.31
CA VAL D 112 -7.08 -12.50 7.01
C VAL D 112 -7.35 -11.60 8.20
N VAL D 113 -7.41 -12.19 9.40
CA VAL D 113 -7.67 -11.41 10.60
C VAL D 113 -6.52 -10.46 10.89
N ALA D 114 -5.28 -10.92 10.72
CA ALA D 114 -4.13 -10.03 10.90
C ALA D 114 -4.17 -8.86 9.93
N ASP D 115 -4.56 -9.12 8.68
CA ASP D 115 -4.69 -8.04 7.71
C ASP D 115 -5.79 -7.06 8.09
N PHE D 116 -6.91 -7.56 8.59
CA PHE D 116 -7.98 -6.66 9.04
C PHE D 116 -7.50 -5.76 10.17
N LEU D 117 -6.82 -6.35 11.16
CA LEU D 117 -6.31 -5.58 12.29
C LEU D 117 -5.29 -4.55 11.85
N SER D 118 -4.41 -4.92 10.91
CA SER D 118 -3.45 -3.96 10.40
C SER D 118 -4.12 -2.86 9.59
N SER D 119 -5.22 -3.20 8.90
CA SER D 119 -5.89 -2.22 8.05
C SER D 119 -6.63 -1.18 8.88
N VAL D 120 -7.24 -1.57 9.99
CA VAL D 120 -7.96 -0.57 10.78
C VAL D 120 -7.02 0.33 11.57
N GLY D 121 -5.78 -0.08 11.79
CA GLY D 121 -4.81 0.82 12.39
C GLY D 121 -4.25 0.40 13.73
N VAL D 122 -4.22 -0.90 14.01
CA VAL D 122 -3.62 -1.37 15.26
C VAL D 122 -2.10 -1.17 15.19
N ASP D 123 -1.51 -0.76 16.31
CA ASP D 123 -0.08 -0.49 16.38
C ASP D 123 0.71 -1.57 17.10
N ARG D 124 0.06 -2.42 17.89
CA ARG D 124 0.74 -3.48 18.62
C ARG D 124 -0.30 -4.51 19.05
N VAL D 125 0.11 -5.76 19.12
CA VAL D 125 -0.76 -6.86 19.55
C VAL D 125 -0.08 -7.58 20.70
N LEU D 126 -0.87 -7.91 21.72
CA LEU D 126 -0.40 -8.70 22.87
C LEU D 126 -1.34 -9.86 23.05
N THR D 127 -0.82 -11.08 22.95
CA THR D 127 -1.63 -12.29 23.03
C THR D 127 -1.04 -13.25 24.05
N VAL D 128 -1.77 -14.33 24.31
CA VAL D 128 -1.35 -15.38 25.25
C VAL D 128 -1.40 -16.71 24.51
N ASP D 129 -0.25 -17.36 24.38
CA ASP D 129 -0.15 -18.73 23.87
C ASP D 129 -0.83 -18.89 22.52
N LEU D 130 -0.27 -18.20 21.52
CA LEU D 130 -0.73 -18.37 20.15
C LEU D 130 -0.61 -19.83 19.74
N HIS D 131 -1.60 -20.29 18.97
CA HIS D 131 -1.61 -21.69 18.54
C HIS D 131 -0.38 -22.01 17.70
N ALA D 132 -0.02 -21.12 16.79
CA ALA D 132 1.23 -21.19 16.05
C ALA D 132 2.01 -19.91 16.29
N GLU D 133 3.26 -20.04 16.72
CA GLU D 133 4.08 -18.87 16.99
C GLU D 133 4.39 -18.07 15.74
N GLN D 134 4.34 -18.69 14.57
CA GLN D 134 4.62 -18.00 13.32
C GLN D 134 3.57 -16.96 12.97
N ILE D 135 2.44 -16.93 13.67
CA ILE D 135 1.45 -15.87 13.45
C ILE D 135 2.04 -14.51 13.80
N GLN D 136 3.10 -14.47 14.60
CA GLN D 136 3.83 -13.23 14.82
C GLN D 136 4.27 -12.62 13.50
N GLY D 137 4.62 -13.44 12.52
CA GLY D 137 5.02 -12.96 11.21
C GLY D 137 3.88 -12.59 10.29
N PHE D 138 2.63 -12.88 10.67
CA PHE D 138 1.50 -12.45 9.86
C PHE D 138 1.24 -10.94 9.98
N PHE D 139 1.86 -10.28 10.94
CA PHE D 139 1.72 -8.84 11.16
C PHE D 139 2.97 -8.10 10.73
N ASP D 140 2.81 -6.81 10.49
CA ASP D 140 3.96 -5.90 10.38
C ASP D 140 4.32 -5.26 11.71
N VAL D 141 3.37 -5.17 12.64
CA VAL D 141 3.55 -4.50 13.91
C VAL D 141 4.15 -5.46 14.92
N PRO D 142 4.75 -4.97 16.01
CA PRO D 142 5.22 -5.88 17.06
C PRO D 142 4.08 -6.71 17.65
N VAL D 143 4.33 -8.00 17.82
CA VAL D 143 3.40 -8.93 18.44
C VAL D 143 4.11 -9.64 19.58
N ASP D 144 3.59 -9.50 20.78
CA ASP D 144 4.19 -10.11 21.98
C ASP D 144 3.35 -11.32 22.36
N ASN D 145 3.91 -12.51 22.20
CA ASN D 145 3.24 -13.76 22.52
C ASN D 145 3.73 -14.21 23.90
N VAL D 146 2.88 -14.02 24.91
CA VAL D 146 3.23 -14.29 26.29
C VAL D 146 2.75 -15.69 26.65
N PHE D 147 3.63 -16.47 27.26
CA PHE D 147 3.29 -17.83 27.67
C PHE D 147 2.54 -17.82 28.99
N GLY D 148 1.54 -18.69 29.09
CA GLY D 148 0.83 -18.88 30.33
C GLY D 148 1.41 -19.93 31.25
N SER D 149 2.55 -20.51 30.87
CA SER D 149 3.18 -21.60 31.59
C SER D 149 3.68 -21.24 32.98
N PRO D 150 4.06 -19.99 33.30
CA PRO D 150 4.41 -19.69 34.70
C PRO D 150 3.28 -19.98 35.68
N ILE D 151 2.07 -19.53 35.38
CA ILE D 151 0.93 -19.73 36.29
C ILE D 151 0.62 -21.21 36.42
N LEU D 152 0.56 -21.91 35.28
CA LEU D 152 0.23 -23.33 35.31
C LEU D 152 1.28 -24.13 36.02
N LEU D 153 2.56 -23.79 35.85
CA LEU D 153 3.63 -24.48 36.53
C LEU D 153 3.59 -24.22 38.04
N GLU D 154 3.29 -22.99 38.43
CA GLU D 154 3.11 -22.69 39.85
C GLU D 154 2.00 -23.55 40.44
N ASP D 155 0.91 -23.73 39.70
CA ASP D 155 -0.16 -24.59 40.20
C ASP D 155 0.26 -26.05 40.23
N MET D 156 1.02 -26.49 39.23
CA MET D 156 1.48 -27.88 39.20
C MET D 156 2.35 -28.20 40.41
N LEU D 157 3.24 -27.29 40.77
CA LEU D 157 4.19 -27.56 41.84
C LEU D 157 3.55 -27.61 43.22
N GLN D 158 2.28 -27.23 43.34
CA GLN D 158 1.55 -27.34 44.60
C GLN D 158 0.65 -28.57 44.65
N LEU D 159 0.88 -29.55 43.78
CA LEU D 159 0.10 -30.78 43.77
C LEU D 159 0.80 -31.94 44.45
N ASN D 160 2.12 -31.87 44.63
CA ASN D 160 2.91 -32.96 45.21
C ASN D 160 2.69 -34.25 44.42
N LEU D 161 3.07 -34.20 43.15
CA LEU D 161 2.93 -35.34 42.27
C LEU D 161 4.02 -36.37 42.54
N ASP D 162 3.68 -37.64 42.31
CA ASP D 162 4.58 -38.76 42.58
C ASP D 162 5.28 -39.12 41.28
N ASN D 163 6.51 -38.63 41.13
CA ASN D 163 7.32 -38.85 39.93
C ASN D 163 6.51 -38.56 38.65
N PRO D 164 6.05 -37.34 38.47
CA PRO D 164 5.12 -37.06 37.39
C PRO D 164 5.77 -37.17 36.02
N ILE D 165 4.94 -37.46 35.03
CA ILE D 165 5.36 -37.51 33.63
C ILE D 165 4.43 -36.60 32.84
N VAL D 166 5.00 -35.81 31.93
CA VAL D 166 4.26 -34.82 31.15
C VAL D 166 3.89 -35.43 29.81
N VAL D 167 2.60 -35.41 29.49
CA VAL D 167 2.07 -36.07 28.31
C VAL D 167 1.39 -35.03 27.43
N SER D 168 1.67 -35.08 26.13
CA SER D 168 0.95 -34.27 25.15
C SER D 168 -0.16 -35.08 24.52
N PRO D 169 -1.40 -34.59 24.54
CA PRO D 169 -2.51 -35.39 23.99
C PRO D 169 -2.44 -35.62 22.49
N ASP D 170 -1.62 -34.87 21.76
CA ASP D 170 -1.46 -35.11 20.33
C ASP D 170 -0.04 -34.75 19.92
N ILE D 171 0.24 -34.89 18.63
CA ILE D 171 1.59 -34.67 18.12
C ILE D 171 1.88 -33.18 17.98
N GLY D 172 0.86 -32.35 17.80
CA GLY D 172 1.08 -30.92 17.67
C GLY D 172 1.52 -30.23 18.94
N GLY D 173 1.32 -30.86 20.09
CA GLY D 173 1.68 -30.29 21.38
C GLY D 173 2.97 -30.78 21.98
N VAL D 174 3.81 -31.48 21.22
CA VAL D 174 5.00 -32.11 21.78
C VAL D 174 6.00 -31.05 22.24
N VAL D 175 6.16 -29.98 21.46
CA VAL D 175 7.12 -28.94 21.81
C VAL D 175 6.74 -28.27 23.12
N ARG D 176 5.46 -27.92 23.26
CA ARG D 176 4.99 -27.29 24.49
C ARG D 176 5.10 -28.25 25.68
N ALA D 177 4.76 -29.53 25.46
CA ALA D 177 4.87 -30.50 26.54
C ALA D 177 6.31 -30.66 26.98
N ARG D 178 7.25 -30.65 26.03
CA ARG D 178 8.67 -30.75 26.40
C ARG D 178 9.12 -29.54 27.18
N ALA D 179 8.69 -28.34 26.79
CA ALA D 179 9.05 -27.15 27.55
C ALA D 179 8.52 -27.24 28.98
N ILE D 180 7.27 -27.67 29.14
CA ILE D 180 6.70 -27.82 30.48
C ILE D 180 7.48 -28.86 31.27
N ALA D 181 7.83 -29.97 30.63
CA ALA D 181 8.57 -31.03 31.32
C ALA D 181 9.93 -30.54 31.79
N LYS D 182 10.63 -29.78 30.95
CA LYS D 182 11.92 -29.24 31.36
C LYS D 182 11.74 -28.24 32.52
N LEU D 183 10.63 -27.52 32.54
CA LEU D 183 10.40 -26.62 33.67
C LEU D 183 9.97 -27.36 34.94
N LEU D 184 9.42 -28.55 34.83
CA LEU D 184 8.84 -29.26 35.98
C LEU D 184 9.86 -30.25 36.54
N ASN D 185 10.91 -29.69 37.14
CA ASN D 185 12.02 -30.44 37.73
C ASN D 185 12.69 -31.37 36.73
N ASP D 186 12.59 -31.07 35.44
CA ASP D 186 13.25 -31.85 34.39
C ASP D 186 12.80 -33.31 34.40
N THR D 187 11.48 -33.51 34.38
CA THR D 187 10.92 -34.85 34.41
C THR D 187 10.94 -35.45 33.00
N ASP D 188 10.29 -36.60 32.84
CA ASP D 188 10.19 -37.27 31.56
C ASP D 188 8.95 -36.81 30.81
N MET D 189 8.88 -37.16 29.53
CA MET D 189 7.72 -36.82 28.72
C MET D 189 7.30 -38.04 27.90
N ALA D 190 6.00 -38.16 27.68
CA ALA D 190 5.43 -39.22 26.86
C ALA D 190 4.53 -38.59 25.80
N ILE D 191 4.32 -39.31 24.71
CA ILE D 191 3.62 -38.78 23.55
C ILE D 191 2.50 -39.73 23.16
N ILE D 192 1.31 -39.17 22.96
CA ILE D 192 0.16 -39.94 22.51
C ILE D 192 0.14 -39.93 20.98
N ASP D 193 0.19 -41.11 20.38
CA ASP D 193 0.20 -41.26 18.93
C ASP D 193 -1.10 -41.94 18.50
N LYS D 194 -1.85 -41.31 17.62
CA LYS D 194 -3.15 -41.80 17.19
C LYS D 194 -3.08 -42.25 15.74
N ARG D 195 -3.55 -43.47 15.48
CA ARG D 195 -3.49 -44.05 14.15
C ARG D 195 -4.87 -44.53 13.72
N ARG D 196 -5.04 -44.63 12.41
CA ARG D 196 -6.28 -45.11 11.81
C ARG D 196 -7.49 -44.29 12.22
N GLN D 203 -8.22 -46.08 15.05
CA GLN D 203 -8.94 -45.41 16.11
C GLN D 203 -8.30 -45.68 17.46
N VAL D 204 -7.17 -46.35 17.45
CA VAL D 204 -6.45 -46.71 18.66
C VAL D 204 -5.43 -45.64 18.99
N MET D 205 -5.11 -45.51 20.27
CA MET D 205 -4.14 -44.54 20.75
C MET D 205 -2.88 -45.27 21.20
N HIS D 206 -1.76 -44.95 20.57
CA HIS D 206 -0.47 -45.53 20.93
C HIS D 206 0.28 -44.55 21.82
N ILE D 207 0.85 -45.06 22.91
CA ILE D 207 1.61 -44.24 23.84
C ILE D 207 3.07 -44.58 23.67
N ILE D 208 3.89 -43.56 23.41
CA ILE D 208 5.33 -43.71 23.31
C ILE D 208 5.91 -43.19 24.62
N GLY D 209 6.54 -44.07 25.37
CA GLY D 209 7.02 -43.73 26.70
C GLY D 209 6.35 -44.57 27.77
N ASP D 210 6.94 -44.62 28.96
CA ASP D 210 6.46 -45.45 30.04
C ASP D 210 5.66 -44.63 31.03
N VAL D 211 4.42 -45.05 31.29
CA VAL D 211 3.53 -44.35 32.21
C VAL D 211 3.05 -45.26 33.34
N ALA D 212 3.61 -46.46 33.45
CA ALA D 212 3.15 -47.43 34.44
C ALA D 212 3.45 -46.94 35.85
N GLY D 213 2.40 -46.77 36.65
CA GLY D 213 2.56 -46.35 38.02
C GLY D 213 3.15 -44.98 38.21
N ARG D 214 2.72 -44.01 37.43
CA ARG D 214 3.18 -42.63 37.55
C ARG D 214 1.99 -41.69 37.41
N ASP D 215 2.13 -40.50 37.99
CA ASP D 215 1.14 -39.45 37.79
C ASP D 215 1.35 -38.79 36.44
N CYS D 216 0.28 -38.59 35.71
CA CYS D 216 0.34 -38.05 34.35
C CYS D 216 -0.28 -36.66 34.33
N VAL D 217 0.43 -35.71 33.73
CA VAL D 217 -0.04 -34.35 33.55
C VAL D 217 -0.19 -34.11 32.06
N LEU D 218 -1.43 -34.06 31.58
CA LEU D 218 -1.70 -33.71 30.20
C LEU D 218 -1.66 -32.20 30.05
N VAL D 219 -0.85 -31.71 29.11
CA VAL D 219 -0.69 -30.28 28.88
C VAL D 219 -1.07 -29.97 27.45
N ASP D 220 -1.87 -28.92 27.27
CA ASP D 220 -2.31 -28.50 25.95
C ASP D 220 -2.45 -26.99 25.95
N ASP D 221 -2.50 -26.41 24.75
CA ASP D 221 -2.76 -24.99 24.65
C ASP D 221 -4.24 -24.66 24.84
N MET D 222 -5.13 -25.58 24.47
CA MET D 222 -6.56 -25.32 24.55
C MET D 222 -7.30 -26.63 24.76
N ILE D 223 -8.56 -26.52 25.17
CA ILE D 223 -9.48 -27.65 25.24
C ILE D 223 -10.73 -27.22 24.48
N ASP D 224 -10.89 -27.70 23.25
CA ASP D 224 -12.04 -27.30 22.45
C ASP D 224 -13.27 -28.14 22.76
N THR D 225 -13.22 -29.45 22.49
CA THR D 225 -14.34 -30.33 22.76
C THR D 225 -14.04 -31.34 23.86
N GLY D 226 -12.78 -31.62 24.14
CA GLY D 226 -12.41 -32.58 25.15
C GLY D 226 -12.46 -34.03 24.73
N GLY D 227 -12.83 -34.31 23.48
CA GLY D 227 -12.89 -35.70 23.05
C GLY D 227 -11.53 -36.36 23.05
N THR D 228 -10.55 -35.73 22.42
CA THR D 228 -9.21 -36.31 22.38
C THR D 228 -8.56 -36.29 23.76
N LEU D 229 -8.86 -35.29 24.58
CA LEU D 229 -8.32 -35.25 25.93
C LEU D 229 -8.85 -36.40 26.77
N CYS D 230 -10.16 -36.65 26.70
CA CYS D 230 -10.75 -37.75 27.45
C CYS D 230 -10.24 -39.09 26.94
N LYS D 231 -10.09 -39.23 25.62
CA LYS D 231 -9.55 -40.48 25.08
C LYS D 231 -8.12 -40.70 25.54
N ALA D 232 -7.30 -39.65 25.55
CA ALA D 232 -5.92 -39.78 26.00
C ALA D 232 -5.87 -40.16 27.48
N ALA D 233 -6.72 -39.55 28.30
CA ALA D 233 -6.77 -39.92 29.71
C ALA D 233 -7.18 -41.37 29.89
N GLU D 234 -8.16 -41.82 29.11
CA GLU D 234 -8.59 -43.20 29.18
C GLU D 234 -7.46 -44.16 28.83
N ALA D 235 -6.73 -43.87 27.76
CA ALA D 235 -5.61 -44.71 27.37
C ALA D 235 -4.51 -44.71 28.44
N LEU D 236 -4.21 -43.54 29.00
CA LEU D 236 -3.19 -43.45 30.03
C LEU D 236 -3.56 -44.27 31.26
N LYS D 237 -4.82 -44.19 31.67
CA LYS D 237 -5.25 -44.98 32.82
C LYS D 237 -5.31 -46.47 32.48
N GLU D 238 -5.54 -46.82 31.22
CA GLU D 238 -5.58 -48.23 30.87
C GLU D 238 -4.17 -48.82 30.87
N ARG D 239 -3.15 -48.01 30.55
CA ARG D 239 -1.77 -48.47 30.65
C ARG D 239 -1.21 -48.28 32.06
N GLY D 240 -2.08 -48.17 33.06
CA GLY D 240 -1.64 -48.13 34.44
C GLY D 240 -1.01 -46.84 34.89
N ALA D 241 -1.78 -45.76 34.92
CA ALA D 241 -1.35 -44.49 35.48
C ALA D 241 -2.19 -44.19 36.71
N LYS D 242 -1.55 -43.63 37.74
CA LYS D 242 -2.25 -43.42 39.01
C LYS D 242 -3.31 -42.33 38.88
N ARG D 243 -2.89 -41.11 38.58
CA ARG D 243 -3.79 -39.97 38.47
C ARG D 243 -3.48 -39.21 37.20
N VAL D 244 -4.53 -38.61 36.62
CA VAL D 244 -4.40 -37.84 35.38
C VAL D 244 -4.90 -36.43 35.66
N PHE D 245 -4.07 -35.45 35.34
CA PHE D 245 -4.43 -34.04 35.44
C PHE D 245 -4.32 -33.40 34.06
N ALA D 246 -5.25 -32.51 33.75
CA ALA D 246 -5.28 -31.80 32.48
C ALA D 246 -5.05 -30.32 32.74
N TYR D 247 -4.04 -29.76 32.08
CA TYR D 247 -3.71 -28.34 32.19
C TYR D 247 -3.77 -27.72 30.80
N ALA D 248 -4.49 -26.61 30.69
CA ALA D 248 -4.60 -25.92 29.42
C ALA D 248 -4.69 -24.42 29.68
N THR D 249 -4.42 -23.63 28.65
CA THR D 249 -4.52 -22.19 28.78
C THR D 249 -5.87 -21.65 28.33
N HIS D 250 -6.39 -22.11 27.20
CA HIS D 250 -7.61 -21.56 26.64
C HIS D 250 -8.78 -22.51 26.84
N PRO D 251 -9.76 -22.16 27.67
CA PRO D 251 -10.94 -23.01 27.88
C PRO D 251 -12.07 -22.75 26.89
N ILE D 252 -11.92 -23.27 25.67
CA ILE D 252 -12.93 -23.05 24.65
C ILE D 252 -14.22 -23.79 24.99
N PHE D 253 -14.11 -25.08 25.31
CA PHE D 253 -15.21 -25.89 25.81
C PHE D 253 -16.45 -25.79 24.93
N SER D 254 -16.29 -26.20 23.68
CA SER D 254 -17.37 -26.13 22.70
C SER D 254 -18.01 -27.50 22.49
N GLY D 255 -19.22 -27.48 21.93
CA GLY D 255 -19.94 -28.69 21.64
C GLY D 255 -20.37 -29.46 22.88
N ASN D 256 -19.95 -30.72 22.96
CA ASN D 256 -20.31 -31.60 24.07
C ASN D 256 -19.24 -31.67 25.14
N ALA D 257 -18.53 -30.55 25.38
CA ALA D 257 -17.38 -30.58 26.28
C ALA D 257 -17.77 -30.90 27.71
N ALA D 258 -18.90 -30.37 28.18
CA ALA D 258 -19.29 -30.58 29.56
C ALA D 258 -19.60 -32.04 29.85
N ASN D 259 -20.33 -32.69 28.94
CA ASN D 259 -20.63 -34.11 29.13
C ASN D 259 -19.38 -34.96 28.99
N ASN D 260 -18.48 -34.60 28.08
CA ASN D 260 -17.24 -35.33 27.94
C ASN D 260 -16.40 -35.25 29.20
N LEU D 261 -16.33 -34.05 29.81
CA LEU D 261 -15.53 -33.89 31.02
C LEU D 261 -16.21 -34.50 32.23
N ARG D 262 -17.55 -34.55 32.24
CA ARG D 262 -18.25 -35.14 33.37
C ARG D 262 -18.04 -36.64 33.44
N ASN D 263 -18.19 -37.32 32.30
CA ASN D 263 -18.00 -38.78 32.23
C ASN D 263 -16.58 -39.13 31.82
N SER D 264 -15.59 -38.61 32.54
CA SER D 264 -14.20 -38.83 32.20
C SER D 264 -13.43 -39.28 33.43
N VAL D 265 -12.22 -39.78 33.21
CA VAL D 265 -11.39 -40.30 34.28
C VAL D 265 -10.34 -39.27 34.72
N ILE D 266 -10.50 -38.01 34.33
CA ILE D 266 -9.55 -36.97 34.69
C ILE D 266 -9.86 -36.47 36.09
N ASP D 267 -8.83 -36.41 36.93
CA ASP D 267 -9.04 -36.01 38.32
C ASP D 267 -9.21 -34.51 38.48
N GLU D 268 -8.55 -33.71 37.65
CA GLU D 268 -8.61 -32.26 37.77
C GLU D 268 -8.34 -31.63 36.41
N VAL D 269 -9.12 -30.62 36.07
CA VAL D 269 -8.91 -29.83 34.87
C VAL D 269 -8.65 -28.40 35.32
N VAL D 270 -7.48 -27.87 34.96
CA VAL D 270 -7.07 -26.53 35.35
C VAL D 270 -6.85 -25.71 34.09
N VAL D 271 -7.53 -24.56 34.00
CA VAL D 271 -7.46 -23.70 32.84
C VAL D 271 -7.24 -22.26 33.31
N CYS D 272 -6.84 -21.41 32.38
CA CYS D 272 -6.70 -19.98 32.64
C CYS D 272 -8.03 -19.29 32.34
N ASP D 273 -8.04 -17.96 32.38
CA ASP D 273 -9.29 -17.22 32.24
C ASP D 273 -9.31 -16.33 31.00
N THR D 274 -8.66 -16.78 29.92
CA THR D 274 -8.70 -16.02 28.68
C THR D 274 -10.07 -16.02 28.04
N ILE D 275 -10.91 -17.00 28.37
CA ILE D 275 -12.27 -17.10 27.87
C ILE D 275 -13.20 -17.31 29.06
N PRO D 276 -14.28 -16.55 29.20
CA PRO D 276 -15.21 -16.80 30.31
C PRO D 276 -15.84 -18.17 30.22
N LEU D 277 -16.03 -18.80 31.37
CA LEU D 277 -16.65 -20.11 31.45
C LEU D 277 -18.17 -19.98 31.45
N SER D 278 -18.84 -21.00 30.93
CA SER D 278 -20.29 -21.05 30.98
C SER D 278 -20.75 -21.59 32.33
N ASP D 279 -22.05 -21.44 32.59
CA ASP D 279 -22.63 -22.04 33.79
C ASP D 279 -22.56 -23.56 33.74
N GLU D 280 -22.74 -24.12 32.54
CA GLU D 280 -22.61 -25.56 32.35
C GLU D 280 -21.26 -26.06 32.84
N ILE D 281 -20.17 -25.40 32.45
CA ILE D 281 -18.84 -25.83 32.86
C ILE D 281 -18.58 -25.49 34.32
N LYS D 282 -19.01 -24.31 34.76
CA LYS D 282 -18.78 -23.91 36.15
C LYS D 282 -19.50 -24.81 37.15
N SER D 283 -20.57 -25.48 36.74
CA SER D 283 -21.22 -26.43 37.63
C SER D 283 -20.37 -27.67 37.89
N LEU D 284 -19.43 -27.97 37.01
CA LEU D 284 -18.61 -29.17 37.17
C LEU D 284 -17.74 -29.06 38.41
N PRO D 285 -17.60 -30.14 39.18
CA PRO D 285 -16.84 -30.06 40.44
C PRO D 285 -15.34 -30.14 40.28
N ASN D 286 -14.83 -30.66 39.15
CA ASN D 286 -13.40 -30.86 38.98
C ASN D 286 -12.82 -29.98 37.87
N VAL D 287 -13.31 -28.76 37.73
CA VAL D 287 -12.75 -27.79 36.81
C VAL D 287 -12.37 -26.55 37.62
N ARG D 288 -11.10 -26.16 37.53
CA ARG D 288 -10.56 -25.07 38.33
C ARG D 288 -9.93 -24.03 37.40
N THR D 289 -10.05 -22.76 37.79
CA THR D 289 -9.61 -21.65 36.97
C THR D 289 -8.50 -20.88 37.66
N LEU D 290 -7.46 -20.56 36.90
CA LEU D 290 -6.40 -19.66 37.32
C LEU D 290 -6.55 -18.33 36.58
N THR D 291 -6.01 -17.27 37.15
CA THR D 291 -6.17 -15.94 36.59
C THR D 291 -4.87 -15.47 35.94
N LEU D 292 -5.01 -14.80 34.80
CA LEU D 292 -3.89 -14.21 34.09
C LEU D 292 -3.89 -12.69 34.21
N SER D 293 -4.74 -12.12 35.06
CA SER D 293 -4.88 -10.68 35.12
C SER D 293 -3.60 -9.99 35.58
N GLY D 294 -2.89 -10.60 36.53
CA GLY D 294 -1.64 -10.01 37.00
C GLY D 294 -0.57 -9.97 35.93
N MET D 295 -0.43 -11.07 35.18
CA MET D 295 0.58 -11.14 34.14
C MET D 295 0.27 -10.18 33.00
N LEU D 296 -0.99 -10.12 32.58
CA LEU D 296 -1.37 -9.19 31.53
C LEU D 296 -1.24 -7.74 31.99
N ALA D 297 -1.58 -7.46 33.25
CA ALA D 297 -1.42 -6.11 33.77
C ALA D 297 0.05 -5.70 33.78
N GLU D 298 0.93 -6.62 34.17
CA GLU D 298 2.37 -6.30 34.16
C GLU D 298 2.86 -6.07 32.73
N ALA D 299 2.38 -6.87 31.77
CA ALA D 299 2.78 -6.66 30.39
C ALA D 299 2.31 -5.31 29.86
N ILE D 300 1.06 -4.93 30.18
CA ILE D 300 0.54 -3.63 29.77
C ILE D 300 1.35 -2.52 30.41
N ARG D 301 1.70 -2.68 31.68
CA ARG D 301 2.52 -1.69 32.38
C ARG D 301 3.86 -1.50 31.70
N ARG D 302 4.51 -2.60 31.32
CA ARG D 302 5.82 -2.49 30.69
C ARG D 302 5.71 -1.88 29.29
N ILE D 303 4.67 -2.23 28.53
CA ILE D 303 4.50 -1.63 27.22
C ILE D 303 4.27 -0.13 27.34
N SER D 304 3.43 0.28 28.30
CA SER D 304 3.08 1.68 28.44
C SER D 304 4.28 2.54 28.84
N ASN D 305 5.14 2.01 29.70
CA ASN D 305 6.27 2.76 30.22
C ASN D 305 7.54 2.59 29.41
N GLU D 306 7.48 1.90 28.28
CA GLU D 306 8.62 1.72 27.38
C GLU D 306 9.74 0.94 28.05
N GLU D 307 9.38 -0.03 28.87
CA GLU D 307 10.34 -0.91 29.51
C GLU D 307 10.50 -2.19 28.69
N SER D 308 11.55 -2.94 29.02
CA SER D 308 11.80 -4.20 28.34
C SER D 308 10.71 -5.21 28.67
N ILE D 309 10.24 -5.91 27.64
CA ILE D 309 9.19 -6.92 27.82
C ILE D 309 9.76 -8.31 28.07
N SER D 310 11.07 -8.50 27.93
CA SER D 310 11.69 -9.81 28.13
C SER D 310 11.58 -10.29 29.56
N ALA D 311 11.33 -9.41 30.52
CA ALA D 311 11.20 -9.81 31.90
C ALA D 311 9.96 -10.65 32.17
N MET D 312 9.04 -10.74 31.21
CA MET D 312 7.79 -11.46 31.39
C MET D 312 7.93 -12.96 31.18
N PHE D 313 9.10 -13.44 30.81
CA PHE D 313 9.30 -14.83 30.43
C PHE D 313 10.19 -15.58 31.42
N GLU D 314 10.01 -15.30 32.71
CA GLU D 314 10.75 -15.95 33.77
C GLU D 314 9.78 -16.66 34.71
N HIS D 315 10.24 -17.76 35.29
CA HIS D 315 9.41 -18.54 36.20
C HIS D 315 9.93 -18.44 37.64
N ASP E 3 2.58 -19.25 -23.68
CA ASP E 3 4.02 -18.98 -23.77
C ASP E 3 4.73 -19.19 -22.45
N MET E 4 5.18 -20.42 -22.21
CA MET E 4 5.94 -20.75 -21.01
C MET E 4 7.42 -20.53 -21.28
N LYS E 5 8.06 -19.70 -20.46
CA LYS E 5 9.48 -19.44 -20.56
C LYS E 5 10.14 -19.76 -19.24
N LEU E 6 11.26 -20.48 -19.29
CA LEU E 6 12.01 -20.84 -18.10
C LEU E 6 13.29 -20.02 -18.04
N PHE E 7 13.59 -19.50 -16.87
CA PHE E 7 14.85 -18.79 -16.63
C PHE E 7 15.51 -19.37 -15.40
N ALA E 8 16.83 -19.33 -15.37
CA ALA E 8 17.59 -19.90 -14.27
C ALA E 8 18.63 -18.89 -13.79
N GLY E 9 18.91 -18.94 -12.49
CA GLY E 9 20.00 -18.22 -11.90
C GLY E 9 21.25 -19.06 -11.86
N ASN E 10 22.21 -18.62 -11.05
CA ASN E 10 23.45 -19.35 -10.88
C ASN E 10 23.44 -20.27 -9.67
N ALA E 11 22.33 -20.37 -8.95
CA ALA E 11 22.29 -21.20 -7.76
C ALA E 11 22.11 -22.68 -8.11
N THR E 12 21.13 -23.02 -8.93
CA THR E 12 20.83 -24.40 -9.29
C THR E 12 20.69 -24.51 -10.81
N PRO E 13 21.79 -24.38 -11.56
CA PRO E 13 21.68 -24.46 -13.02
C PRO E 13 21.44 -25.85 -13.55
N GLU E 14 22.01 -26.89 -12.94
CA GLU E 14 21.83 -28.24 -13.44
C GLU E 14 20.42 -28.76 -13.16
N LEU E 15 19.87 -28.43 -11.99
CA LEU E 15 18.48 -28.78 -11.71
C LEU E 15 17.53 -28.09 -12.68
N ALA E 16 17.81 -26.82 -12.99
CA ALA E 16 17.00 -26.11 -13.96
C ALA E 16 17.10 -26.74 -15.34
N GLN E 17 18.29 -27.19 -15.72
CA GLN E 17 18.45 -27.87 -17.01
C GLN E 17 17.68 -29.18 -17.04
N ARG E 18 17.70 -29.95 -15.95
CA ARG E 18 16.93 -31.18 -15.90
C ARG E 18 15.44 -30.91 -16.01
N ILE E 19 14.95 -29.89 -15.31
CA ILE E 19 13.54 -29.53 -15.39
C ILE E 19 13.17 -29.11 -16.81
N ALA E 20 14.03 -28.32 -17.46
CA ALA E 20 13.78 -27.93 -18.84
C ALA E 20 13.76 -29.13 -19.77
N ASN E 21 14.63 -30.09 -19.53
CA ASN E 21 14.63 -31.32 -20.33
C ASN E 21 13.32 -32.07 -20.18
N ARG E 22 12.81 -32.16 -18.95
CA ARG E 22 11.57 -32.89 -18.75
C ARG E 22 10.35 -32.15 -19.28
N LEU E 23 10.43 -30.85 -19.49
CA LEU E 23 9.36 -30.10 -20.11
C LEU E 23 9.54 -29.99 -21.61
N TYR E 24 10.60 -30.59 -22.16
CA TYR E 24 10.89 -30.57 -23.59
C TYR E 24 10.96 -29.14 -24.12
N THR E 25 11.56 -28.26 -23.33
CA THR E 25 11.87 -26.91 -23.78
C THR E 25 13.34 -26.62 -23.50
N SER E 26 13.75 -25.37 -23.66
CA SER E 26 15.09 -24.94 -23.32
C SER E 26 15.02 -23.70 -22.45
N LEU E 27 16.07 -23.48 -21.67
CA LEU E 27 16.10 -22.34 -20.77
C LEU E 27 16.15 -21.04 -21.56
N GLY E 28 15.45 -20.03 -21.06
CA GLY E 28 15.47 -18.73 -21.70
C GLY E 28 16.83 -18.09 -21.63
N ASP E 29 17.08 -17.18 -22.57
CA ASP E 29 18.40 -16.59 -22.74
C ASP E 29 18.47 -15.31 -21.92
N ALA E 30 19.29 -15.32 -20.87
CA ALA E 30 19.46 -14.16 -20.00
C ALA E 30 20.87 -14.17 -19.45
N ALA E 31 21.53 -13.02 -19.50
CA ALA E 31 22.88 -12.87 -18.97
C ALA E 31 22.78 -12.46 -17.51
N VAL E 32 23.20 -13.36 -16.62
CA VAL E 32 23.10 -13.15 -15.18
C VAL E 32 24.48 -13.39 -14.58
N GLY E 33 25.15 -12.33 -14.18
CA GLY E 33 26.50 -12.41 -13.65
C GLY E 33 26.76 -11.33 -12.64
N ARG E 34 28.02 -10.91 -12.57
CA ARG E 34 28.46 -9.91 -11.61
C ARG E 34 29.19 -8.79 -12.32
N PHE E 35 29.09 -7.60 -11.76
CA PHE E 35 29.94 -6.50 -12.18
C PHE E 35 31.32 -6.65 -11.54
N SER E 36 32.22 -5.72 -11.85
CA SER E 36 33.59 -5.84 -11.35
C SER E 36 33.63 -5.79 -9.82
N ASP E 37 32.83 -4.93 -9.21
CA ASP E 37 32.84 -4.77 -7.75
C ASP E 37 31.97 -5.79 -7.04
N GLY E 38 31.29 -6.68 -7.76
CA GLY E 38 30.52 -7.74 -7.13
C GLY E 38 29.03 -7.53 -7.10
N GLU E 39 28.52 -6.47 -7.69
CA GLU E 39 27.08 -6.27 -7.76
C GLU E 39 26.47 -7.13 -8.85
N VAL E 40 25.23 -7.56 -8.62
CA VAL E 40 24.55 -8.45 -9.55
C VAL E 40 24.23 -7.72 -10.84
N SER E 41 24.51 -8.35 -11.97
CA SER E 41 24.22 -7.83 -13.30
C SER E 41 23.22 -8.76 -13.97
N VAL E 42 22.17 -8.18 -14.54
CA VAL E 42 21.10 -8.96 -15.17
C VAL E 42 20.71 -8.28 -16.48
N GLN E 43 20.57 -9.06 -17.55
CA GLN E 43 19.97 -8.58 -18.77
C GLN E 43 19.17 -9.70 -19.42
N ILE E 44 17.90 -9.44 -19.68
CA ILE E 44 17.05 -10.40 -20.39
C ILE E 44 17.26 -10.20 -21.88
N ASN E 45 17.65 -11.27 -22.57
CA ASN E 45 18.05 -11.17 -23.96
C ASN E 45 17.00 -11.74 -24.91
N GLU E 46 15.73 -11.68 -24.54
CA GLU E 46 14.66 -12.09 -25.43
C GLU E 46 13.36 -11.44 -25.02
N ASN E 47 12.42 -11.40 -25.95
CA ASN E 47 11.13 -10.80 -25.70
C ASN E 47 10.31 -11.64 -24.73
N VAL E 48 9.77 -11.00 -23.70
CA VAL E 48 9.00 -11.70 -22.67
C VAL E 48 7.65 -11.02 -22.48
N ARG E 49 7.29 -10.11 -23.38
CA ARG E 49 6.06 -9.34 -23.23
C ARG E 49 4.84 -10.25 -23.21
N GLY E 50 4.08 -10.18 -22.13
CA GLY E 50 2.88 -10.97 -21.99
C GLY E 50 3.10 -12.43 -21.71
N GLY E 51 4.33 -12.85 -21.48
CA GLY E 51 4.62 -14.26 -21.31
C GLY E 51 4.32 -14.77 -19.91
N ASP E 52 4.45 -16.08 -19.77
CA ASP E 52 4.20 -16.79 -18.51
C ASP E 52 5.55 -17.33 -18.03
N ILE E 53 6.19 -16.59 -17.14
CA ILE E 53 7.60 -16.77 -16.83
C ILE E 53 7.77 -17.57 -15.55
N PHE E 54 8.69 -18.54 -15.59
CA PHE E 54 9.09 -19.29 -14.40
C PHE E 54 10.57 -19.08 -14.17
N ILE E 55 10.93 -18.70 -12.95
CA ILE E 55 12.32 -18.51 -12.56
C ILE E 55 12.67 -19.61 -11.56
N ILE E 56 13.70 -20.40 -11.89
CA ILE E 56 14.12 -21.50 -11.04
C ILE E 56 15.41 -21.07 -10.35
N GLN E 57 15.34 -20.90 -9.04
CA GLN E 57 16.54 -20.59 -8.27
C GLN E 57 16.33 -20.82 -6.77
N SER E 58 17.20 -21.62 -6.16
CA SER E 58 17.21 -21.76 -4.72
C SER E 58 17.98 -20.62 -4.08
N THR E 59 17.52 -20.22 -2.90
CA THR E 59 18.24 -19.21 -2.11
C THR E 59 19.17 -19.89 -1.11
N CYS E 60 20.07 -20.70 -1.65
CA CYS E 60 21.04 -21.44 -0.88
C CYS E 60 22.38 -20.71 -0.89
N ALA E 61 23.34 -21.25 -0.15
CA ALA E 61 24.62 -20.56 0.04
C ALA E 61 25.38 -20.43 -1.28
N PRO E 62 25.95 -19.24 -1.58
CA PRO E 62 25.88 -17.98 -0.83
C PRO E 62 24.49 -17.35 -0.87
N THR E 63 23.84 -17.29 0.30
CA THR E 63 22.41 -17.02 0.34
C THR E 63 22.07 -15.64 -0.19
N ASN E 64 22.81 -14.63 0.26
CA ASN E 64 22.43 -13.25 -0.05
C ASN E 64 22.63 -12.93 -1.52
N ASP E 65 23.69 -13.44 -2.13
CA ASP E 65 23.90 -13.26 -3.56
C ASP E 65 22.78 -13.92 -4.37
N ASN E 66 22.40 -15.14 -4.00
CA ASN E 66 21.33 -15.84 -4.72
C ASN E 66 20.00 -15.11 -4.58
N LEU E 67 19.69 -14.64 -3.36
CA LEU E 67 18.45 -13.90 -3.16
C LEU E 67 18.43 -12.60 -3.95
N MET E 68 19.53 -11.86 -3.95
CA MET E 68 19.60 -10.63 -4.72
C MET E 68 19.47 -10.92 -6.21
N GLU E 69 20.08 -12.00 -6.68
CA GLU E 69 19.94 -12.42 -8.06
C GLU E 69 18.48 -12.64 -8.42
N LEU E 70 17.75 -13.35 -7.56
CA LEU E 70 16.35 -13.64 -7.83
C LEU E 70 15.51 -12.36 -7.88
N VAL E 71 15.66 -11.49 -6.88
CA VAL E 71 14.81 -10.30 -6.85
C VAL E 71 15.15 -9.36 -8.01
N VAL E 72 16.43 -9.27 -8.38
CA VAL E 72 16.82 -8.41 -9.49
C VAL E 72 16.30 -8.96 -10.81
N MET E 73 16.31 -10.29 -10.98
CA MET E 73 15.67 -10.88 -12.16
C MET E 73 14.20 -10.55 -12.21
N VAL E 74 13.50 -10.65 -11.08
CA VAL E 74 12.07 -10.38 -11.08
C VAL E 74 11.80 -8.93 -11.47
N ASP E 75 12.59 -8.00 -10.93
CA ASP E 75 12.40 -6.60 -11.29
C ASP E 75 12.65 -6.36 -12.77
N ALA E 76 13.71 -6.96 -13.32
CA ALA E 76 14.00 -6.80 -14.74
C ALA E 76 12.88 -7.35 -15.60
N LEU E 77 12.33 -8.50 -15.24
CA LEU E 77 11.25 -9.10 -16.02
C LEU E 77 9.97 -8.27 -15.89
N ARG E 78 9.69 -7.74 -14.71
CA ARG E 78 8.47 -6.96 -14.52
C ARG E 78 8.52 -5.66 -15.30
N ARG E 79 9.68 -5.00 -15.34
CA ARG E 79 9.77 -3.77 -16.13
C ARG E 79 9.78 -4.05 -17.63
N ALA E 80 10.07 -5.28 -18.05
CA ALA E 80 10.01 -5.67 -19.45
C ALA E 80 8.63 -6.18 -19.85
N SER E 81 7.61 -5.93 -19.02
CA SER E 81 6.21 -6.19 -19.35
C SER E 81 5.91 -7.69 -19.45
N ALA E 82 6.49 -8.48 -18.55
CA ALA E 82 6.11 -9.88 -18.46
C ALA E 82 4.68 -10.01 -17.95
N GLY E 83 4.03 -11.11 -18.33
CA GLY E 83 2.66 -11.32 -17.95
C GLY E 83 2.48 -11.79 -16.52
N ARG E 84 3.01 -12.96 -16.22
CA ARG E 84 2.92 -13.59 -14.91
C ARG E 84 4.28 -14.16 -14.55
N ILE E 85 4.72 -13.92 -13.32
CA ILE E 85 6.04 -14.38 -12.88
C ILE E 85 5.85 -15.33 -11.72
N THR E 86 6.30 -16.57 -11.89
CA THR E 86 6.31 -17.58 -10.84
C THR E 86 7.73 -17.83 -10.40
N ALA E 87 8.00 -17.69 -9.11
CA ALA E 87 9.31 -17.99 -8.55
C ALA E 87 9.31 -19.43 -8.06
N VAL E 88 10.11 -20.28 -8.71
CA VAL E 88 10.30 -21.65 -8.28
C VAL E 88 11.55 -21.68 -7.42
N ILE E 89 11.36 -21.83 -6.11
CA ILE E 89 12.46 -21.76 -5.15
C ILE E 89 12.54 -23.10 -4.45
N PRO E 90 13.27 -24.07 -5.01
CA PRO E 90 13.25 -25.42 -4.41
C PRO E 90 13.69 -25.46 -2.97
N TYR E 91 14.69 -24.68 -2.59
CA TYR E 91 15.05 -24.50 -1.19
C TYR E 91 14.90 -23.03 -0.85
N PHE E 92 14.08 -22.75 0.16
CA PHE E 92 13.77 -21.39 0.59
C PHE E 92 14.68 -21.04 1.76
N GLY E 93 15.65 -20.18 1.52
CA GLY E 93 16.55 -19.76 2.58
C GLY E 93 15.88 -18.79 3.54
N TYR E 94 16.48 -18.67 4.73
CA TYR E 94 16.01 -17.85 5.84
C TYR E 94 14.70 -18.34 6.43
N ALA E 95 14.28 -19.56 6.11
CA ALA E 95 13.00 -20.07 6.61
C ALA E 95 13.06 -20.45 8.08
N ARG E 96 14.25 -20.62 8.65
CA ARG E 96 14.36 -20.97 10.06
C ARG E 96 14.21 -19.78 10.98
N GLN E 97 14.26 -18.55 10.47
CA GLN E 97 14.04 -17.34 11.25
C GLN E 97 12.60 -16.91 11.02
N ASP E 98 11.68 -17.55 11.75
CA ASP E 98 10.26 -17.44 11.46
C ASP E 98 9.43 -16.89 12.62
N ARG E 99 10.07 -16.50 13.72
CA ARG E 99 9.35 -15.93 14.86
C ARG E 99 10.36 -15.28 15.80
N ARG E 100 9.84 -14.63 16.84
CA ARG E 100 10.67 -14.06 17.91
C ARG E 100 10.33 -14.79 19.20
N VAL E 101 11.20 -15.70 19.62
CA VAL E 101 10.96 -16.46 20.84
C VAL E 101 11.20 -15.57 22.05
N ARG E 102 10.20 -15.50 22.94
CA ARG E 102 10.28 -14.71 24.17
C ARG E 102 10.51 -13.24 23.88
N SER E 103 10.01 -12.76 22.75
CA SER E 103 10.16 -11.36 22.33
C SER E 103 11.62 -10.95 22.29
N ALA E 104 12.48 -11.87 21.87
CA ALA E 104 13.88 -11.54 21.65
C ALA E 104 13.99 -10.52 20.53
N ARG E 105 14.92 -9.58 20.68
CA ARG E 105 15.08 -8.50 19.70
C ARG E 105 15.82 -9.04 18.48
N VAL E 106 15.13 -9.89 17.76
CA VAL E 106 15.63 -10.54 16.55
C VAL E 106 14.66 -10.22 15.43
N PRO E 107 15.10 -10.35 14.18
CA PRO E 107 14.18 -10.17 13.06
C PRO E 107 13.38 -11.43 12.78
N ILE E 108 12.32 -11.26 11.99
CA ILE E 108 11.68 -12.40 11.36
C ILE E 108 12.06 -12.33 9.88
N THR E 109 13.17 -12.96 9.54
CA THR E 109 13.79 -12.72 8.24
C THR E 109 13.03 -13.40 7.12
N ALA E 110 12.33 -14.49 7.41
CA ALA E 110 11.49 -15.12 6.39
C ALA E 110 10.39 -14.16 5.93
N LYS E 111 9.81 -13.41 6.86
CA LYS E 111 8.82 -12.40 6.49
C LYS E 111 9.46 -11.28 5.69
N VAL E 112 10.70 -10.89 6.02
CA VAL E 112 11.41 -9.88 5.24
C VAL E 112 11.59 -10.33 3.80
N VAL E 113 12.01 -11.59 3.61
CA VAL E 113 12.22 -12.11 2.27
C VAL E 113 10.90 -12.21 1.51
N ALA E 114 9.84 -12.65 2.18
CA ALA E 114 8.53 -12.70 1.54
C ALA E 114 8.07 -11.31 1.11
N ASP E 115 8.32 -10.30 1.95
CA ASP E 115 7.98 -8.93 1.59
C ASP E 115 8.79 -8.44 0.39
N PHE E 116 10.07 -8.77 0.34
CA PHE E 116 10.89 -8.39 -0.81
C PHE E 116 10.35 -9.01 -2.10
N LEU E 117 10.04 -10.31 -2.05
CA LEU E 117 9.52 -10.99 -3.22
C LEU E 117 8.18 -10.42 -3.66
N SER E 118 7.32 -10.09 -2.70
CA SER E 118 6.05 -9.47 -3.05
C SER E 118 6.24 -8.06 -3.61
N SER E 119 7.25 -7.35 -3.13
CA SER E 119 7.47 -5.98 -3.57
C SER E 119 8.00 -5.93 -5.00
N VAL E 120 8.88 -6.86 -5.38
CA VAL E 120 9.38 -6.80 -6.75
C VAL E 120 8.36 -7.27 -7.78
N GLY E 121 7.34 -8.01 -7.37
CA GLY E 121 6.26 -8.35 -8.28
C GLY E 121 6.07 -9.81 -8.59
N VAL E 122 6.46 -10.69 -7.67
CA VAL E 122 6.23 -12.12 -7.87
C VAL E 122 4.73 -12.40 -7.76
N ASP E 123 4.23 -13.28 -8.62
CA ASP E 123 2.81 -13.62 -8.65
C ASP E 123 2.48 -14.98 -8.04
N ARG E 124 3.47 -15.86 -7.88
CA ARG E 124 3.25 -17.18 -7.30
C ARG E 124 4.60 -17.73 -6.87
N VAL E 125 4.59 -18.53 -5.81
CA VAL E 125 5.79 -19.18 -5.29
C VAL E 125 5.55 -20.68 -5.22
N LEU E 126 6.54 -21.46 -5.64
CA LEU E 126 6.51 -22.91 -5.56
C LEU E 126 7.77 -23.38 -4.86
N THR E 127 7.62 -24.04 -3.71
CA THR E 127 8.74 -24.47 -2.89
C THR E 127 8.62 -25.95 -2.59
N VAL E 128 9.66 -26.50 -1.97
CA VAL E 128 9.72 -27.89 -1.55
C VAL E 128 10.03 -27.93 -0.06
N ASP E 129 9.12 -28.49 0.73
CA ASP E 129 9.33 -28.78 2.14
C ASP E 129 9.82 -27.55 2.90
N LEU E 130 8.92 -26.57 2.98
CA LEU E 130 9.19 -25.39 3.81
C LEU E 130 9.45 -25.80 5.25
N HIS E 131 10.39 -25.12 5.89
CA HIS E 131 10.73 -25.45 7.27
C HIS E 131 9.53 -25.28 8.19
N ALA E 132 8.78 -24.19 8.03
CA ALA E 132 7.51 -23.99 8.69
C ALA E 132 6.45 -23.78 7.63
N GLU E 133 5.36 -24.56 7.71
CA GLU E 133 4.31 -24.43 6.72
C GLU E 133 3.58 -23.10 6.80
N GLN E 134 3.62 -22.44 7.96
CA GLN E 134 2.96 -21.15 8.12
C GLN E 134 3.59 -20.04 7.30
N ILE E 135 4.76 -20.27 6.71
CA ILE E 135 5.36 -19.29 5.80
C ILE E 135 4.47 -19.06 4.59
N GLN E 136 3.58 -20.02 4.29
CA GLN E 136 2.56 -19.78 3.27
C GLN E 136 1.76 -18.53 3.55
N GLY E 137 1.51 -18.24 4.83
CA GLY E 137 0.80 -17.04 5.22
C GLY E 137 1.63 -15.78 5.24
N PHE E 138 2.94 -15.87 5.07
CA PHE E 138 3.76 -14.67 4.98
C PHE E 138 3.59 -13.95 3.65
N PHE E 139 2.94 -14.58 2.67
CA PHE E 139 2.70 -14.01 1.35
C PHE E 139 1.24 -13.66 1.19
N ASP E 140 0.97 -12.77 0.23
CA ASP E 140 -0.38 -12.57 -0.27
C ASP E 140 -0.70 -13.44 -1.47
N VAL E 141 0.31 -13.88 -2.21
CA VAL E 141 0.15 -14.64 -3.43
C VAL E 141 0.03 -16.12 -3.11
N PRO E 142 -0.51 -16.95 -4.01
CA PRO E 142 -0.52 -18.39 -3.78
C PRO E 142 0.88 -18.94 -3.59
N VAL E 143 1.04 -19.81 -2.60
CA VAL E 143 2.30 -20.50 -2.32
C VAL E 143 2.00 -21.99 -2.26
N ASP E 144 2.65 -22.76 -3.12
CA ASP E 144 2.46 -24.20 -3.18
C ASP E 144 3.66 -24.88 -2.54
N ASN E 145 3.43 -25.51 -1.39
CA ASN E 145 4.48 -26.19 -0.64
C ASN E 145 4.37 -27.68 -0.96
N VAL E 146 5.28 -28.17 -1.80
CA VAL E 146 5.25 -29.54 -2.29
C VAL E 146 6.16 -30.39 -1.42
N PHE E 147 5.65 -31.52 -0.97
CA PHE E 147 6.42 -32.44 -0.14
C PHE E 147 7.34 -33.29 -0.99
N GLY E 148 8.55 -33.52 -0.50
CA GLY E 148 9.48 -34.43 -1.14
C GLY E 148 9.38 -35.86 -0.69
N SER E 149 8.42 -36.17 0.16
CA SER E 149 8.24 -37.48 0.77
C SER E 149 7.89 -38.60 -0.22
N PRO E 150 7.22 -38.35 -1.35
CA PRO E 150 7.03 -39.45 -2.32
C PRO E 150 8.33 -40.06 -2.81
N ILE E 151 9.30 -39.24 -3.20
CA ILE E 151 10.57 -39.75 -3.71
C ILE E 151 11.32 -40.51 -2.62
N LEU E 152 11.39 -39.91 -1.44
CA LEU E 152 12.13 -40.52 -0.34
C LEU E 152 11.47 -41.82 0.10
N LEU E 153 10.14 -41.87 0.11
CA LEU E 153 9.44 -43.09 0.48
C LEU E 153 9.63 -44.18 -0.57
N GLU E 154 9.63 -43.80 -1.85
CA GLU E 154 9.94 -44.77 -2.90
C GLU E 154 11.33 -45.35 -2.71
N ASP E 155 12.30 -44.52 -2.33
CA ASP E 155 13.63 -45.04 -2.07
C ASP E 155 13.66 -45.91 -0.82
N MET E 156 12.91 -45.54 0.22
CA MET E 156 12.87 -46.33 1.44
C MET E 156 12.34 -47.73 1.18
N LEU E 157 11.28 -47.83 0.37
CA LEU E 157 10.64 -49.13 0.16
C LEU E 157 11.49 -50.09 -0.66
N GLN E 158 12.59 -49.64 -1.25
CA GLN E 158 13.51 -50.51 -1.96
C GLN E 158 14.72 -50.90 -1.13
N LEU E 159 14.64 -50.75 0.19
CA LEU E 159 15.73 -51.11 1.07
C LEU E 159 15.52 -52.45 1.78
N ASN E 160 14.29 -52.95 1.82
CA ASN E 160 13.94 -54.18 2.52
C ASN E 160 14.40 -54.12 3.97
N LEU E 161 13.82 -53.16 4.70
CA LEU E 161 14.15 -52.97 6.10
C LEU E 161 13.46 -54.01 6.96
N ASP E 162 14.11 -54.36 8.07
CA ASP E 162 13.63 -55.39 8.98
C ASP E 162 12.87 -54.71 10.11
N ASN E 163 11.55 -54.69 9.98
CA ASN E 163 10.67 -54.06 10.95
C ASN E 163 11.14 -52.65 11.29
N PRO E 164 11.19 -51.75 10.31
CA PRO E 164 11.82 -50.45 10.54
C PRO E 164 11.00 -49.57 11.49
N ILE E 165 11.72 -48.67 12.14
CA ILE E 165 11.12 -47.66 13.01
C ILE E 165 11.61 -46.30 12.56
N VAL E 166 10.70 -45.34 12.52
CA VAL E 166 10.99 -44.00 12.01
C VAL E 166 11.30 -43.09 13.19
N VAL E 167 12.46 -42.44 13.14
CA VAL E 167 12.97 -41.64 14.25
C VAL E 167 13.17 -40.21 13.78
N SER E 168 12.72 -39.26 14.58
CA SER E 168 12.99 -37.85 14.34
C SER E 168 14.18 -37.41 15.17
N PRO E 169 15.22 -36.82 14.56
CA PRO E 169 16.41 -36.44 15.34
C PRO E 169 16.17 -35.36 16.37
N ASP E 170 15.06 -34.62 16.29
CA ASP E 170 14.75 -33.61 17.30
C ASP E 170 13.25 -33.51 17.46
N ILE E 171 12.82 -32.61 18.33
CA ILE E 171 11.41 -32.46 18.65
C ILE E 171 10.68 -31.70 17.55
N GLY E 172 11.37 -30.85 16.80
CA GLY E 172 10.73 -30.10 15.75
C GLY E 172 10.32 -30.93 14.55
N GLY E 173 10.87 -32.13 14.40
CA GLY E 173 10.56 -32.99 13.28
C GLY E 173 9.58 -34.11 13.55
N VAL E 174 8.88 -34.07 14.68
CA VAL E 174 8.02 -35.18 15.08
C VAL E 174 6.84 -35.32 14.11
N VAL E 175 6.26 -34.20 13.69
CA VAL E 175 5.10 -34.25 12.80
C VAL E 175 5.48 -34.89 11.47
N ARG E 176 6.60 -34.45 10.90
CA ARG E 176 7.06 -35.02 9.63
C ARG E 176 7.42 -36.49 9.78
N ALA E 177 8.08 -36.85 10.88
CA ALA E 177 8.43 -38.24 11.12
C ALA E 177 7.19 -39.11 11.22
N ARG E 178 6.15 -38.60 11.89
CA ARG E 178 4.90 -39.35 12.00
C ARG E 178 4.23 -39.53 10.64
N ALA E 179 4.24 -38.48 9.81
CA ALA E 179 3.68 -38.62 8.47
C ALA E 179 4.42 -39.69 7.67
N ILE E 180 5.76 -39.67 7.73
CA ILE E 180 6.55 -40.67 7.02
C ILE E 180 6.24 -42.06 7.56
N ALA E 181 6.13 -42.19 8.89
CA ALA E 181 5.85 -43.49 9.50
C ALA E 181 4.50 -44.03 9.05
N LYS E 182 3.48 -43.16 9.00
CA LYS E 182 2.18 -43.62 8.53
C LYS E 182 2.24 -44.01 7.06
N LEU E 183 3.07 -43.35 6.27
CA LEU E 183 3.22 -43.76 4.88
C LEU E 183 4.03 -45.04 4.70
N LEU E 184 4.89 -45.38 5.67
CA LEU E 184 5.81 -46.51 5.52
C LEU E 184 5.22 -47.76 6.18
N ASN E 185 4.16 -48.27 5.56
CA ASN E 185 3.44 -49.45 6.02
C ASN E 185 2.91 -49.29 7.45
N ASP E 186 2.72 -48.05 7.90
CA ASP E 186 2.15 -47.76 9.22
C ASP E 186 3.00 -48.37 10.33
N THR E 187 4.30 -48.07 10.30
CA THR E 187 5.22 -48.59 11.30
C THR E 187 5.15 -47.75 12.57
N ASP E 188 6.07 -47.99 13.49
CA ASP E 188 6.17 -47.25 14.74
C ASP E 188 7.09 -46.05 14.57
N MET E 189 7.05 -45.16 15.55
CA MET E 189 7.91 -44.00 15.54
C MET E 189 8.53 -43.80 16.92
N ALA E 190 9.76 -43.30 16.94
CA ALA E 190 10.48 -42.98 18.16
C ALA E 190 10.98 -41.55 18.09
N ILE E 191 11.21 -40.96 19.25
CA ILE E 191 11.53 -39.54 19.35
C ILE E 191 12.81 -39.36 20.15
N ILE E 192 13.74 -38.58 19.62
CA ILE E 192 14.98 -38.25 20.32
C ILE E 192 14.74 -37.00 21.14
N ASP E 193 14.95 -37.10 22.45
CA ASP E 193 14.75 -35.99 23.37
C ASP E 193 16.10 -35.62 23.97
N LYS E 194 16.49 -34.36 23.81
CA LYS E 194 17.80 -33.87 24.25
C LYS E 194 17.62 -32.93 25.42
N ARG E 195 18.38 -33.17 26.49
CA ARG E 195 18.28 -32.40 27.72
C ARG E 195 19.66 -31.89 28.12
N ARG E 196 19.65 -30.81 28.89
CA ARG E 196 20.86 -30.19 29.43
C ARG E 196 21.83 -29.78 28.33
N GLN E 203 23.47 -32.77 28.13
CA GLN E 203 24.14 -33.10 26.87
C GLN E 203 23.83 -34.53 26.45
N VAL E 204 22.94 -35.17 27.20
CA VAL E 204 22.57 -36.55 26.94
C VAL E 204 21.35 -36.58 26.04
N MET E 205 21.20 -37.66 25.28
CA MET E 205 20.09 -37.85 24.38
C MET E 205 19.18 -38.95 24.92
N HIS E 206 17.93 -38.61 25.18
CA HIS E 206 16.93 -39.55 25.66
C HIS E 206 16.09 -40.02 24.49
N ILE E 207 15.87 -41.32 24.39
CA ILE E 207 15.06 -41.90 23.33
C ILE E 207 13.74 -42.35 23.94
N ILE E 208 12.65 -41.86 23.38
CA ILE E 208 11.31 -42.28 23.78
C ILE E 208 10.81 -43.26 22.72
N GLY E 209 10.60 -44.50 23.13
CA GLY E 209 10.26 -45.55 22.19
C GLY E 209 11.30 -46.66 22.19
N ASP E 210 10.94 -47.82 21.66
CA ASP E 210 11.81 -48.99 21.68
C ASP E 210 12.49 -49.15 20.32
N VAL E 211 13.81 -49.22 20.33
CA VAL E 211 14.61 -49.37 19.11
C VAL E 211 15.50 -50.60 19.17
N ALA E 212 15.33 -51.45 20.17
CA ALA E 212 16.21 -52.60 20.35
C ALA E 212 16.00 -53.60 19.21
N GLY E 213 17.07 -53.86 18.46
CA GLY E 213 17.02 -54.85 17.39
C GLY E 213 16.09 -54.49 16.26
N ARG E 214 16.10 -53.23 15.83
CA ARG E 214 15.29 -52.79 14.71
C ARG E 214 16.11 -51.87 13.82
N ASP E 215 15.72 -51.78 12.56
CA ASP E 215 16.33 -50.82 11.64
C ASP E 215 15.71 -49.45 11.89
N CYS E 216 16.56 -48.43 11.95
CA CYS E 216 16.13 -47.07 12.26
C CYS E 216 16.30 -46.19 11.04
N VAL E 217 15.26 -45.44 10.71
CA VAL E 217 15.29 -44.47 9.61
C VAL E 217 15.13 -43.09 10.22
N LEU E 218 16.21 -42.32 10.24
CA LEU E 218 16.14 -40.93 10.68
C LEU E 218 15.64 -40.07 9.52
N VAL E 219 14.58 -39.30 9.77
CA VAL E 219 13.98 -38.44 8.75
C VAL E 219 14.03 -37.01 9.23
N ASP E 220 14.46 -36.11 8.34
CA ASP E 220 14.53 -34.69 8.66
C ASP E 220 14.24 -33.91 7.40
N ASP E 221 13.92 -32.63 7.58
CA ASP E 221 13.74 -31.76 6.43
C ASP E 221 15.07 -31.33 5.82
N MET E 222 16.12 -31.22 6.63
CA MET E 222 17.41 -30.75 6.14
C MET E 222 18.52 -31.35 7.00
N ILE E 223 19.73 -31.27 6.47
CA ILE E 223 20.94 -31.62 7.21
C ILE E 223 21.88 -30.42 7.08
N ASP E 224 21.98 -29.62 8.13
CA ASP E 224 22.82 -28.42 8.06
C ASP E 224 24.27 -28.74 8.38
N THR E 225 24.56 -29.17 9.61
CA THR E 225 25.92 -29.51 10.00
C THR E 225 26.11 -31.00 10.27
N GLY E 226 25.04 -31.73 10.55
CA GLY E 226 25.12 -33.14 10.83
C GLY E 226 25.52 -33.50 12.24
N GLY E 227 25.75 -32.51 13.10
CA GLY E 227 26.15 -32.83 14.47
C GLY E 227 25.06 -33.54 15.23
N THR E 228 23.84 -33.00 15.22
CA THR E 228 22.75 -33.65 15.92
C THR E 228 22.35 -34.95 15.25
N LEU E 229 22.47 -35.05 13.93
CA LEU E 229 22.16 -36.29 13.23
C LEU E 229 23.13 -37.39 13.63
N CYS E 230 24.42 -37.07 13.66
CA CYS E 230 25.41 -38.06 14.06
C CYS E 230 25.25 -38.46 15.52
N LYS E 231 24.94 -37.49 16.39
CA LYS E 231 24.70 -37.83 17.80
C LYS E 231 23.49 -38.73 17.95
N ALA E 232 22.41 -38.45 17.21
CA ALA E 232 21.22 -39.29 17.29
C ALA E 232 21.51 -40.70 16.80
N ALA E 233 22.27 -40.82 15.71
CA ALA E 233 22.64 -42.14 15.22
C ALA E 233 23.48 -42.89 16.24
N GLU E 234 24.41 -42.19 16.89
CA GLU E 234 25.24 -42.81 17.91
C GLU E 234 24.38 -43.32 19.07
N ALA E 235 23.44 -42.51 19.54
CA ALA E 235 22.56 -42.94 20.63
C ALA E 235 21.70 -44.13 20.21
N LEU E 236 21.17 -44.09 18.99
CA LEU E 236 20.34 -45.19 18.52
C LEU E 236 21.12 -46.50 18.44
N LYS E 237 22.35 -46.43 17.95
CA LYS E 237 23.17 -47.64 17.91
C LYS E 237 23.60 -48.09 19.30
N GLU E 238 23.73 -47.15 20.24
CA GLU E 238 24.10 -47.55 21.59
C GLU E 238 22.95 -48.26 22.29
N ARG E 239 21.72 -47.88 21.97
CA ARG E 239 20.55 -48.60 22.50
C ARG E 239 20.19 -49.81 21.67
N GLY E 240 21.13 -50.33 20.88
CA GLY E 240 20.93 -51.56 20.17
C GLY E 240 20.03 -51.48 18.95
N ALA E 241 20.46 -50.75 17.93
CA ALA E 241 19.76 -50.70 16.65
C ALA E 241 20.67 -51.32 15.59
N LYS E 242 20.06 -52.07 14.67
CA LYS E 242 20.86 -52.80 13.69
C LYS E 242 21.53 -51.84 12.71
N ARG E 243 20.72 -51.12 11.93
CA ARG E 243 21.23 -50.21 10.92
C ARG E 243 20.52 -48.87 11.04
N VAL E 244 21.24 -47.80 10.70
CA VAL E 244 20.71 -46.45 10.77
C VAL E 244 20.81 -45.82 9.39
N PHE E 245 19.70 -45.31 8.89
CA PHE E 245 19.63 -44.60 7.62
C PHE E 245 19.13 -43.19 7.87
N ALA E 246 19.71 -42.22 7.16
CA ALA E 246 19.33 -40.83 7.29
C ALA E 246 18.72 -40.37 5.96
N TYR E 247 17.50 -39.84 6.03
CA TYR E 247 16.79 -39.32 4.87
C TYR E 247 16.46 -37.86 5.11
N ALA E 248 16.80 -37.01 4.15
CA ALA E 248 16.49 -35.59 4.26
C ALA E 248 16.19 -35.05 2.88
N THR E 249 15.56 -33.89 2.84
CA THR E 249 15.24 -33.25 1.57
C THR E 249 16.29 -32.22 1.17
N HIS E 250 16.73 -31.38 2.08
CA HIS E 250 17.64 -30.29 1.75
C HIS E 250 19.05 -30.59 2.23
N PRO E 251 20.01 -30.81 1.33
CA PRO E 251 21.40 -31.06 1.73
C PRO E 251 22.25 -29.80 1.88
N ILE E 252 22.05 -29.10 3.00
CA ILE E 252 22.79 -27.85 3.22
C ILE E 252 24.26 -28.14 3.44
N PHE E 253 24.58 -29.07 4.34
CA PHE E 253 25.94 -29.57 4.55
C PHE E 253 26.94 -28.42 4.76
N SER E 254 26.71 -27.65 5.81
CA SER E 254 27.56 -26.51 6.10
C SER E 254 28.52 -26.83 7.24
N GLY E 255 29.56 -26.01 7.36
CA GLY E 255 30.55 -26.16 8.40
C GLY E 255 31.37 -27.43 8.27
N ASN E 256 31.37 -28.25 9.32
CA ASN E 256 32.13 -29.49 9.37
C ASN E 256 31.30 -30.71 9.00
N ALA E 257 30.36 -30.56 8.07
CA ALA E 257 29.41 -31.63 7.80
C ALA E 257 30.11 -32.85 7.21
N ALA E 258 31.08 -32.64 6.32
CA ALA E 258 31.74 -33.78 5.67
C ALA E 258 32.50 -34.64 6.66
N ASN E 259 33.23 -34.02 7.58
CA ASN E 259 33.96 -34.78 8.58
C ASN E 259 33.00 -35.46 9.56
N ASN E 260 31.91 -34.79 9.91
CA ASN E 260 30.92 -35.40 10.78
C ASN E 260 30.31 -36.63 10.14
N LEU E 261 29.99 -36.55 8.85
CA LEU E 261 29.38 -37.69 8.18
C LEU E 261 30.39 -38.80 7.90
N ARG E 262 31.67 -38.45 7.72
CA ARG E 262 32.68 -39.45 7.47
C ARG E 262 32.93 -40.31 8.70
N ASN E 263 33.09 -39.68 9.86
CA ASN E 263 33.31 -40.39 11.12
C ASN E 263 32.01 -40.64 11.86
N SER E 264 31.04 -41.26 11.19
CA SER E 264 29.73 -41.49 11.78
C SER E 264 29.34 -42.95 11.58
N VAL E 265 28.31 -43.36 12.31
CA VAL E 265 27.83 -44.73 12.28
C VAL E 265 26.62 -44.89 11.36
N ILE E 266 26.35 -43.91 10.52
CA ILE E 266 25.20 -43.96 9.63
C ILE E 266 25.57 -44.77 8.39
N ASP E 267 24.72 -45.73 8.04
CA ASP E 267 25.01 -46.61 6.92
C ASP E 267 24.77 -45.94 5.57
N GLU E 268 23.78 -45.06 5.48
CA GLU E 268 23.45 -44.42 4.21
C GLU E 268 22.79 -43.07 4.50
N VAL E 269 23.19 -42.06 3.73
CA VAL E 269 22.57 -40.75 3.78
C VAL E 269 21.97 -40.48 2.41
N VAL E 270 20.66 -40.27 2.35
CA VAL E 270 19.95 -40.04 1.10
C VAL E 270 19.30 -38.67 1.16
N VAL E 271 19.59 -37.84 0.16
CA VAL E 271 19.09 -36.47 0.10
C VAL E 271 18.55 -36.21 -1.30
N CYS E 272 17.77 -35.14 -1.41
CA CYS E 272 17.27 -34.69 -2.70
C CYS E 272 18.27 -33.71 -3.31
N ASP E 273 17.91 -33.08 -4.43
CA ASP E 273 18.85 -32.24 -5.17
C ASP E 273 18.41 -30.78 -5.20
N THR E 274 17.76 -30.31 -4.15
CA THR E 274 17.38 -28.90 -4.09
C THR E 274 18.59 -27.98 -3.94
N ILE E 275 19.71 -28.49 -3.47
CA ILE E 275 20.95 -27.74 -3.32
C ILE E 275 22.07 -28.56 -3.95
N PRO E 276 22.90 -27.98 -4.81
CA PRO E 276 24.01 -28.74 -5.38
C PRO E 276 25.00 -29.17 -4.30
N LEU E 277 25.53 -30.37 -4.46
CA LEU E 277 26.52 -30.89 -3.52
C LEU E 277 27.91 -30.40 -3.87
N SER E 278 28.75 -30.27 -2.86
CA SER E 278 30.15 -29.93 -3.07
C SER E 278 30.96 -31.16 -3.45
N ASP E 279 32.18 -30.94 -3.92
CA ASP E 279 33.09 -32.04 -4.18
C ASP E 279 33.44 -32.78 -2.90
N GLU E 280 33.59 -32.03 -1.81
CA GLU E 280 33.86 -32.62 -0.51
C GLU E 280 32.81 -33.66 -0.15
N ILE E 281 31.52 -33.32 -0.30
CA ILE E 281 30.46 -34.26 0.04
C ILE E 281 30.35 -35.36 -1.01
N LYS E 282 30.49 -35.01 -2.28
CA LYS E 282 30.37 -36.01 -3.34
C LYS E 282 31.46 -37.07 -3.26
N SER E 283 32.61 -36.76 -2.66
CA SER E 283 33.64 -37.77 -2.48
C SER E 283 33.24 -38.84 -1.48
N LEU E 284 32.29 -38.55 -0.59
CA LEU E 284 31.90 -39.51 0.43
C LEU E 284 31.24 -40.72 -0.21
N PRO E 285 31.54 -41.92 0.28
CA PRO E 285 31.00 -43.13 -0.36
C PRO E 285 29.57 -43.48 0.03
N ASN E 286 29.07 -42.96 1.15
CA ASN E 286 27.74 -43.33 1.65
C ASN E 286 26.77 -42.15 1.63
N VAL E 287 26.85 -41.30 0.62
CA VAL E 287 25.90 -40.22 0.42
C VAL E 287 25.31 -40.38 -0.97
N ARG E 288 23.99 -40.49 -1.04
CA ARG E 288 23.28 -40.75 -2.29
C ARG E 288 22.25 -39.67 -2.53
N THR E 289 22.05 -39.32 -3.80
CA THR E 289 21.18 -38.22 -4.19
C THR E 289 20.02 -38.73 -5.02
N LEU E 290 18.83 -38.25 -4.70
CA LEU E 290 17.63 -38.45 -5.51
C LEU E 290 17.28 -37.14 -6.20
N THR E 291 16.55 -37.24 -7.30
CA THR E 291 16.22 -36.08 -8.11
C THR E 291 14.76 -35.69 -7.92
N LEU E 292 14.52 -34.38 -7.88
CA LEU E 292 13.18 -33.82 -7.79
C LEU E 292 12.75 -33.17 -9.09
N SER E 293 13.53 -33.34 -10.16
CA SER E 293 13.25 -32.63 -11.40
C SER E 293 11.92 -33.04 -12.01
N GLY E 294 11.57 -34.33 -11.93
CA GLY E 294 10.31 -34.77 -12.48
C GLY E 294 9.11 -34.19 -11.74
N MET E 295 9.18 -34.16 -10.41
CA MET E 295 8.08 -33.65 -9.62
C MET E 295 7.91 -32.14 -9.83
N LEU E 296 9.01 -31.41 -9.85
CA LEU E 296 8.95 -29.96 -10.09
C LEU E 296 8.47 -29.66 -11.50
N ALA E 297 8.91 -30.46 -12.48
CA ALA E 297 8.45 -30.27 -13.85
C ALA E 297 6.95 -30.50 -13.97
N GLU E 298 6.43 -31.52 -13.29
CA GLU E 298 5.00 -31.77 -13.31
C GLU E 298 4.24 -30.64 -12.63
N ALA E 299 4.77 -30.10 -11.52
CA ALA E 299 4.11 -28.97 -10.87
C ALA E 299 4.09 -27.75 -11.77
N ILE E 300 5.20 -27.47 -12.45
CA ILE E 300 5.25 -26.33 -13.37
C ILE E 300 4.27 -26.53 -14.51
N ARG E 301 4.18 -27.76 -15.02
CA ARG E 301 3.23 -28.07 -16.08
C ARG E 301 1.80 -27.81 -15.65
N ARG E 302 1.44 -28.24 -14.44
CA ARG E 302 0.08 -28.04 -13.96
C ARG E 302 -0.22 -26.56 -13.71
N ILE E 303 0.75 -25.82 -13.18
CA ILE E 303 0.52 -24.39 -12.97
C ILE E 303 0.34 -23.67 -14.30
N SER E 304 1.16 -24.03 -15.30
CA SER E 304 1.11 -23.33 -16.58
C SER E 304 -0.21 -23.60 -17.31
N ASN E 305 -0.74 -24.81 -17.21
CA ASN E 305 -1.94 -25.19 -17.94
C ASN E 305 -3.22 -24.98 -17.15
N GLU E 306 -3.13 -24.37 -15.97
CA GLU E 306 -4.29 -24.06 -15.15
C GLU E 306 -5.03 -25.32 -14.71
N GLU E 307 -4.27 -26.37 -14.42
CA GLU E 307 -4.83 -27.60 -13.90
C GLU E 307 -4.74 -27.61 -12.37
N SER E 308 -5.46 -28.54 -11.77
CA SER E 308 -5.44 -28.70 -10.32
C SER E 308 -4.06 -29.15 -9.85
N ILE E 309 -3.58 -28.52 -8.77
CA ILE E 309 -2.28 -28.86 -8.22
C ILE E 309 -2.37 -29.92 -7.13
N SER E 310 -3.58 -30.28 -6.69
CA SER E 310 -3.75 -31.26 -5.63
C SER E 310 -3.27 -32.64 -6.04
N ALA E 311 -3.14 -32.92 -7.33
CA ALA E 311 -2.68 -34.22 -7.79
C ALA E 311 -1.23 -34.50 -7.44
N MET E 312 -0.49 -33.48 -6.99
CA MET E 312 0.92 -33.63 -6.70
C MET E 312 1.20 -34.24 -5.34
N PHE E 313 0.16 -34.52 -4.55
CA PHE E 313 0.32 -34.95 -3.16
C PHE E 313 -0.14 -36.39 -2.96
N GLU E 314 0.16 -37.26 -3.93
CA GLU E 314 -0.19 -38.67 -3.87
C GLU E 314 1.08 -39.50 -3.95
N HIS E 315 1.05 -40.66 -3.29
CA HIS E 315 2.20 -41.55 -3.29
C HIS E 315 1.91 -42.83 -4.08
N ASP F 3 -8.30 -5.02 -29.06
CA ASP F 3 -9.09 -3.81 -29.06
C ASP F 3 -8.29 -2.59 -28.62
N MET F 4 -7.65 -1.93 -29.58
CA MET F 4 -6.89 -0.71 -29.32
C MET F 4 -7.82 0.48 -29.48
N LYS F 5 -7.92 1.30 -28.43
CA LYS F 5 -8.72 2.51 -28.45
C LYS F 5 -7.82 3.69 -28.09
N LEU F 6 -7.93 4.76 -28.86
CA LEU F 6 -7.17 5.98 -28.64
C LEU F 6 -8.10 7.06 -28.07
N PHE F 7 -7.63 7.76 -27.06
CA PHE F 7 -8.34 8.89 -26.50
C PHE F 7 -7.39 10.06 -26.40
N ALA F 8 -7.93 11.26 -26.53
CA ALA F 8 -7.13 12.49 -26.52
C ALA F 8 -7.73 13.48 -25.56
N GLY F 9 -6.86 14.28 -24.95
CA GLY F 9 -7.25 15.42 -24.17
C GLY F 9 -7.29 16.68 -25.01
N ASN F 10 -7.31 17.82 -24.34
CA ASN F 10 -7.31 19.10 -25.01
C ASN F 10 -5.91 19.71 -25.14
N ALA F 11 -4.88 19.00 -24.70
CA ALA F 11 -3.53 19.56 -24.76
C ALA F 11 -2.93 19.44 -26.16
N THR F 12 -2.96 18.25 -26.75
CA THR F 12 -2.37 17.99 -28.06
C THR F 12 -3.37 17.26 -28.94
N PRO F 13 -4.45 17.94 -29.37
CA PRO F 13 -5.45 17.25 -30.20
C PRO F 13 -4.99 16.98 -31.63
N GLU F 14 -4.22 17.88 -32.23
CA GLU F 14 -3.79 17.66 -33.61
C GLU F 14 -2.73 16.58 -33.71
N LEU F 15 -1.82 16.52 -32.74
CA LEU F 15 -0.85 15.42 -32.71
C LEU F 15 -1.56 14.09 -32.53
N ALA F 16 -2.58 14.05 -31.67
CA ALA F 16 -3.35 12.83 -31.49
C ALA F 16 -4.07 12.43 -32.76
N GLN F 17 -4.60 13.41 -33.49
CA GLN F 17 -5.26 13.10 -34.76
C GLN F 17 -4.27 12.55 -35.78
N ARG F 18 -3.06 13.12 -35.83
CA ARG F 18 -2.04 12.59 -36.75
C ARG F 18 -1.66 11.17 -36.39
N ILE F 19 -1.50 10.89 -35.09
CA ILE F 19 -1.17 9.53 -34.66
C ILE F 19 -2.29 8.57 -35.02
N ALA F 20 -3.54 8.98 -34.81
CA ALA F 20 -4.66 8.14 -35.17
C ALA F 20 -4.70 7.89 -36.67
N ASN F 21 -4.38 8.89 -37.47
CA ASN F 21 -4.32 8.71 -38.92
C ASN F 21 -3.26 7.68 -39.30
N ARG F 22 -2.10 7.73 -38.65
CA ARG F 22 -1.04 6.78 -39.00
C ARG F 22 -1.33 5.37 -38.52
N LEU F 23 -2.22 5.20 -37.54
CA LEU F 23 -2.65 3.89 -37.11
C LEU F 23 -3.89 3.41 -37.84
N TYR F 24 -4.40 4.22 -38.77
CA TYR F 24 -5.60 3.90 -39.55
C TYR F 24 -6.77 3.57 -38.64
N THR F 25 -6.92 4.33 -37.57
CA THR F 25 -8.09 4.25 -36.71
C THR F 25 -8.63 5.66 -36.50
N SER F 26 -9.59 5.81 -35.60
CA SER F 26 -10.11 7.11 -35.24
C SER F 26 -10.10 7.25 -33.73
N LEU F 27 -10.07 8.49 -33.26
CA LEU F 27 -10.02 8.76 -31.84
C LEU F 27 -11.32 8.32 -31.17
N GLY F 28 -11.21 7.77 -29.96
CA GLY F 28 -12.38 7.36 -29.22
C GLY F 28 -13.24 8.54 -28.82
N ASP F 29 -14.51 8.27 -28.60
CA ASP F 29 -15.49 9.33 -28.36
C ASP F 29 -15.60 9.57 -26.86
N ALA F 30 -15.15 10.73 -26.42
CA ALA F 30 -15.20 11.10 -25.02
C ALA F 30 -15.37 12.61 -24.91
N ALA F 31 -16.28 13.04 -24.05
CA ALA F 31 -16.52 14.46 -23.82
C ALA F 31 -15.61 14.93 -22.69
N VAL F 32 -14.64 15.77 -23.01
CA VAL F 32 -13.65 16.25 -22.07
C VAL F 32 -13.64 17.77 -22.12
N GLY F 33 -14.19 18.41 -21.11
CA GLY F 33 -14.30 19.86 -21.08
C GLY F 33 -14.24 20.39 -19.66
N ARG F 34 -14.92 21.49 -19.43
CA ARG F 34 -14.92 22.17 -18.15
C ARG F 34 -16.35 22.39 -17.68
N PHE F 35 -16.53 22.39 -16.37
CA PHE F 35 -17.78 22.86 -15.78
C PHE F 35 -17.79 24.38 -15.76
N SER F 36 -18.88 24.96 -15.24
CA SER F 36 -19.01 26.41 -15.25
C SER F 36 -17.93 27.07 -14.41
N ASP F 37 -17.60 26.50 -13.26
CA ASP F 37 -16.61 27.08 -12.36
C ASP F 37 -15.18 26.71 -12.71
N GLY F 38 -14.96 25.92 -13.75
CA GLY F 38 -13.62 25.61 -14.22
C GLY F 38 -13.09 24.26 -13.83
N GLU F 39 -13.89 23.41 -13.20
CA GLU F 39 -13.46 22.06 -12.87
C GLU F 39 -13.56 21.16 -14.09
N VAL F 40 -12.65 20.20 -14.17
CA VAL F 40 -12.58 19.30 -15.33
C VAL F 40 -13.80 18.40 -15.36
N SER F 41 -14.41 18.26 -16.53
CA SER F 41 -15.55 17.39 -16.75
C SER F 41 -15.16 16.32 -17.77
N VAL F 42 -15.44 15.06 -17.44
CA VAL F 42 -15.06 13.93 -18.29
C VAL F 42 -16.23 12.96 -18.37
N GLN F 43 -16.54 12.49 -19.57
CA GLN F 43 -17.47 11.39 -19.74
C GLN F 43 -17.02 10.54 -20.93
N ILE F 44 -16.83 9.26 -20.68
CA ILE F 44 -16.50 8.31 -21.75
C ILE F 44 -17.79 7.87 -22.40
N ASN F 45 -17.89 8.07 -23.71
CA ASN F 45 -19.14 7.85 -24.44
C ASN F 45 -19.11 6.57 -25.28
N GLU F 46 -18.36 5.57 -24.85
CA GLU F 46 -18.35 4.29 -25.54
C GLU F 46 -17.86 3.21 -24.60
N ASN F 47 -18.18 1.97 -24.95
CA ASN F 47 -17.80 0.81 -24.15
C ASN F 47 -16.29 0.59 -24.23
N VAL F 48 -15.64 0.45 -23.07
CA VAL F 48 -14.20 0.25 -23.02
C VAL F 48 -13.86 -0.97 -22.18
N ARG F 49 -14.87 -1.76 -21.84
CA ARG F 49 -14.67 -2.91 -20.96
C ARG F 49 -13.67 -3.89 -21.55
N GLY F 50 -12.59 -4.14 -20.82
CA GLY F 50 -11.57 -5.08 -21.25
C GLY F 50 -10.68 -4.59 -22.35
N GLY F 51 -10.79 -3.33 -22.76
CA GLY F 51 -10.03 -2.81 -23.87
C GLY F 51 -8.61 -2.45 -23.52
N ASP F 52 -7.85 -2.12 -24.56
CA ASP F 52 -6.44 -1.74 -24.45
C ASP F 52 -6.35 -0.26 -24.82
N ILE F 53 -6.35 0.60 -23.81
CA ILE F 53 -6.60 2.03 -23.98
C ILE F 53 -5.29 2.79 -24.00
N PHE F 54 -5.17 3.72 -24.94
CA PHE F 54 -4.07 4.66 -24.99
C PHE F 54 -4.62 6.08 -24.88
N ILE F 55 -4.06 6.86 -23.96
CA ILE F 55 -4.43 8.25 -23.77
C ILE F 55 -3.26 9.11 -24.22
N ILE F 56 -3.50 9.99 -25.17
CA ILE F 56 -2.46 10.87 -25.70
C ILE F 56 -2.70 12.27 -25.14
N GLN F 57 -1.79 12.72 -24.29
CA GLN F 57 -1.89 14.08 -23.78
C GLN F 57 -0.58 14.53 -23.14
N SER F 58 -0.05 15.66 -23.61
CA SER F 58 1.10 16.28 -22.96
C SER F 58 0.65 17.10 -21.75
N THR F 59 1.50 17.13 -20.73
CA THR F 59 1.23 17.98 -19.56
C THR F 59 1.96 19.31 -19.72
N CYS F 60 1.63 20.00 -20.81
CA CYS F 60 2.20 21.29 -21.13
C CYS F 60 1.26 22.40 -20.70
N ALA F 61 1.68 23.65 -20.89
CA ALA F 61 0.95 24.80 -20.37
C ALA F 61 -0.41 24.92 -21.06
N PRO F 62 -1.50 25.17 -20.30
CA PRO F 62 -1.59 25.26 -18.84
C PRO F 62 -1.38 23.91 -18.16
N THR F 63 -0.29 23.79 -17.41
CA THR F 63 0.19 22.49 -16.97
C THR F 63 -0.80 21.80 -16.05
N ASN F 64 -1.32 22.52 -15.06
CA ASN F 64 -2.13 21.88 -14.02
C ASN F 64 -3.47 21.42 -14.56
N ASP F 65 -4.08 22.20 -15.45
CA ASP F 65 -5.32 21.77 -16.08
C ASP F 65 -5.11 20.51 -16.91
N ASN F 66 -4.02 20.46 -17.70
CA ASN F 66 -3.76 19.29 -18.53
C ASN F 66 -3.49 18.06 -17.67
N LEU F 67 -2.72 18.21 -16.59
CA LEU F 67 -2.44 17.09 -15.70
C LEU F 67 -3.72 16.59 -15.04
N MET F 68 -4.56 17.50 -14.55
CA MET F 68 -5.82 17.08 -13.94
C MET F 68 -6.71 16.38 -14.96
N GLU F 69 -6.73 16.88 -16.19
CA GLU F 69 -7.47 16.24 -17.27
C GLU F 69 -7.03 14.80 -17.45
N LEU F 70 -5.71 14.58 -17.49
CA LEU F 70 -5.19 13.24 -17.70
C LEU F 70 -5.56 12.30 -16.55
N VAL F 71 -5.35 12.74 -15.30
CA VAL F 71 -5.61 11.84 -14.19
C VAL F 71 -7.11 11.56 -14.05
N VAL F 72 -7.95 12.55 -14.35
CA VAL F 72 -9.40 12.35 -14.26
C VAL F 72 -9.87 11.39 -15.37
N MET F 73 -9.29 11.50 -16.57
CA MET F 73 -9.59 10.51 -17.61
C MET F 73 -9.20 9.12 -17.17
N VAL F 74 -8.02 8.96 -16.57
CA VAL F 74 -7.58 7.63 -16.15
C VAL F 74 -8.52 7.06 -15.11
N ASP F 75 -8.94 7.88 -14.15
CA ASP F 75 -9.89 7.39 -13.14
C ASP F 75 -11.21 6.98 -13.76
N ALA F 76 -11.72 7.78 -14.70
CA ALA F 76 -12.98 7.44 -15.35
C ALA F 76 -12.88 6.14 -16.12
N LEU F 77 -11.76 5.94 -16.82
CA LEU F 77 -11.59 4.70 -17.59
C LEU F 77 -11.40 3.50 -16.68
N ARG F 78 -10.71 3.67 -15.56
CA ARG F 78 -10.48 2.56 -14.66
C ARG F 78 -11.77 2.12 -13.98
N ARG F 79 -12.62 3.07 -13.59
CA ARG F 79 -13.90 2.67 -13.01
C ARG F 79 -14.86 2.10 -14.03
N ALA F 80 -14.63 2.34 -15.32
CA ALA F 80 -15.44 1.76 -16.39
C ALA F 80 -14.89 0.42 -16.85
N SER F 81 -14.01 -0.21 -16.07
CA SER F 81 -13.55 -1.57 -16.29
C SER F 81 -12.69 -1.70 -17.55
N ALA F 82 -11.84 -0.71 -17.81
CA ALA F 82 -10.87 -0.83 -18.89
C ALA F 82 -9.85 -1.91 -18.55
N GLY F 83 -9.26 -2.51 -19.57
CA GLY F 83 -8.30 -3.58 -19.37
C GLY F 83 -6.92 -3.09 -18.99
N ARG F 84 -6.29 -2.34 -19.88
CA ARG F 84 -4.95 -1.81 -19.68
C ARG F 84 -4.94 -0.38 -20.15
N ILE F 85 -4.34 0.51 -19.36
CA ILE F 85 -4.31 1.94 -19.68
C ILE F 85 -2.86 2.37 -19.84
N THR F 86 -2.52 2.85 -21.02
CA THR F 86 -1.20 3.41 -21.30
C THR F 86 -1.32 4.92 -21.47
N ALA F 87 -0.55 5.67 -20.71
CA ALA F 87 -0.52 7.11 -20.82
C ALA F 87 0.61 7.50 -21.77
N VAL F 88 0.25 8.04 -22.92
CA VAL F 88 1.23 8.56 -23.87
C VAL F 88 1.37 10.06 -23.58
N ILE F 89 2.50 10.44 -23.00
CA ILE F 89 2.73 11.81 -22.57
C ILE F 89 3.92 12.36 -23.34
N PRO F 90 3.73 12.89 -24.55
CA PRO F 90 4.89 13.29 -25.36
C PRO F 90 5.81 14.28 -24.67
N TYR F 91 5.26 15.25 -23.94
CA TYR F 91 6.04 16.13 -23.10
C TYR F 91 5.59 15.94 -21.66
N PHE F 92 6.52 15.59 -20.78
CA PHE F 92 6.24 15.32 -19.38
C PHE F 92 6.54 16.58 -18.58
N GLY F 93 5.51 17.26 -18.12
CA GLY F 93 5.70 18.45 -17.31
C GLY F 93 6.17 18.12 -15.91
N TYR F 94 6.75 19.14 -15.26
CA TYR F 94 7.32 19.07 -13.91
C TYR F 94 8.55 18.18 -13.84
N ALA F 95 9.14 17.82 -14.99
CA ALA F 95 10.31 16.94 -14.97
C ALA F 95 11.58 17.64 -14.52
N ARG F 96 11.59 18.98 -14.51
CA ARG F 96 12.78 19.70 -14.07
C ARG F 96 12.89 19.79 -12.55
N GLN F 97 11.83 19.48 -11.82
CA GLN F 97 11.86 19.46 -10.36
C GLN F 97 12.05 18.00 -9.93
N ASP F 98 13.30 17.55 -9.96
CA ASP F 98 13.62 16.14 -9.84
C ASP F 98 14.52 15.81 -8.66
N ARG F 99 14.87 16.78 -7.82
CA ARG F 99 15.70 16.53 -6.65
C ARG F 99 15.64 17.75 -5.74
N ARG F 100 16.27 17.63 -4.58
CA ARG F 100 16.42 18.74 -3.64
C ARG F 100 17.91 19.06 -3.52
N VAL F 101 18.34 20.13 -4.17
CA VAL F 101 19.75 20.50 -4.12
C VAL F 101 20.08 21.10 -2.77
N ARG F 102 21.10 20.57 -2.11
CA ARG F 102 21.57 21.05 -0.81
C ARG F 102 20.47 20.96 0.25
N SER F 103 19.58 19.98 0.10
CA SER F 103 18.47 19.77 1.03
C SER F 103 17.62 21.03 1.17
N ALA F 104 17.44 21.75 0.07
CA ALA F 104 16.54 22.87 0.05
C ALA F 104 15.11 22.40 0.29
N ARG F 105 14.34 23.18 1.04
CA ARG F 105 12.98 22.79 1.40
C ARG F 105 12.06 23.02 0.21
N VAL F 106 12.26 22.19 -0.80
CA VAL F 106 11.51 22.24 -2.05
C VAL F 106 10.90 20.86 -2.26
N PRO F 107 9.86 20.76 -3.08
CA PRO F 107 9.32 19.44 -3.40
C PRO F 107 10.11 18.76 -4.52
N ILE F 108 9.86 17.46 -4.66
CA ILE F 108 10.27 16.76 -5.86
C ILE F 108 9.00 16.49 -6.63
N THR F 109 8.61 17.43 -7.49
CA THR F 109 7.27 17.43 -8.06
C THR F 109 7.11 16.36 -9.13
N ALA F 110 8.20 15.97 -9.79
CA ALA F 110 8.13 14.88 -10.75
C ALA F 110 7.72 13.58 -10.06
N LYS F 111 8.24 13.35 -8.86
CA LYS F 111 7.84 12.19 -8.08
C LYS F 111 6.38 12.28 -7.65
N VAL F 112 5.92 13.49 -7.32
CA VAL F 112 4.51 13.69 -6.96
C VAL F 112 3.61 13.33 -8.14
N VAL F 113 3.96 13.78 -9.34
CA VAL F 113 3.16 13.48 -10.52
C VAL F 113 3.20 11.99 -10.84
N ALA F 114 4.37 11.36 -10.71
CA ALA F 114 4.45 9.92 -10.93
C ALA F 114 3.58 9.16 -9.94
N ASP F 115 3.56 9.60 -8.68
CA ASP F 115 2.71 8.96 -7.68
C ASP F 115 1.23 9.15 -8.01
N PHE F 116 0.84 10.34 -8.48
CA PHE F 116 -0.55 10.56 -8.87
C PHE F 116 -0.95 9.61 -10.00
N LEU F 117 -0.10 9.51 -11.02
CA LEU F 117 -0.39 8.64 -12.16
C LEU F 117 -0.47 7.18 -11.74
N SER F 118 0.42 6.75 -10.84
CA SER F 118 0.35 5.39 -10.34
C SER F 118 -0.89 5.16 -9.49
N SER F 119 -1.34 6.19 -8.77
CA SER F 119 -2.48 6.04 -7.89
C SER F 119 -3.78 5.92 -8.67
N VAL F 120 -3.93 6.67 -9.76
CA VAL F 120 -5.18 6.56 -10.51
C VAL F 120 -5.28 5.27 -11.31
N GLY F 121 -4.15 4.60 -11.58
CA GLY F 121 -4.21 3.29 -12.20
C GLY F 121 -3.58 3.17 -13.58
N VAL F 122 -2.59 4.01 -13.88
CA VAL F 122 -1.88 3.89 -15.14
C VAL F 122 -1.04 2.62 -15.13
N ASP F 123 -1.00 1.93 -16.27
CA ASP F 123 -0.25 0.67 -16.38
C ASP F 123 1.05 0.79 -17.15
N ARG F 124 1.24 1.86 -17.93
CA ARG F 124 2.45 2.06 -18.70
C ARG F 124 2.52 3.52 -19.10
N VAL F 125 3.73 4.04 -19.21
CA VAL F 125 3.96 5.42 -19.63
C VAL F 125 4.92 5.42 -20.82
N LEU F 126 4.61 6.23 -21.82
CA LEU F 126 5.46 6.41 -22.99
C LEU F 126 5.72 7.91 -23.16
N THR F 127 6.98 8.32 -23.09
CA THR F 127 7.36 9.72 -23.16
C THR F 127 8.43 9.92 -24.23
N VAL F 128 8.75 11.19 -24.49
CA VAL F 128 9.78 11.58 -25.44
C VAL F 128 10.77 12.47 -24.73
N ASP F 129 12.02 12.04 -24.66
CA ASP F 129 13.14 12.86 -24.17
C ASP F 129 12.85 13.45 -22.79
N LEU F 130 12.75 12.56 -21.82
CA LEU F 130 12.62 12.99 -20.43
C LEU F 130 13.81 13.87 -20.04
N HIS F 131 13.53 14.91 -19.24
CA HIS F 131 14.59 15.82 -18.84
C HIS F 131 15.68 15.09 -18.05
N ALA F 132 15.27 14.22 -17.14
CA ALA F 132 16.18 13.32 -16.44
C ALA F 132 15.72 11.90 -16.70
N GLU F 133 16.64 11.05 -17.17
CA GLU F 133 16.27 9.66 -17.46
C GLU F 133 15.92 8.87 -16.21
N GLN F 134 16.40 9.32 -15.04
CA GLN F 134 16.11 8.62 -13.79
C GLN F 134 14.66 8.72 -13.38
N ILE F 135 13.86 9.56 -14.04
CA ILE F 135 12.43 9.60 -13.77
C ILE F 135 11.77 8.28 -14.11
N GLN F 136 12.41 7.46 -14.95
CA GLN F 136 11.96 6.09 -15.17
C GLN F 136 11.82 5.34 -13.86
N GLY F 137 12.72 5.61 -12.91
CA GLY F 137 12.65 4.97 -11.61
C GLY F 137 11.66 5.57 -10.65
N PHE F 138 11.04 6.70 -10.99
CA PHE F 138 9.99 7.26 -10.13
C PHE F 138 8.70 6.46 -10.21
N PHE F 139 8.58 5.57 -11.18
CA PHE F 139 7.40 4.74 -11.37
C PHE F 139 7.68 3.30 -10.98
N ASP F 140 6.61 2.56 -10.70
CA ASP F 140 6.69 1.10 -10.63
C ASP F 140 6.39 0.43 -11.96
N VAL F 141 5.67 1.10 -12.85
CA VAL F 141 5.23 0.54 -14.12
C VAL F 141 6.32 0.75 -15.17
N PRO F 142 6.30 -0.01 -16.27
CA PRO F 142 7.26 0.25 -17.35
C PRO F 142 7.11 1.66 -17.90
N VAL F 143 8.25 2.32 -18.11
CA VAL F 143 8.30 3.65 -18.71
C VAL F 143 9.27 3.59 -19.88
N ASP F 144 8.77 3.92 -21.07
CA ASP F 144 9.58 3.90 -22.29
C ASP F 144 9.93 5.33 -22.67
N ASN F 145 11.21 5.68 -22.55
CA ASN F 145 11.69 7.02 -22.86
C ASN F 145 12.28 6.97 -24.26
N VAL F 146 11.55 7.49 -25.24
CA VAL F 146 11.94 7.43 -26.63
C VAL F 146 12.66 8.72 -27.00
N PHE F 147 13.81 8.59 -27.66
CA PHE F 147 14.59 9.74 -28.07
C PHE F 147 14.04 10.32 -29.37
N GLY F 148 14.03 11.65 -29.45
CA GLY F 148 13.66 12.33 -30.66
C GLY F 148 14.80 12.59 -31.61
N SER F 149 15.99 12.11 -31.29
CA SER F 149 17.21 12.37 -32.05
C SER F 149 17.22 11.78 -33.46
N PRO F 150 16.52 10.68 -33.76
CA PRO F 150 16.47 10.24 -35.17
C PRO F 150 15.91 11.29 -36.11
N ILE F 151 14.77 11.91 -35.76
CA ILE F 151 14.15 12.91 -36.63
C ILE F 151 15.05 14.13 -36.77
N LEU F 152 15.58 14.61 -35.65
CA LEU F 152 16.43 15.80 -35.68
C LEU F 152 17.70 15.54 -36.46
N LEU F 153 18.29 14.35 -36.31
CA LEU F 153 19.50 14.02 -37.06
C LEU F 153 19.22 13.90 -38.54
N GLU F 154 18.07 13.31 -38.91
CA GLU F 154 17.68 13.28 -40.31
C GLU F 154 17.57 14.68 -40.88
N ASP F 155 17.02 15.62 -40.10
CA ASP F 155 16.94 16.99 -40.58
C ASP F 155 18.31 17.64 -40.65
N MET F 156 19.19 17.34 -39.69
CA MET F 156 20.53 17.91 -39.70
C MET F 156 21.31 17.49 -40.94
N LEU F 157 21.20 16.22 -41.32
CA LEU F 157 21.99 15.71 -42.42
C LEU F 157 21.55 16.25 -43.78
N GLN F 158 20.42 16.95 -43.85
CA GLN F 158 19.98 17.60 -45.08
C GLN F 158 20.31 19.08 -45.12
N LEU F 159 21.24 19.53 -44.29
CA LEU F 159 21.64 20.93 -44.26
C LEU F 159 22.96 21.19 -44.98
N ASN F 160 23.76 20.15 -45.21
CA ASN F 160 25.08 20.29 -45.83
C ASN F 160 25.94 21.28 -45.06
N LEU F 161 26.19 20.94 -43.81
CA LEU F 161 26.99 21.79 -42.94
C LEU F 161 28.47 21.66 -43.26
N ASP F 162 29.21 22.74 -43.04
CA ASP F 162 30.63 22.80 -43.37
C ASP F 162 31.42 22.49 -42.10
N ASN F 163 31.85 21.25 -41.98
CA ASN F 163 32.60 20.77 -40.82
C ASN F 163 31.90 21.16 -39.51
N PRO F 164 30.67 20.69 -39.30
CA PRO F 164 29.89 21.21 -38.17
C PRO F 164 30.46 20.76 -36.83
N ILE F 165 30.17 21.56 -35.81
CA ILE F 165 30.53 21.25 -34.43
C ILE F 165 29.26 21.34 -33.59
N VAL F 166 29.09 20.37 -32.69
CA VAL F 166 27.88 20.27 -31.88
C VAL F 166 28.15 20.93 -30.53
N VAL F 167 27.29 21.88 -30.16
CA VAL F 167 27.48 22.69 -28.97
C VAL F 167 26.28 22.51 -28.05
N SER F 168 26.55 22.31 -26.77
CA SER F 168 25.50 22.29 -25.75
C SER F 168 25.40 23.65 -25.09
N PRO F 169 24.22 24.26 -25.05
CA PRO F 169 24.10 25.61 -24.49
C PRO F 169 24.38 25.68 -22.99
N ASP F 170 24.39 24.57 -22.27
CA ASP F 170 24.72 24.58 -20.86
C ASP F 170 25.40 23.27 -20.50
N ILE F 171 25.74 23.13 -19.21
CA ILE F 171 26.47 21.96 -18.75
C ILE F 171 25.56 20.76 -18.59
N GLY F 172 24.26 20.98 -18.38
CA GLY F 172 23.35 19.87 -18.22
C GLY F 172 23.07 19.11 -19.50
N GLY F 173 23.37 19.69 -20.65
CA GLY F 173 23.13 19.06 -21.93
C GLY F 173 24.33 18.43 -22.59
N VAL F 174 25.43 18.25 -21.87
CA VAL F 174 26.67 17.77 -22.48
C VAL F 174 26.51 16.33 -22.96
N VAL F 175 25.84 15.49 -22.17
CA VAL F 175 25.68 14.08 -22.54
C VAL F 175 24.87 13.96 -23.83
N ARG F 176 23.76 14.69 -23.92
CA ARG F 176 22.94 14.65 -25.12
C ARG F 176 23.68 15.22 -26.32
N ALA F 177 24.42 16.31 -26.12
CA ALA F 177 25.20 16.89 -27.21
C ALA F 177 26.25 15.92 -27.71
N ARG F 178 26.90 15.19 -26.80
CA ARG F 178 27.89 14.20 -27.20
C ARG F 178 27.25 13.06 -27.99
N ALA F 179 26.07 12.60 -27.56
CA ALA F 179 25.39 11.55 -28.33
C ALA F 179 25.07 12.03 -29.73
N ILE F 180 24.55 13.26 -29.85
CA ILE F 180 24.23 13.80 -31.17
C ILE F 180 25.51 13.93 -32.01
N ALA F 181 26.60 14.37 -31.40
CA ALA F 181 27.86 14.53 -32.14
C ALA F 181 28.36 13.19 -32.64
N LYS F 182 28.28 12.16 -31.83
CA LYS F 182 28.71 10.84 -32.27
C LYS F 182 27.82 10.33 -33.39
N LEU F 183 26.53 10.68 -33.37
CA LEU F 183 25.66 10.29 -34.47
C LEU F 183 25.88 11.10 -35.74
N LEU F 184 26.42 12.31 -35.62
CA LEU F 184 26.54 13.23 -36.76
C LEU F 184 27.93 13.13 -37.38
N ASN F 185 28.18 11.97 -38.01
CA ASN F 185 29.44 11.65 -38.65
C ASN F 185 30.63 11.75 -37.70
N ASP F 186 30.39 11.60 -36.40
CA ASP F 186 31.44 11.60 -35.38
C ASP F 186 32.24 12.90 -35.40
N THR F 187 31.53 14.02 -35.34
CA THR F 187 32.16 15.34 -35.36
C THR F 187 32.68 15.68 -33.97
N ASP F 188 33.12 16.92 -33.80
CA ASP F 188 33.61 17.43 -32.53
C ASP F 188 32.47 18.05 -31.73
N MET F 189 32.73 18.30 -30.46
CA MET F 189 31.76 18.95 -29.60
C MET F 189 32.42 20.05 -28.79
N ALA F 190 31.66 21.11 -28.52
CA ALA F 190 32.11 22.22 -27.70
C ALA F 190 31.08 22.45 -26.60
N ILE F 191 31.53 23.08 -25.51
CA ILE F 191 30.71 23.23 -24.32
C ILE F 191 30.70 24.70 -23.91
N ILE F 192 29.50 25.23 -23.66
CA ILE F 192 29.34 26.59 -23.17
C ILE F 192 29.38 26.56 -21.64
N ASP F 193 30.32 27.30 -21.06
CA ASP F 193 30.49 27.37 -19.62
C ASP F 193 30.18 28.79 -19.16
N LYS F 194 29.23 28.91 -18.24
CA LYS F 194 28.76 30.21 -17.77
C LYS F 194 29.20 30.43 -16.33
N ARG F 195 29.81 31.57 -16.07
CA ARG F 195 30.34 31.90 -14.75
C ARG F 195 29.81 33.24 -14.29
N ARG F 196 29.80 33.42 -12.97
CA ARG F 196 29.38 34.66 -12.33
C ARG F 196 27.95 35.03 -12.69
N GLN F 203 28.72 36.80 -15.52
CA GLN F 203 27.69 36.93 -16.55
C GLN F 203 28.27 36.64 -17.92
N VAL F 204 29.53 36.23 -17.95
CA VAL F 204 30.23 35.96 -19.20
C VAL F 204 30.08 34.49 -19.54
N MET F 205 30.15 34.18 -20.83
CA MET F 205 30.04 32.82 -21.34
C MET F 205 31.40 32.36 -21.84
N HIS F 206 31.92 31.30 -21.25
CA HIS F 206 33.18 30.72 -21.66
C HIS F 206 32.91 29.52 -22.56
N ILE F 207 33.63 29.44 -23.68
CA ILE F 207 33.48 28.36 -24.63
C ILE F 207 34.70 27.46 -24.51
N ILE F 208 34.48 26.18 -24.26
CA ILE F 208 35.55 25.19 -24.22
C ILE F 208 35.49 24.43 -25.54
N GLY F 209 36.55 24.55 -26.34
CA GLY F 209 36.55 23.99 -27.67
C GLY F 209 36.71 25.06 -28.73
N ASP F 210 37.09 24.66 -29.94
CA ASP F 210 37.36 25.60 -31.02
C ASP F 210 36.18 25.67 -31.97
N VAL F 211 35.67 26.88 -32.19
CA VAL F 211 34.53 27.12 -33.06
C VAL F 211 34.86 28.09 -34.19
N ALA F 212 36.12 28.46 -34.34
CA ALA F 212 36.51 29.46 -35.32
C ALA F 212 36.28 28.94 -36.74
N GLY F 213 35.43 29.63 -37.49
CA GLY F 213 35.19 29.26 -38.87
C GLY F 213 34.53 27.91 -39.06
N ARG F 214 33.54 27.58 -38.24
CA ARG F 214 32.81 26.33 -38.36
C ARG F 214 31.32 26.61 -38.16
N ASP F 215 30.50 25.72 -38.72
CA ASP F 215 29.07 25.77 -38.47
C ASP F 215 28.76 25.15 -37.12
N CYS F 216 27.92 25.82 -36.34
CA CYS F 216 27.61 25.39 -34.98
C CYS F 216 26.16 24.94 -34.91
N VAL F 217 25.94 23.76 -34.33
CA VAL F 217 24.60 23.23 -34.11
C VAL F 217 24.38 23.16 -32.60
N LEU F 218 23.53 24.05 -32.09
CA LEU F 218 23.15 24.00 -30.69
C LEU F 218 22.05 22.97 -30.51
N VAL F 219 22.25 22.02 -29.60
CA VAL F 219 21.29 20.96 -29.35
C VAL F 219 20.85 21.03 -27.90
N ASP F 220 19.55 20.93 -27.67
CA ASP F 220 19.00 20.96 -26.33
C ASP F 220 17.76 20.08 -26.30
N ASP F 221 17.34 19.70 -25.09
CA ASP F 221 16.10 18.96 -24.95
C ASP F 221 14.88 19.86 -25.09
N MET F 222 14.99 21.14 -24.71
CA MET F 222 13.85 22.03 -24.73
C MET F 222 14.35 23.46 -24.92
N ILE F 223 13.42 24.34 -25.30
CA ILE F 223 13.66 25.78 -25.34
C ILE F 223 12.54 26.42 -24.53
N ASP F 224 12.84 26.84 -23.31
CA ASP F 224 11.81 27.43 -22.46
C ASP F 224 11.62 28.91 -22.74
N THR F 225 12.64 29.73 -22.49
CA THR F 225 12.57 31.16 -22.75
C THR F 225 13.48 31.62 -23.87
N GLY F 226 14.51 30.86 -24.20
CA GLY F 226 15.43 31.22 -25.24
C GLY F 226 16.51 32.21 -24.83
N GLY F 227 16.53 32.66 -23.58
CA GLY F 227 17.55 33.60 -23.16
C GLY F 227 18.94 33.03 -23.23
N THR F 228 19.13 31.85 -22.62
CA THR F 228 20.45 31.24 -22.64
C THR F 228 20.82 30.76 -24.04
N LEU F 229 19.83 30.33 -24.84
CA LEU F 229 20.11 29.92 -26.20
C LEU F 229 20.59 31.10 -27.05
N CYS F 230 19.92 32.24 -26.94
CA CYS F 230 20.33 33.42 -27.67
C CYS F 230 21.69 33.92 -27.21
N LYS F 231 21.94 33.88 -25.90
CA LYS F 231 23.26 34.28 -25.40
C LYS F 231 24.36 33.36 -25.91
N ALA F 232 24.10 32.05 -25.94
CA ALA F 232 25.09 31.11 -26.45
C ALA F 232 25.36 31.34 -27.92
N ALA F 233 24.31 31.59 -28.70
CA ALA F 233 24.50 31.89 -30.12
C ALA F 233 25.32 33.16 -30.31
N GLU F 234 25.03 34.19 -29.49
CA GLU F 234 25.79 35.43 -29.58
C GLU F 234 27.26 35.19 -29.28
N ALA F 235 27.57 34.42 -28.23
CA ALA F 235 28.96 34.14 -27.91
C ALA F 235 29.64 33.34 -29.01
N LEU F 236 28.94 32.35 -29.57
CA LEU F 236 29.51 31.53 -30.63
C LEU F 236 29.83 32.37 -31.85
N LYS F 237 28.93 33.28 -32.23
CA LYS F 237 29.21 34.14 -33.36
C LYS F 237 30.30 35.15 -33.05
N GLU F 238 30.44 35.55 -31.79
CA GLU F 238 31.51 36.50 -31.45
C GLU F 238 32.87 35.82 -31.53
N ARG F 239 32.94 34.52 -31.21
CA ARG F 239 34.19 33.79 -31.38
C ARG F 239 34.36 33.26 -32.80
N GLY F 240 33.67 33.86 -33.76
CA GLY F 240 33.89 33.53 -35.16
C GLY F 240 33.31 32.20 -35.62
N ALA F 241 31.99 32.08 -35.60
CA ALA F 241 31.30 30.92 -36.15
C ALA F 241 30.47 31.37 -37.35
N LYS F 242 30.44 30.55 -38.39
CA LYS F 242 29.78 30.96 -39.63
C LYS F 242 28.27 31.04 -39.44
N ARG F 243 27.63 29.91 -39.13
CA ARG F 243 26.20 29.84 -38.98
C ARG F 243 25.86 29.07 -37.71
N VAL F 244 24.75 29.46 -37.08
CA VAL F 244 24.30 28.83 -35.84
C VAL F 244 22.89 28.29 -36.06
N PHE F 245 22.71 27.01 -35.75
CA PHE F 245 21.42 26.35 -35.83
C PHE F 245 21.05 25.82 -34.45
N ALA F 246 19.78 25.94 -34.09
CA ALA F 246 19.28 25.47 -32.80
C ALA F 246 18.31 24.32 -33.04
N TYR F 247 18.57 23.18 -32.42
CA TYR F 247 17.73 22.01 -32.51
C TYR F 247 17.27 21.62 -31.11
N ALA F 248 15.96 21.43 -30.95
CA ALA F 248 15.41 21.03 -29.67
C ALA F 248 14.22 20.12 -29.92
N THR F 249 13.84 19.39 -28.88
CA THR F 249 12.68 18.51 -28.97
C THR F 249 11.41 19.16 -28.47
N HIS F 250 11.46 19.83 -27.32
CA HIS F 250 10.26 20.38 -26.71
C HIS F 250 10.19 21.89 -26.89
N PRO F 251 9.26 22.41 -27.67
CA PRO F 251 9.11 23.87 -27.86
C PRO F 251 8.20 24.53 -26.82
N ILE F 252 8.74 24.73 -25.62
CA ILE F 252 7.94 25.33 -24.55
C ILE F 252 7.64 26.80 -24.86
N PHE F 253 8.68 27.56 -25.21
CA PHE F 253 8.55 28.95 -25.69
C PHE F 253 7.69 29.79 -24.75
N SER F 254 8.13 29.92 -23.51
CA SER F 254 7.40 30.67 -22.51
C SER F 254 8.02 32.05 -22.30
N GLY F 255 7.24 32.94 -21.68
CA GLY F 255 7.69 34.27 -21.39
C GLY F 255 7.94 35.12 -22.62
N ASN F 256 9.16 35.64 -22.75
CA ASN F 256 9.54 36.51 -23.85
C ASN F 256 10.26 35.76 -24.96
N ALA F 257 9.88 34.51 -25.21
CA ALA F 257 10.62 33.67 -26.14
C ALA F 257 10.56 34.20 -27.57
N ALA F 258 9.39 34.70 -27.98
CA ALA F 258 9.24 35.15 -29.36
C ALA F 258 10.13 36.35 -29.66
N ASN F 259 10.18 37.32 -28.74
CA ASN F 259 11.03 38.48 -28.94
C ASN F 259 12.50 38.10 -28.86
N ASN F 260 12.85 37.17 -27.98
CA ASN F 260 14.23 36.71 -27.88
C ASN F 260 14.67 36.05 -29.19
N LEU F 261 13.80 35.23 -29.78
CA LEU F 261 14.16 34.54 -31.01
C LEU F 261 14.13 35.47 -32.21
N ARG F 262 13.28 36.50 -32.17
CA ARG F 262 13.21 37.43 -33.28
C ARG F 262 14.49 38.27 -33.37
N ASN F 263 14.94 38.82 -32.25
CA ASN F 263 16.15 39.63 -32.22
C ASN F 263 17.38 38.78 -31.85
N SER F 264 17.61 37.71 -32.60
CA SER F 264 18.71 36.80 -32.31
C SER F 264 19.50 36.54 -33.58
N VAL F 265 20.68 35.96 -33.41
CA VAL F 265 21.58 35.69 -34.52
C VAL F 265 21.48 34.23 -34.98
N ILE F 266 20.44 33.52 -34.57
CA ILE F 266 20.28 32.12 -34.94
C ILE F 266 19.65 32.05 -36.32
N ASP F 267 20.25 31.25 -37.20
CA ASP F 267 19.77 31.16 -38.57
C ASP F 267 18.51 30.31 -38.70
N GLU F 268 18.37 29.27 -37.88
CA GLU F 268 17.24 28.36 -37.97
C GLU F 268 17.00 27.72 -36.61
N VAL F 269 15.74 27.65 -36.23
CA VAL F 269 15.32 26.94 -35.02
C VAL F 269 14.40 25.81 -35.46
N VAL F 270 14.79 24.58 -35.14
CA VAL F 270 14.03 23.39 -35.52
C VAL F 270 13.61 22.67 -34.25
N VAL F 271 12.31 22.42 -34.12
CA VAL F 271 11.74 21.77 -32.95
C VAL F 271 10.78 20.67 -33.40
N CYS F 272 10.44 19.79 -32.47
CA CYS F 272 9.46 18.75 -32.72
C CYS F 272 8.06 19.29 -32.35
N ASP F 273 7.06 18.43 -32.36
CA ASP F 273 5.67 18.87 -32.18
C ASP F 273 5.05 18.28 -30.92
N THR F 274 5.85 18.07 -29.87
CA THR F 274 5.30 17.58 -28.62
C THR F 274 4.42 18.61 -27.93
N ILE F 275 4.59 19.88 -28.25
CA ILE F 275 3.79 20.97 -27.70
C ILE F 275 3.30 21.83 -28.86
N PRO F 276 2.00 22.14 -28.94
CA PRO F 276 1.54 23.01 -30.03
C PRO F 276 2.16 24.40 -29.94
N LEU F 277 2.47 24.97 -31.10
CA LEU F 277 3.04 26.31 -31.16
C LEU F 277 1.94 27.36 -31.11
N SER F 278 2.29 28.52 -30.58
CA SER F 278 1.38 29.65 -30.58
C SER F 278 1.42 30.38 -31.93
N ASP F 279 0.45 31.26 -32.14
CA ASP F 279 0.47 32.11 -33.33
C ASP F 279 1.66 33.05 -33.30
N GLU F 280 2.01 33.54 -32.11
CA GLU F 280 3.19 34.39 -31.94
C GLU F 280 4.44 33.71 -32.49
N ILE F 281 4.67 32.45 -32.12
CA ILE F 281 5.86 31.74 -32.59
C ILE F 281 5.71 31.36 -34.05
N LYS F 282 4.52 30.90 -34.46
CA LYS F 282 4.33 30.49 -35.84
C LYS F 282 4.50 31.62 -36.83
N SER F 283 4.31 32.88 -36.40
CA SER F 283 4.56 34.00 -37.29
C SER F 283 6.04 34.18 -37.59
N LEU F 284 6.92 33.65 -36.75
CA LEU F 284 8.35 33.85 -36.96
C LEU F 284 8.80 33.14 -38.24
N PRO F 285 9.69 33.76 -39.02
CA PRO F 285 10.07 33.15 -40.31
C PRO F 285 11.13 32.07 -40.20
N ASN F 286 11.89 32.00 -39.11
CA ASN F 286 12.99 31.06 -38.99
C ASN F 286 12.76 30.04 -37.89
N VAL F 287 11.52 29.58 -37.72
CA VAL F 287 11.18 28.50 -36.80
C VAL F 287 10.48 27.42 -37.59
N ARG F 288 11.02 26.21 -37.56
CA ARG F 288 10.53 25.10 -38.34
C ARG F 288 10.19 23.93 -37.43
N THR F 289 9.15 23.19 -37.79
CA THR F 289 8.63 22.11 -36.96
C THR F 289 8.76 20.78 -37.68
N LEU F 290 9.24 19.77 -36.96
CA LEU F 290 9.24 18.38 -37.40
C LEU F 290 8.16 17.63 -36.63
N THR F 291 7.71 16.53 -37.21
CA THR F 291 6.62 15.75 -36.62
C THR F 291 7.15 14.47 -36.00
N LEU F 292 6.59 14.10 -34.84
CA LEU F 292 6.90 12.86 -34.17
C LEU F 292 5.76 11.85 -34.26
N SER F 293 4.74 12.14 -35.07
CA SER F 293 3.55 11.29 -35.10
C SER F 293 3.87 9.89 -35.60
N GLY F 294 4.76 9.76 -36.58
CA GLY F 294 5.12 8.45 -37.09
C GLY F 294 5.83 7.60 -36.05
N MET F 295 6.78 8.21 -35.34
CA MET F 295 7.54 7.48 -34.33
C MET F 295 6.66 7.06 -33.16
N LEU F 296 5.79 7.96 -32.70
CA LEU F 296 4.88 7.62 -31.62
C LEU F 296 3.86 6.58 -32.05
N ALA F 297 3.38 6.66 -33.30
CA ALA F 297 2.45 5.66 -33.81
C ALA F 297 3.11 4.29 -33.87
N GLU F 298 4.37 4.23 -34.30
CA GLU F 298 5.06 2.95 -34.32
C GLU F 298 5.27 2.40 -32.92
N ALA F 299 5.60 3.28 -31.96
CA ALA F 299 5.76 2.81 -30.58
C ALA F 299 4.44 2.27 -30.03
N ILE F 300 3.33 2.96 -30.29
CA ILE F 300 2.02 2.49 -29.84
C ILE F 300 1.69 1.15 -30.49
N ARG F 301 2.00 1.02 -31.78
CA ARG F 301 1.77 -0.23 -32.49
C ARG F 301 2.53 -1.38 -31.85
N ARG F 302 3.80 -1.16 -31.52
CA ARG F 302 4.61 -2.22 -30.92
C ARG F 302 4.13 -2.57 -29.52
N ILE F 303 3.74 -1.57 -28.73
CA ILE F 303 3.22 -1.85 -27.39
C ILE F 303 1.93 -2.66 -27.49
N SER F 304 1.04 -2.28 -28.40
CA SER F 304 -0.26 -2.94 -28.51
C SER F 304 -0.12 -4.39 -28.95
N ASN F 305 0.82 -4.69 -29.84
CA ASN F 305 0.97 -6.03 -30.39
C ASN F 305 1.97 -6.88 -29.63
N GLU F 306 2.48 -6.39 -28.50
CA GLU F 306 3.40 -7.14 -27.65
C GLU F 306 4.70 -7.47 -28.38
N GLU F 307 5.16 -6.54 -29.20
CA GLU F 307 6.43 -6.67 -29.89
C GLU F 307 7.53 -5.98 -29.10
N SER F 308 8.77 -6.26 -29.48
CA SER F 308 9.91 -5.62 -28.83
C SER F 308 9.94 -4.13 -29.13
N ILE F 309 10.20 -3.33 -28.10
CA ILE F 309 10.26 -1.89 -28.26
C ILE F 309 11.67 -1.39 -28.55
N SER F 310 12.68 -2.25 -28.46
CA SER F 310 14.06 -1.85 -28.70
C SER F 310 14.30 -1.43 -30.14
N ALA F 311 13.44 -1.80 -31.07
CA ALA F 311 13.62 -1.42 -32.46
C ALA F 311 13.42 0.07 -32.69
N MET F 312 12.91 0.80 -31.70
CA MET F 312 12.62 2.22 -31.85
C MET F 312 13.84 3.10 -31.67
N PHE F 313 15.00 2.53 -31.35
CA PHE F 313 16.19 3.29 -31.00
C PHE F 313 17.29 3.13 -32.04
N GLU F 314 16.92 3.11 -33.32
CA GLU F 314 17.86 3.00 -34.41
C GLU F 314 17.72 4.21 -35.33
N HIS F 315 18.84 4.59 -35.94
CA HIS F 315 18.85 5.75 -36.83
C HIS F 315 19.06 5.31 -38.29
C1 HSX G . 31.54 5.44 -13.23
O4 HSX G . 32.79 4.47 -13.51
C2 HSX G . 31.93 6.13 -12.18
O2 HSX G . 31.23 7.32 -12.09
C3 HSX G . 33.53 6.42 -12.47
O3 HSX G . 33.64 7.54 -13.34
C4 HSX G . 34.01 5.30 -13.07
C5 HSX G . 34.88 4.48 -12.10
O5 HSX G . 36.02 4.09 -12.69
P' HSX G . 35.95 2.96 -13.85
O1X HSX G . 35.45 3.57 -15.14
O2X HSX G . 37.38 2.37 -14.09
O3X HSX G . 35.00 1.81 -13.43
O1 HSX G . 31.36 6.32 -14.33
MG MG H . 31.99 8.17 -14.34
P PO4 I . 16.19 21.57 7.15
O1 PO4 I . 15.00 20.85 6.57
O2 PO4 I . 15.73 22.83 7.84
O3 PO4 I . 16.86 20.67 8.15
O4 PO4 I . 17.16 21.92 6.05
MG MG J . 26.13 7.38 -14.18
PB ADP K . 26.45 7.19 -17.35
O1B ADP K . 25.67 6.01 -17.86
O2B ADP K . 26.84 8.18 -18.41
O3B ADP K . 25.84 7.83 -16.12
PA ADP K . 27.86 5.39 -15.74
O1A ADP K . 26.72 5.63 -14.77
O2A ADP K . 29.26 5.23 -15.24
O3A ADP K . 27.84 6.57 -16.84
O5' ADP K . 27.47 4.11 -16.60
C5' ADP K . 26.31 3.35 -16.26
C4' ADP K . 26.43 1.95 -16.82
O4' ADP K . 27.26 1.18 -15.94
C3' ADP K . 25.08 1.26 -16.89
O3' ADP K . 24.73 0.99 -18.25
C2' ADP K . 25.24 -0.05 -16.14
O2' ADP K . 24.93 -1.14 -17.01
C1' ADP K . 26.69 -0.10 -15.72
N9 ADP K . 26.78 -0.45 -14.29
C8 ADP K . 25.75 -0.47 -13.43
N7 ADP K . 26.17 -0.85 -12.20
C5 ADP K . 27.48 -1.10 -12.27
C6 ADP K . 28.53 -1.54 -11.34
N6 ADP K . 28.25 -1.79 -10.04
N1 ADP K . 29.78 -1.67 -11.82
C2 ADP K . 30.07 -1.40 -13.10
N3 ADP K . 29.17 -1.01 -14.00
C4 ADP K . 27.87 -0.84 -13.66
PB ADP L . 24.24 26.93 -10.86
O1B ADP L . 24.75 26.12 -12.02
O2B ADP L . 24.55 28.39 -10.94
O3B ADP L . 22.82 26.62 -10.44
PA ADP L . 24.63 25.31 -8.56
O1A ADP L . 23.45 25.87 -7.81
O2A ADP L . 25.85 24.84 -7.82
O3A ADP L . 25.12 26.44 -9.61
O5' ADP L . 24.14 24.06 -9.44
C5' ADP L . 25.10 23.15 -9.96
C4' ADP L . 24.64 21.71 -9.82
O4' ADP L . 25.76 20.86 -9.55
C3' ADP L . 23.70 21.53 -8.65
O3' ADP L . 22.39 21.25 -9.14
C2' ADP L . 24.22 20.35 -7.86
O2' ADP L . 23.20 19.35 -7.79
C1' ADP L . 25.39 19.82 -8.66
N9 ADP L . 26.53 19.42 -7.79
C8 ADP L . 27.14 18.21 -7.82
N7 ADP L . 28.14 18.13 -6.91
C5 ADP L . 28.19 19.31 -6.28
C6 ADP L . 29.03 19.89 -5.21
N6 ADP L . 30.01 19.18 -4.65
N1 ADP L . 28.76 21.15 -4.83
C2 ADP L . 27.77 21.87 -5.40
N3 ADP L . 26.97 21.40 -6.38
C4 ADP L . 27.13 20.15 -6.85
PB ADP M . 12.62 -24.91 16.50
O1B ADP M . 11.70 -24.85 15.30
O2B ADP M . 12.17 -25.88 17.57
O3B ADP M . 13.03 -23.55 17.02
PA ADP M . 14.84 -24.77 14.82
O1A ADP M . 15.86 -25.72 14.26
O2A ADP M . 13.89 -24.06 13.90
O3A ADP M . 13.98 -25.53 15.93
O5' ADP M . 15.59 -23.64 15.67
C5' ADP M . 15.39 -22.26 15.35
C4' ADP M . 16.54 -21.44 15.88
O4' ADP M . 17.63 -21.55 14.97
C3' ADP M . 16.17 -19.97 15.98
O3' ADP M . 16.20 -19.55 17.35
C2' ADP M . 17.23 -19.22 15.21
O2' ADP M . 17.88 -18.28 16.07
C1' ADP M . 18.21 -20.27 14.74
N9 ADP M . 18.49 -20.08 13.30
C8 ADP M . 17.79 -19.29 12.47
N7 ADP M . 18.29 -19.33 11.22
C5 ADP M . 19.35 -20.16 11.25
C6 ADP M . 20.34 -20.64 10.26
N6 ADP M . 20.30 -20.24 8.98
N1 ADP M . 21.28 -21.51 10.70
C2 ADP M . 21.32 -21.91 11.98
N3 ADP M . 20.45 -21.51 12.92
C4 ADP M . 19.47 -20.65 12.62
C1 HSX N . -25.63 22.40 -6.52
O4 HSX N . -25.83 23.53 -7.64
C2 HSX N . -25.38 23.10 -5.44
O2 HSX N . -25.66 22.35 -4.31
C3 HSX N . -26.41 24.38 -5.55
O3 HSX N . -27.69 23.99 -5.10
C4 HSX N . -26.46 24.71 -6.88
C5 HSX N . -25.66 25.99 -7.14
O5 HSX N . -26.35 26.82 -7.94
P' HSX N . -26.58 26.43 -9.50
O1X HSX N . -27.66 25.37 -9.61
O2X HSX N . -27.04 27.70 -10.30
O3X HSX N . -25.27 25.89 -10.12
O1 HSX N . -26.84 21.67 -6.36
MG MG O . -28.09 22.02 -4.89
P PO4 P . -12.87 14.90 19.78
O1 PO4 P . -12.44 13.68 19.02
O2 PO4 P . -12.84 14.62 21.26
O3 PO4 P . -11.93 16.03 19.47
O4 PO4 P . -14.27 15.28 19.37
MG MG Q . -25.16 16.88 -4.72
PB ADP R . -27.53 15.88 -6.60
O1B ADP R . -26.96 15.12 -7.77
O2B ADP R . -29.01 15.68 -6.39
O3B ADP R . -26.71 15.76 -5.34
PA ADP R . -25.96 18.04 -7.43
O1A ADP R . -24.91 17.38 -6.58
O2A ADP R . -26.09 19.54 -7.47
O3A ADP R . -27.39 17.42 -7.03
O5' ADP R . -25.75 17.49 -8.92
C5' ADP R . -24.62 16.69 -9.22
C4' ADP R . -24.34 16.73 -10.71
O4' ADP R . -23.63 17.94 -10.99
C3' ADP R . -23.47 15.58 -11.15
O3' ADP R . -24.18 14.74 -12.06
C2' ADP R . -22.28 16.18 -11.87
O2' ADP R . -22.21 15.69 -13.21
C1' ADP R . -22.54 17.68 -11.88
N9 ADP R . -21.33 18.38 -11.42
C8 ADP R . -20.26 17.82 -10.85
N7 ADP R . -19.32 18.73 -10.56
C5 ADP R . -19.78 19.93 -10.96
C6 ADP R . -19.28 21.32 -10.97
N6 ADP R . -18.07 21.63 -10.46
N1 ADP R . -20.08 22.27 -11.50
C2 ADP R . -21.29 21.96 -12.01
N3 ADP R . -21.81 20.73 -12.04
C4 ADP R . -21.10 19.69 -11.54
PB ADP S . -32.35 14.11 13.64
O1B ADP S . -33.00 14.20 12.29
O2B ADP S . -33.32 14.17 14.80
O3B ADP S . -31.30 13.04 13.79
PA ADP S . -29.97 15.61 13.47
O1A ADP S . -29.21 14.79 14.48
O2A ADP S . -29.66 17.09 13.31
O3A ADP S . -31.53 15.49 13.79
O5' ADP S . -29.73 14.96 12.02
C5' ADP S . -30.03 15.73 10.85
C4' ADP S . -28.96 15.55 9.78
O4' ADP S . -28.78 16.77 9.07
C3' ADP S . -27.61 15.20 10.38
O3' ADP S . -27.29 13.85 10.05
C2' ADP S . -26.61 16.14 9.74
O2' ADP S . -25.61 15.37 9.06
C1' ADP S . -27.40 16.94 8.72
N9 ADP S . -27.02 18.37 8.70
C8 ADP S . -26.64 19.05 7.60
N7 ADP S . -26.34 20.34 7.89
C5 ADP S . -26.53 20.51 9.21
C6 ADP S . -26.39 21.62 10.16
N6 ADP S . -25.99 22.84 9.74
N1 ADP S . -26.67 21.38 11.45
C2 ADP S . -27.07 20.17 11.87
N3 ADP S . -27.22 19.11 11.06
C4 ADP S . -26.97 19.20 9.74
C1 HSX T . -33.48 4.43 7.82
O4 HSX T . -34.42 3.81 8.97
C2 HSX T . -33.88 3.79 6.75
O2 HSX T . -33.54 4.52 5.62
C3 HSX T . -35.51 3.72 6.91
O3 HSX T . -36.08 4.95 6.50
C4 HSX T . -35.75 3.52 8.24
C5 HSX T . -36.17 2.07 8.51
O5 HSX T . -37.22 2.03 9.34
P' HSX T . -37.03 2.44 10.90
O1X HSX T . -38.24 1.92 11.74
O2X HSX T . -35.73 1.79 11.45
O3X HSX T . -36.93 3.93 11.03
O1 HSX T . -33.73 5.82 7.69
MG MG U . -34.87 6.55 6.28
P PO4 V . -20.40 0.20 -19.05
O1 PO4 V . -20.23 0.39 -20.53
O2 PO4 V . -19.16 0.67 -18.33
O3 PO4 V . -20.62 -1.27 -18.75
O4 PO4 V . -21.59 0.99 -18.57
MG MG W . -29.08 7.73 5.92
PB ADP X . -29.81 10.15 7.86
O1B ADP X . -29.23 9.62 6.57
O2B ADP X . -30.65 11.39 7.71
O3B ADP X . -28.83 10.19 9.00
PA ADP X . -30.38 7.52 8.66
O1A ADP X . -31.59 6.63 8.74
O2A ADP X . -29.23 7.17 7.76
O3A ADP X . -30.87 9.01 8.32
O5' ADP X . -29.78 7.70 10.14
C5' ADP X . -28.42 7.38 10.39
C4' ADP X . -28.21 7.10 11.87
O4' ADP X . -28.64 5.77 12.14
C3' ADP X . -26.74 7.20 12.25
O3' ADP X . -26.56 8.28 13.17
C2' ADP X . -26.40 5.90 12.93
O2' ADP X . -25.93 6.16 14.26
C1' ADP X . -27.70 5.11 12.98
N9 ADP X . -27.44 3.74 12.49
C8 ADP X . -26.34 3.32 11.86
N7 ADP X . -26.42 2.01 11.56
C5 ADP X . -27.60 1.57 12.00
C6 ADP X . -28.32 0.28 12.01
N6 ADP X . -27.78 -0.83 11.47
N1 ADP X . -29.54 0.25 12.59
C2 ADP X . -30.09 1.35 13.13
N3 ADP X . -29.50 2.55 13.16
C4 ADP X . -28.27 2.72 12.63
PB ADP Y . -32.40 15.28 -12.22
O1B ADP Y . -33.12 15.98 -13.33
O2B ADP Y . -30.91 15.19 -12.42
O3B ADP Y . -32.84 15.68 -10.83
PA ADP Y . -31.95 12.48 -12.11
O1A ADP Y . -32.85 11.28 -11.95
O2A ADP Y . -30.87 12.48 -13.15
O3A ADP Y . -32.90 13.76 -12.37
O5' ADP Y . -31.25 12.72 -10.67
C5' ADP Y . -31.98 12.41 -9.49
C4' ADP Y . -31.10 11.71 -8.46
O4' ADP Y . -31.89 10.75 -7.74
C3' ADP Y . -29.98 10.93 -9.12
O3' ADP Y . -28.74 11.57 -8.81
C2' ADP Y . -30.01 9.56 -8.49
O2' ADP Y . -28.75 9.30 -7.87
C1' ADP Y . -31.09 9.61 -7.43
N9 ADP Y . -31.91 8.37 -7.40
C8 ADP Y . -32.14 7.61 -6.31
N7 ADP Y . -32.93 6.56 -6.58
C5 ADP Y . -33.21 6.61 -7.90
C6 ADP Y . -34.00 5.78 -8.83
N6 ADP Y . -34.64 4.67 -8.40
N1 ADP Y . -34.05 6.18 -10.11
C2 ADP Y . -33.41 7.28 -10.54
N3 ADP Y . -32.68 8.08 -9.75
C4 ADP Y . -32.54 7.80 -8.44
C1 HSX Z . -6.27 -28.58 18.56
O4 HSX Z . -7.63 -29.36 18.93
C2 HSX Z . -5.95 -27.99 19.68
O2 HSX Z . -4.61 -27.69 19.69
C3 HSX Z . -6.29 -29.12 20.83
O3 HSX Z . -5.22 -30.05 20.91
C4 HSX Z . -7.43 -29.75 20.42
C5 HSX Z . -8.64 -29.30 21.24
O5 HSX Z . -9.39 -30.36 21.59
P' HSX Z . -10.23 -31.16 20.47
O1X HSX Z . -9.32 -32.04 19.66
O2X HSX Z . -11.31 -32.05 21.16
O3X HSX Z . -10.94 -30.15 19.53
O1 HSX Z . -5.27 -29.52 18.20
MG MG AA . -3.86 -30.08 19.42
P PO4 BA . 11.97 -5.31 24.65
O1 PO4 BA . 11.87 -5.08 23.17
O2 PO4 BA . 13.20 -4.65 25.20
O3 PO4 BA . 10.74 -4.73 25.31
O4 PO4 BA . 12.03 -6.79 24.93
MG MG CA . -2.20 -26.74 14.83
PB ADP DA . -2.08 -29.51 13.30
O1B ADP DA . -2.78 -29.39 11.97
O2B ADP DA . -1.22 -30.74 13.43
O3B ADP DA . -1.42 -28.25 13.77
PA ADP DA . -4.49 -28.71 14.48
O1A ADP DA . -3.94 -27.33 14.24
O2A ADP DA . -5.27 -29.02 15.72
O3A ADP DA . -3.28 -29.76 14.34
O5' ADP DA . -5.39 -29.07 13.19
C5' ADP DA . -5.64 -28.07 12.21
C4' ADP DA . -6.89 -28.43 11.42
O4' ADP DA . -8.03 -28.05 12.18
C3' ADP DA . -6.95 -27.68 10.11
O3' ADP DA . -6.88 -28.60 9.02
C2' ADP DA . -8.29 -26.98 10.09
O2' ADP DA . -9.04 -27.41 8.95
C1' ADP DA . -8.99 -27.40 11.37
N9 ADP DA . -9.52 -26.20 12.04
C8 ADP DA . -9.23 -24.94 11.74
N7 ADP DA . -9.89 -24.08 12.54
C5 ADP DA . -10.65 -24.81 13.37
C6 ADP DA . -11.59 -24.54 14.47
N6 ADP DA . -11.88 -23.27 14.85
N1 ADP DA . -12.15 -25.59 15.08
C2 ADP DA . -11.88 -26.86 14.73
N3 ADP DA . -11.04 -27.17 13.74
C4 ADP DA . -10.41 -26.22 13.03
PB ADP EA . 15.82 -25.33 23.21
O1B ADP EA . 15.04 -26.49 22.64
O2B ADP EA . 17.03 -25.75 24.00
O3B ADP EA . 16.08 -24.19 22.26
PA ADP EA . 13.91 -23.43 24.07
O1A ADP EA . 14.79 -22.24 23.82
O2A ADP EA . 12.90 -23.40 25.19
O3A ADP EA . 14.86 -24.71 24.33
O5' ADP EA . 13.09 -23.74 22.72
C5' ADP EA . 11.94 -24.58 22.78
C4' ADP EA . 10.81 -24.04 21.92
O4' ADP EA . 9.55 -24.31 22.56
C3' ADP EA . 10.89 -22.53 21.78
O3' ADP EA . 11.22 -22.21 20.43
C2' ADP EA . 9.50 -22.01 22.10
O2' ADP EA . 9.00 -21.28 20.97
C1' ADP EA . 8.65 -23.24 22.32
N9 ADP EA . 7.71 -23.07 23.47
C8 ADP EA . 6.38 -23.27 23.41
N7 ADP EA . 5.78 -23.04 24.60
C5 ADP EA . 6.75 -22.68 25.45
C6 ADP EA . 6.79 -22.31 26.88
N6 ADP EA . 5.66 -22.27 27.62
N1 ADP EA . 7.99 -22.00 27.40
C2 ADP EA . 9.12 -22.03 26.66
N3 ADP EA . 9.15 -22.37 25.36
C4 ADP EA . 8.01 -22.69 24.71
C1 HSX FA . 17.13 -27.53 12.16
O4 HSX FA . 18.69 -27.84 12.38
C2 HSX FA . 16.83 -28.26 11.12
O2 HSX FA . 15.48 -28.51 11.08
C3 HSX FA . 17.67 -29.66 11.36
O3 HSX FA . 16.93 -30.50 12.25
C4 HSX FA . 18.86 -29.30 11.93
C5 HSX FA . 20.01 -29.41 10.90
O5 HSX FA . 21.07 -30.00 11.46
P' HSX FA . 21.92 -29.22 12.60
O1X HSX FA . 23.31 -29.92 12.78
O2X HSX FA . 22.15 -27.76 12.18
O3X HSX FA . 21.18 -29.27 13.91
O1 HSX FA . 16.40 -27.99 13.30
MG MG GA . 15.43 -29.69 13.31
P PO4 HA . -5.86 -26.27 -7.35
O1 PO4 HA . -7.13 -26.75 -8.00
O2 PO4 HA . -6.07 -24.91 -6.73
O3 PO4 HA . -4.77 -26.17 -8.39
O4 PO4 HA . -5.45 -27.25 -6.28
MG MG IA . 12.16 -24.74 13.35
PB ADP JA . -3.93 -36.13 10.45
O1B ADP JA . -4.83 -37.33 10.55
O2B ADP JA . -4.65 -34.85 10.08
O3B ADP JA . -2.94 -36.01 11.59
PA ADP JA . -2.55 -35.33 8.12
O1A ADP JA . -1.42 -35.94 7.32
O2A ADP JA . -3.76 -34.79 7.42
O3A ADP JA . -3.03 -36.45 9.16
O5' ADP JA . -1.89 -34.14 8.99
C5' ADP JA . -0.55 -34.28 9.46
C4' ADP JA . 0.23 -32.98 9.31
O4' ADP JA . 1.59 -33.27 8.98
C3' ADP JA . -0.30 -32.14 8.16
O3' ADP JA . -0.93 -30.97 8.70
C2' ADP JA . 0.90 -31.73 7.34
O2' ADP JA . 0.98 -30.31 7.29
C1' ADP JA . 2.10 -32.28 8.09
N9 ADP JA . 3.11 -32.87 7.17
C8 ADP JA . 4.42 -32.53 7.15
N7 ADP JA . 5.10 -33.22 6.21
C5 ADP JA . 4.23 -34.02 5.60
C6 ADP JA . 4.30 -35.01 4.52
N6 ADP JA . 5.47 -35.29 3.90
N1 ADP JA . 3.16 -35.64 4.17
C2 ADP JA . 1.99 -35.38 4.78
N3 ADP JA . 1.86 -34.49 5.78
C4 ADP JA . 2.91 -33.79 6.23
C1 HSX KA . 16.71 23.87 -18.80
O4 HSX KA . 16.38 25.41 -19.14
C2 HSX KA . 16.44 23.26 -19.93
O2 HSX KA . 17.10 22.05 -19.99
C3 HSX KA . 17.02 24.28 -21.07
O3 HSX KA . 18.42 24.09 -21.21
C4 HSX KA . 16.76 25.55 -20.63
C5 HSX KA . 15.59 26.17 -21.41
O5 HSX KA . 15.88 27.43 -21.75
P' HSX KA . 15.97 28.58 -20.61
O1X HSX KA . 15.90 30.00 -21.28
O2X HSX KA . 14.79 28.43 -19.63
O3X HSX KA . 17.26 28.46 -19.85
O1 HSX KA . 18.08 23.73 -18.48
MG MG LA . 19.41 23.06 -19.78
P PO4 MA . 11.00 -5.07 -25.16
O1 PO4 MA . 11.29 -6.43 -25.74
O2 PO4 MA . 10.81 -5.19 -23.67
O3 PO4 MA . 9.73 -4.53 -25.76
O4 PO4 MA . 12.14 -4.14 -25.46
MG MG NA . 18.14 19.52 -15.19
PB ADP OA . 20.36 21.25 -13.71
O1B ADP OA . 19.82 19.93 -14.19
O2B ADP OA . 21.84 21.41 -13.91
O3B ADP OA . 19.86 21.67 -12.36
PA ADP OA . 18.13 22.55 -14.79
O1A ADP OA . 17.81 23.37 -16.01
O2A ADP OA . 17.46 21.22 -14.56
O3A ADP OA . 19.72 22.33 -14.73
O5' ADP OA . 17.86 23.44 -13.49
C5' ADP OA . 16.97 22.95 -12.48
C4' ADP OA . 16.45 24.12 -11.65
O4' ADP OA . 15.39 24.74 -12.37
C3' ADP OA . 15.89 23.65 -10.32
O3' ADP OA . 16.67 24.19 -9.24
C2' ADP OA . 14.48 24.20 -10.24
O2' ADP OA . 14.35 25.02 -9.08
C1' ADP OA . 14.30 25.02 -11.49
N9 ADP OA . 13.03 24.64 -12.13
C8 ADP OA . 12.27 23.59 -11.82
N7 ADP OA . 11.15 23.53 -12.59
C5 ADP OA . 11.18 24.59 -13.40
C6 ADP OA . 10.32 25.14 -14.46
N6 ADP OA . 9.16 24.53 -14.80
N1 ADP OA . 10.72 26.28 -15.07
C2 ADP OA . 11.86 26.88 -14.74
N3 ADP OA . 12.70 26.45 -13.80
C4 ADP OA . 12.41 25.33 -13.10
PB ADP PA . 28.64 5.20 -24.19
O1B ADP PA . 29.72 4.56 -25.03
O2B ADP PA . 27.98 4.23 -23.23
O3B ADP PA . 29.01 6.53 -23.62
PA ADP PA . 25.92 5.39 -24.95
O1A ADP PA . 25.19 6.15 -26.03
O2A ADP PA . 25.61 3.93 -24.71
O3A ADP PA . 27.49 5.52 -25.27
O5' ADP PA . 25.66 6.19 -23.58
C5' ADP PA . 25.53 7.60 -23.62
C4' ADP PA . 24.41 8.09 -22.71
O4' ADP PA . 23.77 9.22 -23.29
C3' ADP PA . 23.34 7.04 -22.54
O3' ADP PA . 23.36 6.55 -21.20
C2' ADP PA . 22.02 7.73 -22.80
O2' ADP PA . 21.20 7.62 -21.64
C1' ADP PA . 22.37 9.19 -23.01
N9 ADP PA . 21.59 9.80 -24.13
C8 ADP PA . 20.86 10.93 -24.02
N7 ADP PA . 20.26 11.26 -25.18
C5 ADP PA . 20.60 10.31 -26.07
C6 ADP PA . 20.29 10.05 -27.48
N6 ADP PA . 19.50 10.88 -28.19
N1 ADP PA . 20.83 8.95 -28.04
C2 ADP PA . 21.62 8.12 -27.34
N3 ADP PA . 21.94 8.29 -26.05
C4 ADP PA . 21.46 9.35 -25.37
#